data_3O2E
# 
_entry.id   3O2E 
# 
_audit_conform.dict_name       mmcif_pdbx.dic 
_audit_conform.dict_version    5.398 
_audit_conform.dict_location   http://mmcif.pdb.org/dictionaries/ascii/mmcif_pdbx.dic 
# 
loop_
_database_2.database_id 
_database_2.database_code 
_database_2.pdbx_database_accession 
_database_2.pdbx_DOI 
PDB   3O2E         pdb_00003o2e 10.2210/pdb3o2e/pdb 
RCSB  RCSB060578   ?            ?                   
WWPDB D_1000060578 ?            ?                   
# 
loop_
_pdbx_audit_revision_history.ordinal 
_pdbx_audit_revision_history.data_content_type 
_pdbx_audit_revision_history.major_revision 
_pdbx_audit_revision_history.minor_revision 
_pdbx_audit_revision_history.revision_date 
1 'Structure model' 1 0 2010-10-13 
2 'Structure model' 1 1 2011-07-13 
3 'Structure model' 1 2 2011-07-20 
4 'Structure model' 1 3 2024-04-03 
5 'Structure model' 1 4 2024-11-06 
# 
_pdbx_audit_revision_details.ordinal             1 
_pdbx_audit_revision_details.revision_ordinal    1 
_pdbx_audit_revision_details.data_content_type   'Structure model' 
_pdbx_audit_revision_details.provider            repository 
_pdbx_audit_revision_details.type                'Initial release' 
_pdbx_audit_revision_details.description         ? 
_pdbx_audit_revision_details.details             ? 
# 
loop_
_pdbx_audit_revision_group.ordinal 
_pdbx_audit_revision_group.revision_ordinal 
_pdbx_audit_revision_group.data_content_type 
_pdbx_audit_revision_group.group 
1 2 'Structure model' 'Version format compliance' 
2 3 'Structure model' 'Database references'       
3 4 'Structure model' 'Data collection'           
4 4 'Structure model' 'Database references'       
5 4 'Structure model' 'Derived calculations'      
6 4 'Structure model' 'Refinement description'    
7 5 'Structure model' 'Structure summary'         
# 
loop_
_pdbx_audit_revision_category.ordinal 
_pdbx_audit_revision_category.revision_ordinal 
_pdbx_audit_revision_category.data_content_type 
_pdbx_audit_revision_category.category 
1  4 'Structure model' chem_comp_atom                
2  4 'Structure model' chem_comp_bond                
3  4 'Structure model' database_2                    
4  4 'Structure model' pdbx_initial_refinement_model 
5  4 'Structure model' pdbx_struct_conn_angle        
6  4 'Structure model' struct_conn                   
7  4 'Structure model' struct_ref_seq_dif            
8  4 'Structure model' struct_site                   
9  5 'Structure model' pdbx_entry_details            
10 5 'Structure model' pdbx_modification_feature     
# 
loop_
_pdbx_audit_revision_item.ordinal 
_pdbx_audit_revision_item.revision_ordinal 
_pdbx_audit_revision_item.data_content_type 
_pdbx_audit_revision_item.item 
1  4 'Structure model' '_database_2.pdbx_DOI'                        
2  4 'Structure model' '_database_2.pdbx_database_accession'         
3  4 'Structure model' '_pdbx_struct_conn_angle.ptnr1_auth_comp_id'  
4  4 'Structure model' '_pdbx_struct_conn_angle.ptnr1_auth_seq_id'   
5  4 'Structure model' '_pdbx_struct_conn_angle.ptnr1_label_asym_id' 
6  4 'Structure model' '_pdbx_struct_conn_angle.ptnr1_label_comp_id' 
7  4 'Structure model' '_pdbx_struct_conn_angle.ptnr1_label_seq_id'  
8  4 'Structure model' '_pdbx_struct_conn_angle.ptnr3_auth_comp_id'  
9  4 'Structure model' '_pdbx_struct_conn_angle.ptnr3_auth_seq_id'   
10 4 'Structure model' '_pdbx_struct_conn_angle.ptnr3_label_asym_id' 
11 4 'Structure model' '_pdbx_struct_conn_angle.ptnr3_label_comp_id' 
12 4 'Structure model' '_pdbx_struct_conn_angle.ptnr3_label_seq_id'  
13 4 'Structure model' '_pdbx_struct_conn_angle.value'               
14 4 'Structure model' '_struct_conn.pdbx_dist_value'                
15 4 'Structure model' '_struct_conn.ptnr1_auth_comp_id'             
16 4 'Structure model' '_struct_conn.ptnr1_auth_seq_id'              
17 4 'Structure model' '_struct_conn.ptnr1_label_asym_id'            
18 4 'Structure model' '_struct_conn.ptnr1_label_atom_id'            
19 4 'Structure model' '_struct_conn.ptnr1_label_comp_id'            
20 4 'Structure model' '_struct_conn.ptnr1_label_seq_id'             
21 4 'Structure model' '_struct_conn.ptnr2_auth_comp_id'             
22 4 'Structure model' '_struct_conn.ptnr2_auth_seq_id'              
23 4 'Structure model' '_struct_conn.ptnr2_label_asym_id'            
24 4 'Structure model' '_struct_conn.ptnr2_label_atom_id'            
25 4 'Structure model' '_struct_conn.ptnr2_label_comp_id'            
26 4 'Structure model' '_struct_ref_seq_dif.details'                 
27 4 'Structure model' '_struct_site.pdbx_auth_asym_id'              
28 4 'Structure model' '_struct_site.pdbx_auth_comp_id'              
29 4 'Structure model' '_struct_site.pdbx_auth_seq_id'               
# 
_pdbx_database_status.status_code                     REL 
_pdbx_database_status.entry_id                        3O2E 
_pdbx_database_status.recvd_initial_deposition_date   2010-07-22 
_pdbx_database_status.deposit_site                    RCSB 
_pdbx_database_status.process_site                    RCSB 
_pdbx_database_status.status_code_sf                  REL 
_pdbx_database_status.status_code_mr                  ? 
_pdbx_database_status.SG_entry                        Y 
_pdbx_database_status.status_code_cs                  ? 
_pdbx_database_status.pdb_format_compatible           Y 
_pdbx_database_status.status_code_nmr_data            ? 
_pdbx_database_status.methods_development_category    ? 
# 
loop_
_pdbx_database_related.db_name 
_pdbx_database_related.db_id 
_pdbx_database_related.details 
_pdbx_database_related.content_type 
TargetDB BaboA.10365.a . unspecified 
PDB      3K9G          . unspecified 
PDB      3KM3          . unspecified 
PDB      3KW3          . unspecified 
PDB      3LUZ          . unspecified 
PDB      3MEN          . unspecified 
PDB      3NJB          . unspecified 
PDB      3OIB          . unspecified 
PDB      3P96          . unspecified 
PDB      3PFD          . unspecified 
PDB      3PM6          . unspecified 
# 
_audit_author.name           'Seattle Structural Genomics Center for Infectious Disease (SSGCID)' 
_audit_author.pdbx_ordinal   1 
# 
_citation.id                        primary 
_citation.title                     'SAD phasing using iodide ions in a high-throughput structural genomics environment.' 
_citation.journal_abbrev            J.Struct.Funct.Genom. 
_citation.journal_volume            12 
_citation.page_first                83 
_citation.page_last                 95 
_citation.year                      2011 
_citation.journal_id_ASTM           ? 
_citation.country                   NE 
_citation.journal_id_ISSN           1345-711X 
_citation.journal_id_CSD            ? 
_citation.book_publisher            ? 
_citation.pdbx_database_id_PubMed   21359836 
_citation.pdbx_database_id_DOI      10.1007/s10969-011-9101-7 
# 
loop_
_citation_author.citation_id 
_citation_author.name 
_citation_author.ordinal 
_citation_author.identifier_ORCID 
primary 'Abendroth, J.'     1 ? 
primary 'Gardberg, A.S.'    2 ? 
primary 'Robinson, J.I.'    3 ? 
primary 'Christensen, J.S.' 4 ? 
primary 'Staker, B.L.'      5 ? 
primary 'Myler, P.J.'       6 ? 
primary 'Stewart, L.J.'     7 ? 
primary 'Edwards, T.E.'     8 ? 
# 
loop_
_entity.id 
_entity.type 
_entity.src_method 
_entity.pdbx_description 
_entity.formula_weight 
_entity.pdbx_number_of_molecules 
_entity.pdbx_ec 
_entity.pdbx_mutation 
_entity.pdbx_fragment 
_entity.details 
1 polymer     man 'BolA-like protein' 11601.238 1  ? ? ? ? 
2 non-polymer syn 'IODIDE ION'        126.904   9  ? ? ? ? 
3 non-polymer syn 'MAGNESIUM ION'     24.305    1  ? ? ? ? 
4 water       nat water               18.015    50 ? ? ? ? 
# 
_entity_poly.entity_id                      1 
_entity_poly.type                           'polypeptide(L)' 
_entity_poly.nstd_linkage                   no 
_entity_poly.nstd_monomer                   no 
_entity_poly.pdbx_seq_one_letter_code       
;MAHHHHHHMGTLEAQTQGPGSMVSKSIVEERLRSMLSPQFLKVTDNSGGCGAAFNAYIVSQQFEGKGLLDRQRLVNSAIA
AEMPQIHAFTMKCLTPGEWEAKNRP
;
_entity_poly.pdbx_seq_one_letter_code_can   
;MAHHHHHHMGTLEAQTQGPGSMVSKSIVEERLRSMLSPQFLKVTDNSGGCGAAFNAYIVSQQFEGKGLLDRQRLVNSAIA
AEMPQIHAFTMKCLTPGEWEAKNRP
;
_entity_poly.pdbx_strand_id                 A 
_entity_poly.pdbx_target_identifier         BaboA.10365.a 
# 
loop_
_pdbx_entity_nonpoly.entity_id 
_pdbx_entity_nonpoly.name 
_pdbx_entity_nonpoly.comp_id 
2 'IODIDE ION'    IOD 
3 'MAGNESIUM ION' MG  
4 water           HOH 
# 
loop_
_entity_poly_seq.entity_id 
_entity_poly_seq.num 
_entity_poly_seq.mon_id 
_entity_poly_seq.hetero 
1 1   MET n 
1 2   ALA n 
1 3   HIS n 
1 4   HIS n 
1 5   HIS n 
1 6   HIS n 
1 7   HIS n 
1 8   HIS n 
1 9   MET n 
1 10  GLY n 
1 11  THR n 
1 12  LEU n 
1 13  GLU n 
1 14  ALA n 
1 15  GLN n 
1 16  THR n 
1 17  GLN n 
1 18  GLY n 
1 19  PRO n 
1 20  GLY n 
1 21  SER n 
1 22  MET n 
1 23  VAL n 
1 24  SER n 
1 25  LYS n 
1 26  SER n 
1 27  ILE n 
1 28  VAL n 
1 29  GLU n 
1 30  GLU n 
1 31  ARG n 
1 32  LEU n 
1 33  ARG n 
1 34  SER n 
1 35  MET n 
1 36  LEU n 
1 37  SER n 
1 38  PRO n 
1 39  GLN n 
1 40  PHE n 
1 41  LEU n 
1 42  LYS n 
1 43  VAL n 
1 44  THR n 
1 45  ASP n 
1 46  ASN n 
1 47  SER n 
1 48  GLY n 
1 49  GLY n 
1 50  CYS n 
1 51  GLY n 
1 52  ALA n 
1 53  ALA n 
1 54  PHE n 
1 55  ASN n 
1 56  ALA n 
1 57  TYR n 
1 58  ILE n 
1 59  VAL n 
1 60  SER n 
1 61  GLN n 
1 62  GLN n 
1 63  PHE n 
1 64  GLU n 
1 65  GLY n 
1 66  LYS n 
1 67  GLY n 
1 68  LEU n 
1 69  LEU n 
1 70  ASP n 
1 71  ARG n 
1 72  GLN n 
1 73  ARG n 
1 74  LEU n 
1 75  VAL n 
1 76  ASN n 
1 77  SER n 
1 78  ALA n 
1 79  ILE n 
1 80  ALA n 
1 81  ALA n 
1 82  GLU n 
1 83  MET n 
1 84  PRO n 
1 85  GLN n 
1 86  ILE n 
1 87  HIS n 
1 88  ALA n 
1 89  PHE n 
1 90  THR n 
1 91  MET n 
1 92  LYS n 
1 93  CYS n 
1 94  LEU n 
1 95  THR n 
1 96  PRO n 
1 97  GLY n 
1 98  GLU n 
1 99  TRP n 
1 100 GLU n 
1 101 ALA n 
1 102 LYS n 
1 103 ASN n 
1 104 ARG n 
1 105 PRO n 
# 
_entity_src_gen.entity_id                          1 
_entity_src_gen.pdbx_src_id                        1 
_entity_src_gen.pdbx_alt_source_flag               sample 
_entity_src_gen.pdbx_seq_type                      ? 
_entity_src_gen.pdbx_beg_seq_num                   ? 
_entity_src_gen.pdbx_end_seq_num                   ? 
_entity_src_gen.gene_src_common_name               ? 
_entity_src_gen.gene_src_genus                     ? 
_entity_src_gen.pdbx_gene_src_gene                 GeneID:5478071 
_entity_src_gen.gene_src_species                   ? 
_entity_src_gen.gene_src_strain                    T2BO 
_entity_src_gen.gene_src_tissue                    ? 
_entity_src_gen.gene_src_tissue_fraction           ? 
_entity_src_gen.gene_src_details                   ? 
_entity_src_gen.pdbx_gene_src_fragment             ? 
_entity_src_gen.pdbx_gene_src_scientific_name      'Babesia bovis' 
_entity_src_gen.pdbx_gene_src_ncbi_taxonomy_id     484906 
_entity_src_gen.pdbx_gene_src_variant              ? 
_entity_src_gen.pdbx_gene_src_cell_line            ? 
_entity_src_gen.pdbx_gene_src_atcc                 ? 
_entity_src_gen.pdbx_gene_src_organ                ? 
_entity_src_gen.pdbx_gene_src_organelle            ? 
_entity_src_gen.pdbx_gene_src_cell                 ? 
_entity_src_gen.pdbx_gene_src_cellular_location    ? 
_entity_src_gen.host_org_common_name               ? 
_entity_src_gen.pdbx_host_org_scientific_name      'Escherichia coli' 
_entity_src_gen.pdbx_host_org_ncbi_taxonomy_id     469008 
_entity_src_gen.host_org_genus                     ? 
_entity_src_gen.pdbx_host_org_gene                 ? 
_entity_src_gen.pdbx_host_org_organ                ? 
_entity_src_gen.host_org_species                   ? 
_entity_src_gen.pdbx_host_org_tissue               ? 
_entity_src_gen.pdbx_host_org_tissue_fraction      ? 
_entity_src_gen.pdbx_host_org_strain               'BL21(DE3)' 
_entity_src_gen.pdbx_host_org_variant              ? 
_entity_src_gen.pdbx_host_org_cell_line            ? 
_entity_src_gen.pdbx_host_org_atcc                 ? 
_entity_src_gen.pdbx_host_org_culture_collection   ? 
_entity_src_gen.pdbx_host_org_cell                 ? 
_entity_src_gen.pdbx_host_org_organelle            ? 
_entity_src_gen.pdbx_host_org_cellular_location    ? 
_entity_src_gen.pdbx_host_org_vector_type          PLASMID 
_entity_src_gen.pdbx_host_org_vector               ? 
_entity_src_gen.host_org_details                   ? 
_entity_src_gen.expression_system_id               ? 
_entity_src_gen.plasmid_name                       AVA0421 
_entity_src_gen.plasmid_details                    ? 
_entity_src_gen.pdbx_description                   ? 
# 
loop_
_chem_comp.id 
_chem_comp.type 
_chem_comp.mon_nstd_flag 
_chem_comp.name 
_chem_comp.pdbx_synonyms 
_chem_comp.formula 
_chem_comp.formula_weight 
ALA 'L-peptide linking' y ALANINE         ? 'C3 H7 N O2'     89.093  
ARG 'L-peptide linking' y ARGININE        ? 'C6 H15 N4 O2 1' 175.209 
ASN 'L-peptide linking' y ASPARAGINE      ? 'C4 H8 N2 O3'    132.118 
ASP 'L-peptide linking' y 'ASPARTIC ACID' ? 'C4 H7 N O4'     133.103 
CYS 'L-peptide linking' y CYSTEINE        ? 'C3 H7 N O2 S'   121.158 
GLN 'L-peptide linking' y GLUTAMINE       ? 'C5 H10 N2 O3'   146.144 
GLU 'L-peptide linking' y 'GLUTAMIC ACID' ? 'C5 H9 N O4'     147.129 
GLY 'peptide linking'   y GLYCINE         ? 'C2 H5 N O2'     75.067  
HIS 'L-peptide linking' y HISTIDINE       ? 'C6 H10 N3 O2 1' 156.162 
HOH non-polymer         . WATER           ? 'H2 O'           18.015  
ILE 'L-peptide linking' y ISOLEUCINE      ? 'C6 H13 N O2'    131.173 
IOD non-polymer         . 'IODIDE ION'    ? 'I -1'           126.904 
LEU 'L-peptide linking' y LEUCINE         ? 'C6 H13 N O2'    131.173 
LYS 'L-peptide linking' y LYSINE          ? 'C6 H15 N2 O2 1' 147.195 
MET 'L-peptide linking' y METHIONINE      ? 'C5 H11 N O2 S'  149.211 
MG  non-polymer         . 'MAGNESIUM ION' ? 'Mg 2'           24.305  
PHE 'L-peptide linking' y PHENYLALANINE   ? 'C9 H11 N O2'    165.189 
PRO 'L-peptide linking' y PROLINE         ? 'C5 H9 N O2'     115.130 
SER 'L-peptide linking' y SERINE          ? 'C3 H7 N O3'     105.093 
THR 'L-peptide linking' y THREONINE       ? 'C4 H9 N O3'     119.119 
TRP 'L-peptide linking' y TRYPTOPHAN      ? 'C11 H12 N2 O2'  204.225 
TYR 'L-peptide linking' y TYROSINE        ? 'C9 H11 N O3'    181.189 
VAL 'L-peptide linking' y VALINE          ? 'C5 H11 N O2'    117.146 
# 
loop_
_pdbx_poly_seq_scheme.asym_id 
_pdbx_poly_seq_scheme.entity_id 
_pdbx_poly_seq_scheme.seq_id 
_pdbx_poly_seq_scheme.mon_id 
_pdbx_poly_seq_scheme.ndb_seq_num 
_pdbx_poly_seq_scheme.pdb_seq_num 
_pdbx_poly_seq_scheme.auth_seq_num 
_pdbx_poly_seq_scheme.pdb_mon_id 
_pdbx_poly_seq_scheme.auth_mon_id 
_pdbx_poly_seq_scheme.pdb_strand_id 
_pdbx_poly_seq_scheme.pdb_ins_code 
_pdbx_poly_seq_scheme.hetero 
A 1 1   MET 1   -20 ?  ?   ?   A . n 
A 1 2   ALA 2   -19 ?  ?   ?   A . n 
A 1 3   HIS 3   -18 ?  ?   ?   A . n 
A 1 4   HIS 4   -17 ?  ?   ?   A . n 
A 1 5   HIS 5   -16 ?  ?   ?   A . n 
A 1 6   HIS 6   -15 ?  ?   ?   A . n 
A 1 7   HIS 7   -14 ?  ?   ?   A . n 
A 1 8   HIS 8   -13 ?  ?   ?   A . n 
A 1 9   MET 9   -12 ?  ?   ?   A . n 
A 1 10  GLY 10  -11 ?  ?   ?   A . n 
A 1 11  THR 11  -10 ?  ?   ?   A . n 
A 1 12  LEU 12  -9  ?  ?   ?   A . n 
A 1 13  GLU 13  -8  ?  ?   ?   A . n 
A 1 14  ALA 14  -7  ?  ?   ?   A . n 
A 1 15  GLN 15  -6  ?  ?   ?   A . n 
A 1 16  THR 16  -5  ?  ?   ?   A . n 
A 1 17  GLN 17  -4  ?  ?   ?   A . n 
A 1 18  GLY 18  -3  ?  ?   ?   A . n 
A 1 19  PRO 19  -2  -2 PRO PRO A . n 
A 1 20  GLY 20  -1  -1 GLY GLY A . n 
A 1 21  SER 21  0   0  SER SER A . n 
A 1 22  MET 22  1   1  MET MET A . n 
A 1 23  VAL 23  2   2  VAL VAL A . n 
A 1 24  SER 24  3   3  SER SER A . n 
A 1 25  LYS 25  4   4  LYS LYS A . n 
A 1 26  SER 26  5   5  SER SER A . n 
A 1 27  ILE 27  6   6  ILE ILE A . n 
A 1 28  VAL 28  7   7  VAL VAL A . n 
A 1 29  GLU 29  8   8  GLU GLU A . n 
A 1 30  GLU 30  9   9  GLU GLU A . n 
A 1 31  ARG 31  10  10 ARG ARG A . n 
A 1 32  LEU 32  11  11 LEU LEU A . n 
A 1 33  ARG 33  12  12 ARG ARG A . n 
A 1 34  SER 34  13  13 SER SER A . n 
A 1 35  MET 35  14  14 MET MET A . n 
A 1 36  LEU 36  15  15 LEU LEU A . n 
A 1 37  SER 37  16  16 SER SER A . n 
A 1 38  PRO 38  17  17 PRO PRO A . n 
A 1 39  GLN 39  18  18 GLN GLN A . n 
A 1 40  PHE 40  19  19 PHE PHE A . n 
A 1 41  LEU 41  20  20 LEU LEU A . n 
A 1 42  LYS 42  21  21 LYS LYS A . n 
A 1 43  VAL 43  22  22 VAL VAL A . n 
A 1 44  THR 44  23  23 THR THR A . n 
A 1 45  ASP 45  24  24 ASP ASP A . n 
A 1 46  ASN 46  25  25 ASN ASN A . n 
A 1 47  SER 47  26  26 SER SER A . n 
A 1 48  GLY 48  27  27 GLY GLY A . n 
A 1 49  GLY 49  28  28 GLY GLY A . n 
A 1 50  CYS 50  29  29 CYS CYS A . n 
A 1 51  GLY 51  30  30 GLY GLY A . n 
A 1 52  ALA 52  31  31 ALA ALA A . n 
A 1 53  ALA 53  32  32 ALA ALA A . n 
A 1 54  PHE 54  33  33 PHE PHE A . n 
A 1 55  ASN 55  34  34 ASN ASN A . n 
A 1 56  ALA 56  35  35 ALA ALA A . n 
A 1 57  TYR 57  36  36 TYR TYR A . n 
A 1 58  ILE 58  37  37 ILE ILE A . n 
A 1 59  VAL 59  38  38 VAL VAL A . n 
A 1 60  SER 60  39  39 SER SER A . n 
A 1 61  GLN 61  40  40 GLN GLN A . n 
A 1 62  GLN 62  41  41 GLN GLN A . n 
A 1 63  PHE 63  42  42 PHE PHE A . n 
A 1 64  GLU 64  43  43 GLU GLU A . n 
A 1 65  GLY 65  44  44 GLY GLY A . n 
A 1 66  LYS 66  45  45 LYS LYS A . n 
A 1 67  GLY 67  46  46 GLY GLY A . n 
A 1 68  LEU 68  47  47 LEU LEU A . n 
A 1 69  LEU 69  48  48 LEU LEU A . n 
A 1 70  ASP 70  49  49 ASP ASP A . n 
A 1 71  ARG 71  50  50 ARG ARG A . n 
A 1 72  GLN 72  51  51 GLN GLN A . n 
A 1 73  ARG 73  52  52 ARG ARG A . n 
A 1 74  LEU 74  53  53 LEU LEU A . n 
A 1 75  VAL 75  54  54 VAL VAL A . n 
A 1 76  ASN 76  55  55 ASN ASN A . n 
A 1 77  SER 77  56  56 SER SER A . n 
A 1 78  ALA 78  57  57 ALA ALA A . n 
A 1 79  ILE 79  58  58 ILE ILE A . n 
A 1 80  ALA 80  59  59 ALA ALA A . n 
A 1 81  ALA 81  60  60 ALA ALA A . n 
A 1 82  GLU 82  61  61 GLU GLU A . n 
A 1 83  MET 83  62  62 MET MET A . n 
A 1 84  PRO 84  63  63 PRO PRO A . n 
A 1 85  GLN 85  64  64 GLN GLN A . n 
A 1 86  ILE 86  65  65 ILE ILE A . n 
A 1 87  HIS 87  66  66 HIS HIS A . n 
A 1 88  ALA 88  67  67 ALA ALA A . n 
A 1 89  PHE 89  68  68 PHE PHE A . n 
A 1 90  THR 90  69  69 THR THR A . n 
A 1 91  MET 91  70  70 MET MET A . n 
A 1 92  LYS 92  71  71 LYS LYS A . n 
A 1 93  CYS 93  72  72 CYS CYS A . n 
A 1 94  LEU 94  73  73 LEU LEU A . n 
A 1 95  THR 95  74  74 THR THR A . n 
A 1 96  PRO 96  75  75 PRO PRO A . n 
A 1 97  GLY 97  76  76 GLY GLY A . n 
A 1 98  GLU 98  77  77 GLU GLU A . n 
A 1 99  TRP 99  78  78 TRP TRP A . n 
A 1 100 GLU 100 79  79 GLU GLU A . n 
A 1 101 ALA 101 80  80 ALA ALA A . n 
A 1 102 LYS 102 81  81 LYS LYS A . n 
A 1 103 ASN 103 82  82 ASN ASN A . n 
A 1 104 ARG 104 83  83 ARG ARG A . n 
A 1 105 PRO 105 84  ?  ?   ?   A . n 
# 
loop_
_pdbx_nonpoly_scheme.asym_id 
_pdbx_nonpoly_scheme.entity_id 
_pdbx_nonpoly_scheme.mon_id 
_pdbx_nonpoly_scheme.ndb_seq_num 
_pdbx_nonpoly_scheme.pdb_seq_num 
_pdbx_nonpoly_scheme.auth_seq_num 
_pdbx_nonpoly_scheme.pdb_mon_id 
_pdbx_nonpoly_scheme.auth_mon_id 
_pdbx_nonpoly_scheme.pdb_strand_id 
_pdbx_nonpoly_scheme.pdb_ins_code 
B 2 IOD 1  87  1  IOD IOD A . 
C 2 IOD 1  88  2  IOD IOD A . 
D 2 IOD 1  89  3  IOD IOD A . 
E 2 IOD 1  90  4  IOD IOD A . 
F 2 IOD 1  91  5  IOD IOD A . 
G 2 IOD 1  92  6  IOD IOD A . 
H 2 IOD 1  93  7  IOD IOD A . 
I 2 IOD 1  94  8  IOD IOD A . 
J 2 IOD 1  95  9  IOD IOD A . 
K 3 MG  1  96  1  MG  MG  A . 
L 4 HOH 1  97  1  HOH HOH A . 
L 4 HOH 2  98  2  HOH HOH A . 
L 4 HOH 3  99  3  HOH HOH A . 
L 4 HOH 4  100 4  HOH HOH A . 
L 4 HOH 5  101 5  HOH HOH A . 
L 4 HOH 6  102 6  HOH HOH A . 
L 4 HOH 7  103 7  HOH HOH A . 
L 4 HOH 8  104 8  HOH HOH A . 
L 4 HOH 9  105 9  HOH HOH A . 
L 4 HOH 10 106 10 HOH HOH A . 
L 4 HOH 11 107 11 HOH HOH A . 
L 4 HOH 12 108 13 HOH HOH A . 
L 4 HOH 13 109 14 HOH HOH A . 
L 4 HOH 14 110 15 HOH HOH A . 
L 4 HOH 15 111 16 HOH HOH A . 
L 4 HOH 16 112 17 HOH HOH A . 
L 4 HOH 17 113 18 HOH HOH A . 
L 4 HOH 18 114 19 HOH HOH A . 
L 4 HOH 19 115 20 HOH HOH A . 
L 4 HOH 20 116 21 HOH HOH A . 
L 4 HOH 21 117 22 HOH HOH A . 
L 4 HOH 22 118 23 HOH HOH A . 
L 4 HOH 23 119 24 HOH HOH A . 
L 4 HOH 24 120 25 HOH HOH A . 
L 4 HOH 25 121 26 HOH HOH A . 
L 4 HOH 26 122 27 HOH HOH A . 
L 4 HOH 27 123 28 HOH HOH A . 
L 4 HOH 28 124 29 HOH HOH A . 
L 4 HOH 29 125 30 HOH HOH A . 
L 4 HOH 30 126 31 HOH HOH A . 
L 4 HOH 31 127 32 HOH HOH A . 
L 4 HOH 32 128 35 HOH HOH A . 
L 4 HOH 33 129 36 HOH HOH A . 
L 4 HOH 34 130 38 HOH HOH A . 
L 4 HOH 35 131 39 HOH HOH A . 
L 4 HOH 36 132 41 HOH HOH A . 
L 4 HOH 37 133 43 HOH HOH A . 
L 4 HOH 38 134 45 HOH HOH A . 
L 4 HOH 39 135 47 HOH HOH A . 
L 4 HOH 40 136 48 HOH HOH A . 
L 4 HOH 41 137 50 HOH HOH A . 
L 4 HOH 42 138 51 HOH HOH A . 
L 4 HOH 43 139 52 HOH HOH A . 
L 4 HOH 44 140 53 HOH HOH A . 
L 4 HOH 45 141 54 HOH HOH A . 
L 4 HOH 46 142 56 HOH HOH A . 
L 4 HOH 47 143 57 HOH HOH A . 
L 4 HOH 48 144 58 HOH HOH A . 
L 4 HOH 49 145 59 HOH HOH A . 
L 4 HOH 50 146 60 HOH HOH A . 
# 
loop_
_pdbx_unobs_or_zero_occ_atoms.id 
_pdbx_unobs_or_zero_occ_atoms.PDB_model_num 
_pdbx_unobs_or_zero_occ_atoms.polymer_flag 
_pdbx_unobs_or_zero_occ_atoms.occupancy_flag 
_pdbx_unobs_or_zero_occ_atoms.auth_asym_id 
_pdbx_unobs_or_zero_occ_atoms.auth_comp_id 
_pdbx_unobs_or_zero_occ_atoms.auth_seq_id 
_pdbx_unobs_or_zero_occ_atoms.PDB_ins_code 
_pdbx_unobs_or_zero_occ_atoms.auth_atom_id 
_pdbx_unobs_or_zero_occ_atoms.label_alt_id 
_pdbx_unobs_or_zero_occ_atoms.label_asym_id 
_pdbx_unobs_or_zero_occ_atoms.label_comp_id 
_pdbx_unobs_or_zero_occ_atoms.label_seq_id 
_pdbx_unobs_or_zero_occ_atoms.label_atom_id 
1  1 Y 1 A LYS 21 ? CG  ? A LYS 42  CG  
2  1 Y 1 A LYS 21 ? CD  ? A LYS 42  CD  
3  1 Y 1 A LYS 21 ? CE  ? A LYS 42  CE  
4  1 Y 1 A LYS 21 ? NZ  ? A LYS 42  NZ  
5  1 Y 1 A GLN 40 ? CG  ? A GLN 61  CG  
6  1 Y 1 A GLN 40 ? CD  ? A GLN 61  CD  
7  1 Y 1 A GLN 40 ? OE1 ? A GLN 61  OE1 
8  1 Y 1 A GLN 40 ? NE2 ? A GLN 61  NE2 
9  1 Y 1 A LYS 71 ? CG  ? A LYS 92  CG  
10 1 Y 1 A LYS 71 ? CD  ? A LYS 92  CD  
11 1 Y 1 A LYS 71 ? CE  ? A LYS 92  CE  
12 1 Y 1 A LYS 71 ? NZ  ? A LYS 92  NZ  
13 1 Y 1 A GLU 79 ? CG  ? A GLU 100 CG  
14 1 Y 1 A GLU 79 ? CD  ? A GLU 100 CD  
15 1 Y 1 A GLU 79 ? OE1 ? A GLU 100 OE1 
16 1 Y 1 A GLU 79 ? OE2 ? A GLU 100 OE2 
17 1 Y 1 A ASN 82 ? CG  ? A ASN 103 CG  
18 1 Y 1 A ASN 82 ? OD1 ? A ASN 103 OD1 
19 1 Y 1 A ASN 82 ? ND2 ? A ASN 103 ND2 
20 1 Y 1 A ARG 83 ? CG  ? A ARG 104 CG  
21 1 Y 1 A ARG 83 ? CD  ? A ARG 104 CD  
22 1 Y 1 A ARG 83 ? NE  ? A ARG 104 NE  
23 1 Y 1 A ARG 83 ? CZ  ? A ARG 104 CZ  
24 1 Y 1 A ARG 83 ? NH1 ? A ARG 104 NH1 
25 1 Y 1 A ARG 83 ? NH2 ? A ARG 104 NH2 
# 
loop_
_software.name 
_software.classification 
_software.version 
_software.citation_id 
_software.pdbx_ordinal 
StructureStudio 'data collection' .        ? 1 
PHASER          phasing           .        ? 2 
REFMAC          refinement        5.5.0109 ? 3 
XDS             'data reduction'  .        ? 4 
XSCALE          'data scaling'    .        ? 5 
# 
_cell.entry_id           3O2E 
_cell.length_a           66.300 
_cell.length_b           66.300 
_cell.length_c           35.290 
_cell.angle_alpha        90.00 
_cell.angle_beta         90.00 
_cell.angle_gamma        90.00 
_cell.Z_PDB              8 
_cell.pdbx_unique_axis   ? 
_cell.length_a_esd       ? 
_cell.length_b_esd       ? 
_cell.length_c_esd       ? 
_cell.angle_alpha_esd    ? 
_cell.angle_beta_esd     ? 
_cell.angle_gamma_esd    ? 
# 
_symmetry.entry_id                         3O2E 
_symmetry.space_group_name_H-M             'P 41 21 2' 
_symmetry.pdbx_full_space_group_name_H-M   ? 
_symmetry.cell_setting                     ? 
_symmetry.Int_Tables_number                92 
_symmetry.space_group_name_Hall            ? 
# 
_exptl.entry_id          3O2E 
_exptl.method            'X-RAY DIFFRACTION' 
_exptl.crystals_number   1 
# 
_exptl_crystal.id                    1 
_exptl_crystal.density_meas          ? 
_exptl_crystal.density_Matthews      1.64 
_exptl_crystal.density_percent_sol   25 
_exptl_crystal.description           ? 
_exptl_crystal.F_000                 ? 
_exptl_crystal.preparation           ? 
# 
_exptl_crystal_grow.crystal_id      1 
_exptl_crystal_grow.method          'VAPOR DIFFUSION, SITTING DROP' 
_exptl_crystal_grow.temp            290 
_exptl_crystal_grow.temp_details    ? 
_exptl_crystal_grow.pH              6.5 
_exptl_crystal_grow.pdbx_details    
;EBS JCSG SCREEN E2: 2M AMMONIUM SULPHATE, 100MM CACODYLATE PH 6.5, 200MM NACL: BABOA.10365.A AT 12.4MG/ML, ENCUA.00735 AT 29.3MG/ML, PH N/A, VAPOR DIFFUSION, SITTING DROP, TEMPERATURE 290K
;
_exptl_crystal_grow.pdbx_pH_range   ? 
# 
_diffrn.id                     1 
_diffrn.ambient_temp           100.0 
_diffrn.ambient_temp_details   ? 
_diffrn.crystal_id             1 
# 
_diffrn_detector.diffrn_id              1 
_diffrn_detector.detector               CCD 
_diffrn_detector.type                   'RIGAKU SATURN 944' 
_diffrn_detector.pdbx_collection_date   2009-05-20 
_diffrn_detector.details                'Rigaku/Osmic VariMax HF' 
# 
_diffrn_radiation.diffrn_id                        1 
_diffrn_radiation.wavelength_id                    1 
_diffrn_radiation.pdbx_monochromatic_or_laue_m_l   M 
_diffrn_radiation.monochromator                    ? 
_diffrn_radiation.pdbx_diffrn_protocol             'SINGLE WAVELENGTH' 
_diffrn_radiation.pdbx_scattering_type             x-ray 
# 
_diffrn_radiation_wavelength.id           1 
_diffrn_radiation_wavelength.wavelength   1.5418 
_diffrn_radiation_wavelength.wt           1.0 
# 
_diffrn_source.diffrn_id                   1 
_diffrn_source.source                      'ROTATING ANODE' 
_diffrn_source.type                        'RIGAKU MICROMAX-007 HF' 
_diffrn_source.pdbx_synchrotron_site       ? 
_diffrn_source.pdbx_synchrotron_beamline   ? 
_diffrn_source.pdbx_wavelength             1.5418 
_diffrn_source.pdbx_wavelength_list        1.5418 
# 
_reflns.entry_id                     3O2E 
_reflns.observed_criterion_sigma_I   -3.000 
_reflns.observed_criterion_sigma_F   ? 
_reflns.d_resolution_low             20 
_reflns.d_resolution_high            1.950 
_reflns.number_obs                   6133 
_reflns.number_all                   ? 
_reflns.percent_possible_obs         99.7 
_reflns.pdbx_Rmerge_I_obs            0.09400 
_reflns.pdbx_Rsym_value              ? 
_reflns.pdbx_netI_over_sigmaI        19.3900 
_reflns.B_iso_Wilson_estimate        25.80 
_reflns.pdbx_redundancy              18.3 
_reflns.R_free_details               ? 
_reflns.limit_h_max                  ? 
_reflns.limit_h_min                  ? 
_reflns.limit_k_max                  ? 
_reflns.limit_k_min                  ? 
_reflns.limit_l_max                  ? 
_reflns.limit_l_min                  ? 
_reflns.observed_criterion_F_max     ? 
_reflns.observed_criterion_F_min     ? 
_reflns.pdbx_chi_squared             ? 
_reflns.pdbx_scaling_rejects         ? 
_reflns.pdbx_ordinal                 1 
_reflns.pdbx_diffrn_id               1 
# 
_reflns_shell.d_res_high             1.95 
_reflns_shell.d_res_low              2.00 
_reflns_shell.percent_possible_all   99.6 
_reflns_shell.Rmerge_I_obs           0.48100 
_reflns_shell.pdbx_Rsym_value        ? 
_reflns_shell.meanI_over_sigI_obs    4.400 
_reflns_shell.pdbx_redundancy        7.0 
_reflns_shell.percent_possible_obs   ? 
_reflns_shell.number_unique_all      795 
_reflns_shell.number_measured_all    ? 
_reflns_shell.number_measured_obs    ? 
_reflns_shell.number_unique_obs      ? 
_reflns_shell.pdbx_chi_squared       ? 
_reflns_shell.pdbx_ordinal           1 
_reflns_shell.pdbx_diffrn_id         1 
# 
_refine.entry_id                                 3O2E 
_refine.ls_number_reflns_obs                     6045 
_refine.ls_number_reflns_all                     6045 
_refine.pdbx_ls_sigma_I                          ? 
_refine.pdbx_ls_sigma_F                          0.000 
_refine.pdbx_data_cutoff_high_absF               ? 
_refine.pdbx_data_cutoff_low_absF                ? 
_refine.pdbx_data_cutoff_high_rms_absF           ? 
_refine.ls_d_res_low                             19.53 
_refine.ls_d_res_high                            1.95 
_refine.ls_percent_reflns_obs                    99.2 
_refine.ls_R_factor_obs                          0.185 
_refine.ls_R_factor_all                          0.185 
_refine.ls_R_factor_R_work                       0.183 
_refine.ls_R_factor_R_free                       0.241 
_refine.ls_R_factor_R_free_error                 ? 
_refine.ls_R_factor_R_free_error_details         ? 
_refine.ls_percent_reflns_R_free                 4.600 
_refine.ls_number_reflns_R_free                  276 
_refine.ls_number_parameters                     ? 
_refine.ls_number_restraints                     ? 
_refine.occupancy_min                            ? 
_refine.occupancy_max                            ? 
_refine.correlation_coeff_Fo_to_Fc               0.946 
_refine.correlation_coeff_Fo_to_Fc_free          0.908 
_refine.B_iso_mean                               15.51 
_refine.aniso_B[1][1]                            0.19000 
_refine.aniso_B[2][2]                            0.19000 
_refine.aniso_B[3][3]                            -0.37000 
_refine.aniso_B[1][2]                            0.00000 
_refine.aniso_B[1][3]                            0.00000 
_refine.aniso_B[2][3]                            0.00000 
_refine.solvent_model_details                    MASK 
_refine.solvent_model_param_ksol                 ? 
_refine.solvent_model_param_bsol                 ? 
_refine.pdbx_solvent_vdw_probe_radii             1.40 
_refine.pdbx_solvent_ion_probe_radii             0.80 
_refine.pdbx_solvent_shrinkage_radii             0.80 
_refine.pdbx_ls_cross_valid_method               THROUGHOUT 
_refine.details                                  'HYDROGENS HAVE BEEN ADDED IN THE' 
_refine.pdbx_starting_model                      'iodide SAD' 
_refine.pdbx_method_to_determine_struct          SAD 
_refine.pdbx_isotropic_thermal_model             'isotropic, TLS' 
_refine.pdbx_stereochemistry_target_values       'MAXIMUM LIKELIHOOD' 
_refine.pdbx_stereochem_target_val_spec_case     ? 
_refine.pdbx_R_Free_selection_details            RANDOM 
_refine.pdbx_overall_ESU_R_Free                  0.167 
_refine.overall_SU_ML                            0.108 
_refine.overall_SU_B                             6.861 
_refine.overall_SU_R_Cruickshank_DPI             ? 
_refine.ls_redundancy_reflns_obs                 ? 
_refine.B_iso_min                                ? 
_refine.B_iso_max                                ? 
_refine.overall_SU_R_free                        ? 
_refine.ls_wR_factor_R_free                      ? 
_refine.ls_wR_factor_R_work                      ? 
_refine.overall_FOM_free_R_set                   ? 
_refine.overall_FOM_work_R_set                   ? 
_refine.pdbx_overall_phase_error                 ? 
_refine.pdbx_refine_id                           'X-RAY DIFFRACTION' 
_refine.pdbx_diffrn_id                           1 
_refine.pdbx_overall_ESU_R                       ? 
_refine.pdbx_TLS_residual_ADP_flag               ? 
_refine.pdbx_overall_SU_R_free_Cruickshank_DPI   ? 
_refine.pdbx_overall_SU_R_Blow_DPI               ? 
_refine.pdbx_overall_SU_R_free_Blow_DPI          ? 
# 
_refine_hist.pdbx_refine_id                   'X-RAY DIFFRACTION' 
_refine_hist.cycle_id                         LAST 
_refine_hist.pdbx_number_atoms_protein        634 
_refine_hist.pdbx_number_atoms_nucleic_acid   0 
_refine_hist.pdbx_number_atoms_ligand         10 
_refine_hist.number_atoms_solvent             50 
_refine_hist.number_atoms_total               694 
_refine_hist.d_res_high                       1.95 
_refine_hist.d_res_low                        19.53 
# 
loop_
_refine_ls_restr.type 
_refine_ls_restr.dev_ideal 
_refine_ls_restr.dev_ideal_target 
_refine_ls_restr.weight 
_refine_ls_restr.number 
_refine_ls_restr.pdbx_refine_id 
_refine_ls_restr.pdbx_restraint_function 
r_bond_refined_d             0.018  0.022  ? 652  'X-RAY DIFFRACTION' ? 
r_bond_other_d               0.001  0.020  ? 446  'X-RAY DIFFRACTION' ? 
r_angle_refined_deg          1.712  1.960  ? 882  'X-RAY DIFFRACTION' ? 
r_angle_other_deg            0.965  3.000  ? 1089 'X-RAY DIFFRACTION' ? 
r_dihedral_angle_1_deg       5.958  5.000  ? 87   'X-RAY DIFFRACTION' ? 
r_dihedral_angle_2_deg       32.366 24.000 ? 25   'X-RAY DIFFRACTION' ? 
r_dihedral_angle_3_deg       14.412 15.000 ? 107  'X-RAY DIFFRACTION' ? 
r_dihedral_angle_4_deg       21.600 15.000 ? 4    'X-RAY DIFFRACTION' ? 
r_chiral_restr               0.091  0.200  ? 99   'X-RAY DIFFRACTION' ? 
r_gen_planes_refined         0.011  0.021  ? 734  'X-RAY DIFFRACTION' ? 
r_gen_planes_other           0.001  0.020  ? 129  'X-RAY DIFFRACTION' ? 
r_nbd_refined                ?      ?      ? ?    'X-RAY DIFFRACTION' ? 
r_nbd_other                  ?      ?      ? ?    'X-RAY DIFFRACTION' ? 
r_nbtor_refined              ?      ?      ? ?    'X-RAY DIFFRACTION' ? 
r_nbtor_other                ?      ?      ? ?    'X-RAY DIFFRACTION' ? 
r_xyhbond_nbd_refined        ?      ?      ? ?    'X-RAY DIFFRACTION' ? 
r_xyhbond_nbd_other          ?      ?      ? ?    'X-RAY DIFFRACTION' ? 
r_metal_ion_refined          ?      ?      ? ?    'X-RAY DIFFRACTION' ? 
r_metal_ion_other            ?      ?      ? ?    'X-RAY DIFFRACTION' ? 
r_symmetry_vdw_refined       ?      ?      ? ?    'X-RAY DIFFRACTION' ? 
r_symmetry_vdw_other         ?      ?      ? ?    'X-RAY DIFFRACTION' ? 
r_symmetry_hbond_refined     ?      ?      ? ?    'X-RAY DIFFRACTION' ? 
r_symmetry_hbond_other       ?      ?      ? ?    'X-RAY DIFFRACTION' ? 
r_symmetry_metal_ion_refined ?      ?      ? ?    'X-RAY DIFFRACTION' ? 
r_symmetry_metal_ion_other   ?      ?      ? ?    'X-RAY DIFFRACTION' ? 
r_mcbond_it                  0.761  1.500  ? 430  'X-RAY DIFFRACTION' ? 
r_mcbond_other               0.215  1.500  ? 177  'X-RAY DIFFRACTION' ? 
r_mcangle_it                 1.410  2.000  ? 683  'X-RAY DIFFRACTION' ? 
r_scbond_it                  2.874  3.000  ? 222  'X-RAY DIFFRACTION' ? 
r_scangle_it                 4.795  4.500  ? 198  'X-RAY DIFFRACTION' ? 
r_rigid_bond_restr           ?      ?      ? ?    'X-RAY DIFFRACTION' ? 
r_sphericity_free            ?      ?      ? ?    'X-RAY DIFFRACTION' ? 
r_sphericity_bonded          ?      ?      ? ?    'X-RAY DIFFRACTION' ? 
# 
_refine_ls_shell.pdbx_total_number_of_bins_used   20 
_refine_ls_shell.d_res_high                       1.95 
_refine_ls_shell.d_res_low                        2.00 
_refine_ls_shell.number_reflns_R_work             403 
_refine_ls_shell.R_factor_R_work                  0.1980 
_refine_ls_shell.percent_reflns_obs               98.58 
_refine_ls_shell.R_factor_R_free                  0.2220 
_refine_ls_shell.R_factor_R_free_error            ? 
_refine_ls_shell.percent_reflns_R_free            ? 
_refine_ls_shell.number_reflns_R_free             14 
_refine_ls_shell.number_reflns_all                ? 
_refine_ls_shell.R_factor_all                     ? 
_refine_ls_shell.number_reflns_obs                ? 
_refine_ls_shell.redundancy_reflns_obs            ? 
_refine_ls_shell.pdbx_refine_id                   'X-RAY DIFFRACTION' 
# 
_struct.entry_id                  3O2E 
_struct.title                     'Crystal structure of a bol-like protein from babesia bovis' 
_struct.pdbx_model_details        ? 
_struct.pdbx_CASP_flag            ? 
_struct.pdbx_model_type_details   ? 
# 
_struct_keywords.entry_id        3O2E 
_struct_keywords.pdbx_keywords   'UNKNOWN FUNCTION' 
_struct_keywords.text            
'SSGCID, Babesia bovis, iodide, SAD, Seattle Structural Genomics Center for Infectious Disease, BOL like protein, UNKNOWN FUNCTION' 
# 
loop_
_struct_asym.id 
_struct_asym.pdbx_blank_PDB_chainid_flag 
_struct_asym.pdbx_modified 
_struct_asym.entity_id 
_struct_asym.details 
A N N 1 ? 
B N N 2 ? 
C N N 2 ? 
D N N 2 ? 
E N N 2 ? 
F N N 2 ? 
G N N 2 ? 
H N N 2 ? 
I N N 2 ? 
J N N 2 ? 
K N N 3 ? 
L N N 4 ? 
# 
_struct_ref.id                         1 
_struct_ref.db_name                    UNP 
_struct_ref.db_code                    A7ATL3_BABBO 
_struct_ref.pdbx_db_accession          A7ATL3 
_struct_ref.entity_id                  1 
_struct_ref.pdbx_seq_one_letter_code   
;MVSKSIVEERLRSMLSPQFLKVTDNSGGCGAAFNAYIVSQQFEGKGLLDRQRLVNSAIAAEMPQIHAFTMKCLTPGEWEA
KNRPEE
;
_struct_ref.pdbx_align_begin           1 
_struct_ref.pdbx_db_isoform            ? 
# 
_struct_ref_seq.align_id                      1 
_struct_ref_seq.ref_id                        1 
_struct_ref_seq.pdbx_PDB_id_code              3O2E 
_struct_ref_seq.pdbx_strand_id                A 
_struct_ref_seq.seq_align_beg                 22 
_struct_ref_seq.pdbx_seq_align_beg_ins_code   ? 
_struct_ref_seq.seq_align_end                 105 
_struct_ref_seq.pdbx_seq_align_end_ins_code   ? 
_struct_ref_seq.pdbx_db_accession             A7ATL3 
_struct_ref_seq.db_align_beg                  1 
_struct_ref_seq.pdbx_db_align_beg_ins_code    ? 
_struct_ref_seq.db_align_end                  84 
_struct_ref_seq.pdbx_db_align_end_ins_code    ? 
_struct_ref_seq.pdbx_auth_seq_align_beg       1 
_struct_ref_seq.pdbx_auth_seq_align_end       84 
# 
loop_
_struct_ref_seq_dif.align_id 
_struct_ref_seq_dif.pdbx_pdb_id_code 
_struct_ref_seq_dif.mon_id 
_struct_ref_seq_dif.pdbx_pdb_strand_id 
_struct_ref_seq_dif.seq_num 
_struct_ref_seq_dif.pdbx_pdb_ins_code 
_struct_ref_seq_dif.pdbx_seq_db_name 
_struct_ref_seq_dif.pdbx_seq_db_accession_code 
_struct_ref_seq_dif.db_mon_id 
_struct_ref_seq_dif.pdbx_seq_db_seq_num 
_struct_ref_seq_dif.details 
_struct_ref_seq_dif.pdbx_auth_seq_num 
_struct_ref_seq_dif.pdbx_ordinal 
1 3O2E MET A 1  ? UNP A7ATL3 ? ? 'expression tag' -20 1  
1 3O2E ALA A 2  ? UNP A7ATL3 ? ? 'expression tag' -19 2  
1 3O2E HIS A 3  ? UNP A7ATL3 ? ? 'expression tag' -18 3  
1 3O2E HIS A 4  ? UNP A7ATL3 ? ? 'expression tag' -17 4  
1 3O2E HIS A 5  ? UNP A7ATL3 ? ? 'expression tag' -16 5  
1 3O2E HIS A 6  ? UNP A7ATL3 ? ? 'expression tag' -15 6  
1 3O2E HIS A 7  ? UNP A7ATL3 ? ? 'expression tag' -14 7  
1 3O2E HIS A 8  ? UNP A7ATL3 ? ? 'expression tag' -13 8  
1 3O2E MET A 9  ? UNP A7ATL3 ? ? 'expression tag' -12 9  
1 3O2E GLY A 10 ? UNP A7ATL3 ? ? 'expression tag' -11 10 
1 3O2E THR A 11 ? UNP A7ATL3 ? ? 'expression tag' -10 11 
1 3O2E LEU A 12 ? UNP A7ATL3 ? ? 'expression tag' -9  12 
1 3O2E GLU A 13 ? UNP A7ATL3 ? ? 'expression tag' -8  13 
1 3O2E ALA A 14 ? UNP A7ATL3 ? ? 'expression tag' -7  14 
1 3O2E GLN A 15 ? UNP A7ATL3 ? ? 'expression tag' -6  15 
1 3O2E THR A 16 ? UNP A7ATL3 ? ? 'expression tag' -5  16 
1 3O2E GLN A 17 ? UNP A7ATL3 ? ? 'expression tag' -4  17 
1 3O2E GLY A 18 ? UNP A7ATL3 ? ? 'expression tag' -3  18 
1 3O2E PRO A 19 ? UNP A7ATL3 ? ? 'expression tag' -2  19 
1 3O2E GLY A 20 ? UNP A7ATL3 ? ? 'expression tag' -1  20 
1 3O2E SER A 21 ? UNP A7ATL3 ? ? 'expression tag' 0   21 
# 
loop_
_pdbx_struct_assembly.id 
_pdbx_struct_assembly.details 
_pdbx_struct_assembly.method_details 
_pdbx_struct_assembly.oligomeric_details 
_pdbx_struct_assembly.oligomeric_count 
1 author_defined_assembly   ?    monomeric 1 
2 software_defined_assembly PISA dimeric   2 
# 
loop_
_pdbx_struct_assembly_prop.biol_id 
_pdbx_struct_assembly_prop.type 
_pdbx_struct_assembly_prop.value 
_pdbx_struct_assembly_prop.details 
2 'ABSA (A^2)' 3290 ? 
2 MORE         -23  ? 
2 'SSA (A^2)'  9000 ? 
# 
loop_
_pdbx_struct_assembly_gen.assembly_id 
_pdbx_struct_assembly_gen.oper_expression 
_pdbx_struct_assembly_gen.asym_id_list 
1 1   A,B,C,D,E,F,G,H,I,J,K,L 
2 1,2 A,B,C,D,E,F,G,H,I,J,K,L 
# 
loop_
_pdbx_struct_oper_list.id 
_pdbx_struct_oper_list.type 
_pdbx_struct_oper_list.name 
_pdbx_struct_oper_list.symmetry_operation 
_pdbx_struct_oper_list.matrix[1][1] 
_pdbx_struct_oper_list.matrix[1][2] 
_pdbx_struct_oper_list.matrix[1][3] 
_pdbx_struct_oper_list.vector[1] 
_pdbx_struct_oper_list.matrix[2][1] 
_pdbx_struct_oper_list.matrix[2][2] 
_pdbx_struct_oper_list.matrix[2][3] 
_pdbx_struct_oper_list.vector[2] 
_pdbx_struct_oper_list.matrix[3][1] 
_pdbx_struct_oper_list.matrix[3][2] 
_pdbx_struct_oper_list.matrix[3][3] 
_pdbx_struct_oper_list.vector[3] 
1 'identity operation'         1_555 x,y,z  1.0000000000  0.0000000000  0.0000000000  0.0000000000  0.0000000000  1.0000000000 0.0000000000 0.0000000000  0.0000000000  0.0000000000 1.0000000000  0.0000000000  
2 'crystal symmetry operation' 7_555 y,x,-z -0.5039796767 -0.7704897890 -0.3903203434 16.4782774885 -0.7704897890 0.1968350633 0.6063014455 13.0127146048 -0.3903203434 0.6063014455 -0.6928553865 -4.7463659914 
# 
_struct_biol.id        1 
_struct_biol.details   ? 
# 
loop_
_struct_conf.conf_type_id 
_struct_conf.id 
_struct_conf.pdbx_PDB_helix_id 
_struct_conf.beg_label_comp_id 
_struct_conf.beg_label_asym_id 
_struct_conf.beg_label_seq_id 
_struct_conf.pdbx_beg_PDB_ins_code 
_struct_conf.end_label_comp_id 
_struct_conf.end_label_asym_id 
_struct_conf.end_label_seq_id 
_struct_conf.pdbx_end_PDB_ins_code 
_struct_conf.beg_auth_comp_id 
_struct_conf.beg_auth_asym_id 
_struct_conf.beg_auth_seq_id 
_struct_conf.end_auth_comp_id 
_struct_conf.end_auth_asym_id 
_struct_conf.end_auth_seq_id 
_struct_conf.pdbx_PDB_helix_class 
_struct_conf.details 
_struct_conf.pdbx_PDB_helix_length 
HELX_P HELX_P1 1 SER A 24 ? SER A 37  ? SER A 3  SER A 16 1 ? 14 
HELX_P HELX_P2 2 GLN A 61 ? GLU A 64  ? GLN A 40 GLU A 43 5 ? 4  
HELX_P HELX_P3 3 GLY A 67 ? ILE A 79  ? GLY A 46 ILE A 58 1 ? 13 
HELX_P HELX_P4 4 GLU A 82 ? PRO A 84  ? GLU A 61 PRO A 63 5 ? 3  
HELX_P HELX_P5 5 THR A 95 ? LYS A 102 ? THR A 74 LYS A 81 1 ? 8  
# 
_struct_conf_type.id          HELX_P 
_struct_conf_type.criteria    ? 
_struct_conf_type.reference   ? 
# 
loop_
_struct_conn.id 
_struct_conn.conn_type_id 
_struct_conn.pdbx_leaving_atom_flag 
_struct_conn.pdbx_PDB_id 
_struct_conn.ptnr1_label_asym_id 
_struct_conn.ptnr1_label_comp_id 
_struct_conn.ptnr1_label_seq_id 
_struct_conn.ptnr1_label_atom_id 
_struct_conn.pdbx_ptnr1_label_alt_id 
_struct_conn.pdbx_ptnr1_PDB_ins_code 
_struct_conn.pdbx_ptnr1_standard_comp_id 
_struct_conn.ptnr1_symmetry 
_struct_conn.ptnr2_label_asym_id 
_struct_conn.ptnr2_label_comp_id 
_struct_conn.ptnr2_label_seq_id 
_struct_conn.ptnr2_label_atom_id 
_struct_conn.pdbx_ptnr2_label_alt_id 
_struct_conn.pdbx_ptnr2_PDB_ins_code 
_struct_conn.ptnr1_auth_asym_id 
_struct_conn.ptnr1_auth_comp_id 
_struct_conn.ptnr1_auth_seq_id 
_struct_conn.ptnr2_auth_asym_id 
_struct_conn.ptnr2_auth_comp_id 
_struct_conn.ptnr2_auth_seq_id 
_struct_conn.ptnr2_symmetry 
_struct_conn.pdbx_ptnr3_label_atom_id 
_struct_conn.pdbx_ptnr3_label_seq_id 
_struct_conn.pdbx_ptnr3_label_comp_id 
_struct_conn.pdbx_ptnr3_label_asym_id 
_struct_conn.pdbx_ptnr3_label_alt_id 
_struct_conn.pdbx_ptnr3_PDB_ins_code 
_struct_conn.details 
_struct_conn.pdbx_dist_value 
_struct_conn.pdbx_value_order 
_struct_conn.pdbx_role 
disulf1 disulf ? ? A CYS 50 SG ? ? ? 1_555 A CYS 50 SG ? ? A CYS 29 A CYS 29 7_555 ? ? ? ? ? ? ? 2.203 ? ? 
metalc1 metalc ? ? A ILE 86 O  ? ? ? 1_555 K MG  .  MG ? ? A ILE 65 A MG  96 1_555 ? ? ? ? ? ? ? 2.282 ? ? 
metalc2 metalc ? ? A HIS 87 O  ? ? ? 1_555 K MG  .  MG ? ? A HIS 66 A MG  96 1_555 ? ? ? ? ? ? ? 2.601 ? ? 
metalc3 metalc ? ? K MG  .  MG ? ? ? 1_555 L HOH .  O  ? ? A MG  96 A HOH 99 1_555 ? ? ? ? ? ? ? 2.420 ? ? 
# 
loop_
_struct_conn_type.id 
_struct_conn_type.criteria 
_struct_conn_type.reference 
disulf ? ? 
metalc ? ? 
# 
loop_
_pdbx_struct_conn_angle.id 
_pdbx_struct_conn_angle.ptnr1_label_atom_id 
_pdbx_struct_conn_angle.ptnr1_label_alt_id 
_pdbx_struct_conn_angle.ptnr1_label_asym_id 
_pdbx_struct_conn_angle.ptnr1_label_comp_id 
_pdbx_struct_conn_angle.ptnr1_label_seq_id 
_pdbx_struct_conn_angle.ptnr1_auth_atom_id 
_pdbx_struct_conn_angle.ptnr1_auth_asym_id 
_pdbx_struct_conn_angle.ptnr1_auth_comp_id 
_pdbx_struct_conn_angle.ptnr1_auth_seq_id 
_pdbx_struct_conn_angle.ptnr1_PDB_ins_code 
_pdbx_struct_conn_angle.ptnr1_symmetry 
_pdbx_struct_conn_angle.ptnr2_label_atom_id 
_pdbx_struct_conn_angle.ptnr2_label_alt_id 
_pdbx_struct_conn_angle.ptnr2_label_asym_id 
_pdbx_struct_conn_angle.ptnr2_label_comp_id 
_pdbx_struct_conn_angle.ptnr2_label_seq_id 
_pdbx_struct_conn_angle.ptnr2_auth_atom_id 
_pdbx_struct_conn_angle.ptnr2_auth_asym_id 
_pdbx_struct_conn_angle.ptnr2_auth_comp_id 
_pdbx_struct_conn_angle.ptnr2_auth_seq_id 
_pdbx_struct_conn_angle.ptnr2_PDB_ins_code 
_pdbx_struct_conn_angle.ptnr2_symmetry 
_pdbx_struct_conn_angle.ptnr3_label_atom_id 
_pdbx_struct_conn_angle.ptnr3_label_alt_id 
_pdbx_struct_conn_angle.ptnr3_label_asym_id 
_pdbx_struct_conn_angle.ptnr3_label_comp_id 
_pdbx_struct_conn_angle.ptnr3_label_seq_id 
_pdbx_struct_conn_angle.ptnr3_auth_atom_id 
_pdbx_struct_conn_angle.ptnr3_auth_asym_id 
_pdbx_struct_conn_angle.ptnr3_auth_comp_id 
_pdbx_struct_conn_angle.ptnr3_auth_seq_id 
_pdbx_struct_conn_angle.ptnr3_PDB_ins_code 
_pdbx_struct_conn_angle.ptnr3_symmetry 
_pdbx_struct_conn_angle.value 
_pdbx_struct_conn_angle.value_esd 
1 O ? A ILE 86 ? A ILE 65 ? 1_555 MG ? K MG . ? A MG 96 ? 1_555 O ? A HIS 87 ? A HIS 66 ? 1_555 89.4  ? 
2 O ? A ILE 86 ? A ILE 65 ? 1_555 MG ? K MG . ? A MG 96 ? 1_555 O ? L HOH .  ? A HOH 99 ? 1_555 82.8  ? 
3 O ? A HIS 87 ? A HIS 66 ? 1_555 MG ? K MG . ? A MG 96 ? 1_555 O ? L HOH .  ? A HOH 99 ? 1_555 168.8 ? 
# 
_pdbx_modification_feature.ordinal                            1 
_pdbx_modification_feature.label_comp_id                      CYS 
_pdbx_modification_feature.label_asym_id                      A 
_pdbx_modification_feature.label_seq_id                       50 
_pdbx_modification_feature.label_alt_id                       ? 
_pdbx_modification_feature.modified_residue_label_comp_id     CYS 
_pdbx_modification_feature.modified_residue_label_asym_id     A 
_pdbx_modification_feature.modified_residue_label_seq_id      50 
_pdbx_modification_feature.modified_residue_label_alt_id      ? 
_pdbx_modification_feature.auth_comp_id                       CYS 
_pdbx_modification_feature.auth_asym_id                       A 
_pdbx_modification_feature.auth_seq_id                        29 
_pdbx_modification_feature.PDB_ins_code                       ? 
_pdbx_modification_feature.symmetry                           1_555 
_pdbx_modification_feature.modified_residue_auth_comp_id      CYS 
_pdbx_modification_feature.modified_residue_auth_asym_id      A 
_pdbx_modification_feature.modified_residue_auth_seq_id       29 
_pdbx_modification_feature.modified_residue_PDB_ins_code      ? 
_pdbx_modification_feature.modified_residue_symmetry          7_555 
_pdbx_modification_feature.comp_id_linking_atom               SG 
_pdbx_modification_feature.modified_residue_id_linking_atom   SG 
_pdbx_modification_feature.modified_residue_id                . 
_pdbx_modification_feature.ref_pcm_id                         . 
_pdbx_modification_feature.ref_comp_id                        . 
_pdbx_modification_feature.type                               None 
_pdbx_modification_feature.category                           'Disulfide bridge' 
# 
_struct_sheet.id               A 
_struct_sheet.type             ? 
_struct_sheet.number_strands   3 
_struct_sheet.details          ? 
# 
loop_
_struct_sheet_order.sheet_id 
_struct_sheet_order.range_id_1 
_struct_sheet_order.range_id_2 
_struct_sheet_order.offset 
_struct_sheet_order.sense 
A 1 2 ? anti-parallel 
A 2 3 ? parallel      
# 
loop_
_struct_sheet_range.sheet_id 
_struct_sheet_range.id 
_struct_sheet_range.beg_label_comp_id 
_struct_sheet_range.beg_label_asym_id 
_struct_sheet_range.beg_label_seq_id 
_struct_sheet_range.pdbx_beg_PDB_ins_code 
_struct_sheet_range.end_label_comp_id 
_struct_sheet_range.end_label_asym_id 
_struct_sheet_range.end_label_seq_id 
_struct_sheet_range.pdbx_end_PDB_ins_code 
_struct_sheet_range.beg_auth_comp_id 
_struct_sheet_range.beg_auth_asym_id 
_struct_sheet_range.beg_auth_seq_id 
_struct_sheet_range.end_auth_comp_id 
_struct_sheet_range.end_auth_asym_id 
_struct_sheet_range.end_auth_seq_id 
A 1 PHE A 40 ? ASP A 45 ? PHE A 19 ASP A 24 
A 2 ALA A 52 ? VAL A 59 ? ALA A 31 VAL A 38 
A 3 ILE A 86 ? LEU A 94 ? ILE A 65 LEU A 73 
# 
loop_
_pdbx_struct_sheet_hbond.sheet_id 
_pdbx_struct_sheet_hbond.range_id_1 
_pdbx_struct_sheet_hbond.range_id_2 
_pdbx_struct_sheet_hbond.range_1_label_atom_id 
_pdbx_struct_sheet_hbond.range_1_label_comp_id 
_pdbx_struct_sheet_hbond.range_1_label_asym_id 
_pdbx_struct_sheet_hbond.range_1_label_seq_id 
_pdbx_struct_sheet_hbond.range_1_PDB_ins_code 
_pdbx_struct_sheet_hbond.range_1_auth_atom_id 
_pdbx_struct_sheet_hbond.range_1_auth_comp_id 
_pdbx_struct_sheet_hbond.range_1_auth_asym_id 
_pdbx_struct_sheet_hbond.range_1_auth_seq_id 
_pdbx_struct_sheet_hbond.range_2_label_atom_id 
_pdbx_struct_sheet_hbond.range_2_label_comp_id 
_pdbx_struct_sheet_hbond.range_2_label_asym_id 
_pdbx_struct_sheet_hbond.range_2_label_seq_id 
_pdbx_struct_sheet_hbond.range_2_PDB_ins_code 
_pdbx_struct_sheet_hbond.range_2_auth_atom_id 
_pdbx_struct_sheet_hbond.range_2_auth_comp_id 
_pdbx_struct_sheet_hbond.range_2_auth_asym_id 
_pdbx_struct_sheet_hbond.range_2_auth_seq_id 
A 1 2 N LYS A 42 ? N LYS A 21 O TYR A 57 ? O TYR A 36 
A 2 3 N ILE A 58 ? N ILE A 37 O LYS A 92 ? O LYS A 71 
# 
loop_
_struct_site.id 
_struct_site.pdbx_evidence_code 
_struct_site.pdbx_auth_asym_id 
_struct_site.pdbx_auth_comp_id 
_struct_site.pdbx_auth_seq_id 
_struct_site.pdbx_auth_ins_code 
_struct_site.pdbx_num_residues 
_struct_site.details 
AC1 Software A IOD 87 ? 1 'BINDING SITE FOR RESIDUE IOD A 87' 
AC2 Software A IOD 88 ? 1 'BINDING SITE FOR RESIDUE IOD A 88' 
AC3 Software A IOD 89 ? 3 'BINDING SITE FOR RESIDUE IOD A 89' 
AC4 Software A IOD 90 ? 2 'BINDING SITE FOR RESIDUE IOD A 90' 
AC5 Software A IOD 91 ? 2 'BINDING SITE FOR RESIDUE IOD A 91' 
AC6 Software A IOD 92 ? 1 'BINDING SITE FOR RESIDUE IOD A 92' 
AC7 Software A IOD 93 ? 2 'BINDING SITE FOR RESIDUE IOD A 93' 
AC8 Software A IOD 94 ? 2 'BINDING SITE FOR RESIDUE IOD A 94' 
AC9 Software A IOD 95 ? 2 'BINDING SITE FOR RESIDUE IOD A 95' 
BC1 Software A MG  96 ? 6 'BINDING SITE FOR RESIDUE MG A 96'  
# 
loop_
_struct_site_gen.id 
_struct_site_gen.site_id 
_struct_site_gen.pdbx_num_res 
_struct_site_gen.label_comp_id 
_struct_site_gen.label_asym_id 
_struct_site_gen.label_seq_id 
_struct_site_gen.pdbx_auth_ins_code 
_struct_site_gen.auth_comp_id 
_struct_site_gen.auth_asym_id 
_struct_site_gen.auth_seq_id 
_struct_site_gen.label_atom_id 
_struct_site_gen.label_alt_id 
_struct_site_gen.symmetry 
_struct_site_gen.details 
1  AC1 1 CYS A 93 ? CYS A 72  . ? 1_555 ? 
2  AC2 1 SER A 26 ? SER A 5   . ? 1_555 ? 
3  AC3 3 GLY A 20 ? GLY A -1  . ? 3_554 ? 
4  AC3 3 GLY A 65 ? GLY A 44  . ? 1_555 ? 
5  AC3 3 ARG A 71 ? ARG A 50  . ? 1_555 ? 
6  AC4 2 ASP A 45 ? ASP A 24  . ? 1_555 ? 
7  AC4 2 HOH L .  ? HOH A 129 . ? 1_555 ? 
8  AC5 2 THR A 90 ? THR A 69  . ? 1_555 ? 
9  AC5 2 HOH L .  ? HOH A 137 . ? 1_555 ? 
10 AC6 1 ASP A 70 ? ASP A 49  . ? 1_555 ? 
11 AC7 2 THR A 90 ? THR A 69  . ? 1_555 ? 
12 AC7 2 MET A 91 ? MET A 70  . ? 1_555 ? 
13 AC8 2 HOH L .  ? HOH A 128 . ? 1_555 ? 
14 AC8 2 HOH L .  ? HOH A 128 . ? 7_555 ? 
15 AC9 2 LEU A 68 ? LEU A 47  . ? 1_555 ? 
16 AC9 2 HOH L .  ? HOH A 106 . ? 1_555 ? 
17 BC1 6 ILE A 86 ? ILE A 65  . ? 7_555 ? 
18 BC1 6 ILE A 86 ? ILE A 65  . ? 1_555 ? 
19 BC1 6 HIS A 87 ? HIS A 66  . ? 7_555 ? 
20 BC1 6 HIS A 87 ? HIS A 66  . ? 1_555 ? 
21 BC1 6 HOH L .  ? HOH A 99  . ? 7_555 ? 
22 BC1 6 HOH L .  ? HOH A 99  . ? 1_555 ? 
# 
_pdbx_entry_details.entry_id                   3O2E 
_pdbx_entry_details.compound_details           ? 
_pdbx_entry_details.source_details             ? 
_pdbx_entry_details.nonpolymer_details         ? 
_pdbx_entry_details.sequence_details           ? 
_pdbx_entry_details.has_ligand_of_interest     ? 
_pdbx_entry_details.has_protein_modification   Y 
# 
_pdbx_validate_close_contact.id               1 
_pdbx_validate_close_contact.PDB_model_num    1 
_pdbx_validate_close_contact.auth_atom_id_1   I 
_pdbx_validate_close_contact.auth_asym_id_1   A 
_pdbx_validate_close_contact.auth_comp_id_1   IOD 
_pdbx_validate_close_contact.auth_seq_id_1    94 
_pdbx_validate_close_contact.PDB_ins_code_1   ? 
_pdbx_validate_close_contact.label_alt_id_1   ? 
_pdbx_validate_close_contact.auth_atom_id_2   O 
_pdbx_validate_close_contact.auth_asym_id_2   A 
_pdbx_validate_close_contact.auth_comp_id_2   HOH 
_pdbx_validate_close_contact.auth_seq_id_2    128 
_pdbx_validate_close_contact.PDB_ins_code_2   ? 
_pdbx_validate_close_contact.label_alt_id_2   ? 
_pdbx_validate_close_contact.dist             1.98 
# 
_pdbx_SG_project.id                    1 
_pdbx_SG_project.project_name          ? 
_pdbx_SG_project.full_name_of_center   'Seattle Structural Genomics Center for Infectious Disease' 
_pdbx_SG_project.initial_of_center     SSGCID 
# 
loop_
_pdbx_struct_special_symmetry.id 
_pdbx_struct_special_symmetry.PDB_model_num 
_pdbx_struct_special_symmetry.auth_asym_id 
_pdbx_struct_special_symmetry.auth_comp_id 
_pdbx_struct_special_symmetry.auth_seq_id 
_pdbx_struct_special_symmetry.PDB_ins_code 
_pdbx_struct_special_symmetry.label_asym_id 
_pdbx_struct_special_symmetry.label_comp_id 
_pdbx_struct_special_symmetry.label_seq_id 
1 1 A IOD 94 ? I IOD . 
2 1 A MG  96 ? K MG  . 
# 
_pdbx_refine_tls.pdbx_refine_id   'X-RAY DIFFRACTION' 
_pdbx_refine_tls.id               1 
_pdbx_refine_tls.details          ? 
_pdbx_refine_tls.method           refined 
_pdbx_refine_tls.origin_x         0.2221 
_pdbx_refine_tls.origin_y         -0.5290 
_pdbx_refine_tls.origin_z         -0.0779 
_pdbx_refine_tls.T[1][1]          0.0620 
_pdbx_refine_tls.T[2][2]          0.0223 
_pdbx_refine_tls.T[3][3]          0.0432 
_pdbx_refine_tls.T[1][2]          0.0068 
_pdbx_refine_tls.T[1][3]          0.0048 
_pdbx_refine_tls.T[2][3]          0.0053 
_pdbx_refine_tls.L[1][1]          0.9841 
_pdbx_refine_tls.L[2][2]          3.8230 
_pdbx_refine_tls.L[3][3]          0.1500 
_pdbx_refine_tls.L[1][2]          -0.3263 
_pdbx_refine_tls.L[1][3]          -0.0378 
_pdbx_refine_tls.L[2][3]          -0.1064 
_pdbx_refine_tls.S[1][1]          -0.0027 
_pdbx_refine_tls.S[1][2]          -0.0477 
_pdbx_refine_tls.S[1][3]          0.0114 
_pdbx_refine_tls.S[2][1]          -0.0007 
_pdbx_refine_tls.S[2][2]          0.0274 
_pdbx_refine_tls.S[2][3]          0.0315 
_pdbx_refine_tls.S[3][1]          0.0852 
_pdbx_refine_tls.S[3][2]          -0.0103 
_pdbx_refine_tls.S[3][3]          -0.0249 
# 
_pdbx_refine_tls_group.pdbx_refine_id      'X-RAY DIFFRACTION' 
_pdbx_refine_tls_group.id                  1 
_pdbx_refine_tls_group.refine_tls_id       1 
_pdbx_refine_tls_group.beg_auth_asym_id    A 
_pdbx_refine_tls_group.beg_auth_seq_id     -10 
_pdbx_refine_tls_group.beg_label_asym_id   ? 
_pdbx_refine_tls_group.beg_label_seq_id    ? 
_pdbx_refine_tls_group.end_auth_asym_id    A 
_pdbx_refine_tls_group.end_auth_seq_id     9999 
_pdbx_refine_tls_group.end_label_asym_id   ? 
_pdbx_refine_tls_group.end_label_seq_id    ? 
_pdbx_refine_tls_group.selection           ? 
_pdbx_refine_tls_group.selection_details   ? 
# 
loop_
_pdbx_unobs_or_zero_occ_residues.id 
_pdbx_unobs_or_zero_occ_residues.PDB_model_num 
_pdbx_unobs_or_zero_occ_residues.polymer_flag 
_pdbx_unobs_or_zero_occ_residues.occupancy_flag 
_pdbx_unobs_or_zero_occ_residues.auth_asym_id 
_pdbx_unobs_or_zero_occ_residues.auth_comp_id 
_pdbx_unobs_or_zero_occ_residues.auth_seq_id 
_pdbx_unobs_or_zero_occ_residues.PDB_ins_code 
_pdbx_unobs_or_zero_occ_residues.label_asym_id 
_pdbx_unobs_or_zero_occ_residues.label_comp_id 
_pdbx_unobs_or_zero_occ_residues.label_seq_id 
1  1 Y 1 A MET -20 ? A MET 1   
2  1 Y 1 A ALA -19 ? A ALA 2   
3  1 Y 1 A HIS -18 ? A HIS 3   
4  1 Y 1 A HIS -17 ? A HIS 4   
5  1 Y 1 A HIS -16 ? A HIS 5   
6  1 Y 1 A HIS -15 ? A HIS 6   
7  1 Y 1 A HIS -14 ? A HIS 7   
8  1 Y 1 A HIS -13 ? A HIS 8   
9  1 Y 1 A MET -12 ? A MET 9   
10 1 Y 1 A GLY -11 ? A GLY 10  
11 1 Y 1 A THR -10 ? A THR 11  
12 1 Y 1 A LEU -9  ? A LEU 12  
13 1 Y 1 A GLU -8  ? A GLU 13  
14 1 Y 1 A ALA -7  ? A ALA 14  
15 1 Y 1 A GLN -6  ? A GLN 15  
16 1 Y 1 A THR -5  ? A THR 16  
17 1 Y 1 A GLN -4  ? A GLN 17  
18 1 Y 1 A GLY -3  ? A GLY 18  
19 1 Y 1 A PRO 84  ? A PRO 105 
# 
loop_
_chem_comp_atom.comp_id 
_chem_comp_atom.atom_id 
_chem_comp_atom.type_symbol 
_chem_comp_atom.pdbx_aromatic_flag 
_chem_comp_atom.pdbx_stereo_config 
_chem_comp_atom.pdbx_ordinal 
ALA N    N  N N 1   
ALA CA   C  N S 2   
ALA C    C  N N 3   
ALA O    O  N N 4   
ALA CB   C  N N 5   
ALA OXT  O  N N 6   
ALA H    H  N N 7   
ALA H2   H  N N 8   
ALA HA   H  N N 9   
ALA HB1  H  N N 10  
ALA HB2  H  N N 11  
ALA HB3  H  N N 12  
ALA HXT  H  N N 13  
ARG N    N  N N 14  
ARG CA   C  N S 15  
ARG C    C  N N 16  
ARG O    O  N N 17  
ARG CB   C  N N 18  
ARG CG   C  N N 19  
ARG CD   C  N N 20  
ARG NE   N  N N 21  
ARG CZ   C  N N 22  
ARG NH1  N  N N 23  
ARG NH2  N  N N 24  
ARG OXT  O  N N 25  
ARG H    H  N N 26  
ARG H2   H  N N 27  
ARG HA   H  N N 28  
ARG HB2  H  N N 29  
ARG HB3  H  N N 30  
ARG HG2  H  N N 31  
ARG HG3  H  N N 32  
ARG HD2  H  N N 33  
ARG HD3  H  N N 34  
ARG HE   H  N N 35  
ARG HH11 H  N N 36  
ARG HH12 H  N N 37  
ARG HH21 H  N N 38  
ARG HH22 H  N N 39  
ARG HXT  H  N N 40  
ASN N    N  N N 41  
ASN CA   C  N S 42  
ASN C    C  N N 43  
ASN O    O  N N 44  
ASN CB   C  N N 45  
ASN CG   C  N N 46  
ASN OD1  O  N N 47  
ASN ND2  N  N N 48  
ASN OXT  O  N N 49  
ASN H    H  N N 50  
ASN H2   H  N N 51  
ASN HA   H  N N 52  
ASN HB2  H  N N 53  
ASN HB3  H  N N 54  
ASN HD21 H  N N 55  
ASN HD22 H  N N 56  
ASN HXT  H  N N 57  
ASP N    N  N N 58  
ASP CA   C  N S 59  
ASP C    C  N N 60  
ASP O    O  N N 61  
ASP CB   C  N N 62  
ASP CG   C  N N 63  
ASP OD1  O  N N 64  
ASP OD2  O  N N 65  
ASP OXT  O  N N 66  
ASP H    H  N N 67  
ASP H2   H  N N 68  
ASP HA   H  N N 69  
ASP HB2  H  N N 70  
ASP HB3  H  N N 71  
ASP HD2  H  N N 72  
ASP HXT  H  N N 73  
CYS N    N  N N 74  
CYS CA   C  N R 75  
CYS C    C  N N 76  
CYS O    O  N N 77  
CYS CB   C  N N 78  
CYS SG   S  N N 79  
CYS OXT  O  N N 80  
CYS H    H  N N 81  
CYS H2   H  N N 82  
CYS HA   H  N N 83  
CYS HB2  H  N N 84  
CYS HB3  H  N N 85  
CYS HG   H  N N 86  
CYS HXT  H  N N 87  
GLN N    N  N N 88  
GLN CA   C  N S 89  
GLN C    C  N N 90  
GLN O    O  N N 91  
GLN CB   C  N N 92  
GLN CG   C  N N 93  
GLN CD   C  N N 94  
GLN OE1  O  N N 95  
GLN NE2  N  N N 96  
GLN OXT  O  N N 97  
GLN H    H  N N 98  
GLN H2   H  N N 99  
GLN HA   H  N N 100 
GLN HB2  H  N N 101 
GLN HB3  H  N N 102 
GLN HG2  H  N N 103 
GLN HG3  H  N N 104 
GLN HE21 H  N N 105 
GLN HE22 H  N N 106 
GLN HXT  H  N N 107 
GLU N    N  N N 108 
GLU CA   C  N S 109 
GLU C    C  N N 110 
GLU O    O  N N 111 
GLU CB   C  N N 112 
GLU CG   C  N N 113 
GLU CD   C  N N 114 
GLU OE1  O  N N 115 
GLU OE2  O  N N 116 
GLU OXT  O  N N 117 
GLU H    H  N N 118 
GLU H2   H  N N 119 
GLU HA   H  N N 120 
GLU HB2  H  N N 121 
GLU HB3  H  N N 122 
GLU HG2  H  N N 123 
GLU HG3  H  N N 124 
GLU HE2  H  N N 125 
GLU HXT  H  N N 126 
GLY N    N  N N 127 
GLY CA   C  N N 128 
GLY C    C  N N 129 
GLY O    O  N N 130 
GLY OXT  O  N N 131 
GLY H    H  N N 132 
GLY H2   H  N N 133 
GLY HA2  H  N N 134 
GLY HA3  H  N N 135 
GLY HXT  H  N N 136 
HIS N    N  N N 137 
HIS CA   C  N S 138 
HIS C    C  N N 139 
HIS O    O  N N 140 
HIS CB   C  N N 141 
HIS CG   C  Y N 142 
HIS ND1  N  Y N 143 
HIS CD2  C  Y N 144 
HIS CE1  C  Y N 145 
HIS NE2  N  Y N 146 
HIS OXT  O  N N 147 
HIS H    H  N N 148 
HIS H2   H  N N 149 
HIS HA   H  N N 150 
HIS HB2  H  N N 151 
HIS HB3  H  N N 152 
HIS HD1  H  N N 153 
HIS HD2  H  N N 154 
HIS HE1  H  N N 155 
HIS HE2  H  N N 156 
HIS HXT  H  N N 157 
HOH O    O  N N 158 
HOH H1   H  N N 159 
HOH H2   H  N N 160 
ILE N    N  N N 161 
ILE CA   C  N S 162 
ILE C    C  N N 163 
ILE O    O  N N 164 
ILE CB   C  N S 165 
ILE CG1  C  N N 166 
ILE CG2  C  N N 167 
ILE CD1  C  N N 168 
ILE OXT  O  N N 169 
ILE H    H  N N 170 
ILE H2   H  N N 171 
ILE HA   H  N N 172 
ILE HB   H  N N 173 
ILE HG12 H  N N 174 
ILE HG13 H  N N 175 
ILE HG21 H  N N 176 
ILE HG22 H  N N 177 
ILE HG23 H  N N 178 
ILE HD11 H  N N 179 
ILE HD12 H  N N 180 
ILE HD13 H  N N 181 
ILE HXT  H  N N 182 
IOD I    I  N N 183 
LEU N    N  N N 184 
LEU CA   C  N S 185 
LEU C    C  N N 186 
LEU O    O  N N 187 
LEU CB   C  N N 188 
LEU CG   C  N N 189 
LEU CD1  C  N N 190 
LEU CD2  C  N N 191 
LEU OXT  O  N N 192 
LEU H    H  N N 193 
LEU H2   H  N N 194 
LEU HA   H  N N 195 
LEU HB2  H  N N 196 
LEU HB3  H  N N 197 
LEU HG   H  N N 198 
LEU HD11 H  N N 199 
LEU HD12 H  N N 200 
LEU HD13 H  N N 201 
LEU HD21 H  N N 202 
LEU HD22 H  N N 203 
LEU HD23 H  N N 204 
LEU HXT  H  N N 205 
LYS N    N  N N 206 
LYS CA   C  N S 207 
LYS C    C  N N 208 
LYS O    O  N N 209 
LYS CB   C  N N 210 
LYS CG   C  N N 211 
LYS CD   C  N N 212 
LYS CE   C  N N 213 
LYS NZ   N  N N 214 
LYS OXT  O  N N 215 
LYS H    H  N N 216 
LYS H2   H  N N 217 
LYS HA   H  N N 218 
LYS HB2  H  N N 219 
LYS HB3  H  N N 220 
LYS HG2  H  N N 221 
LYS HG3  H  N N 222 
LYS HD2  H  N N 223 
LYS HD3  H  N N 224 
LYS HE2  H  N N 225 
LYS HE3  H  N N 226 
LYS HZ1  H  N N 227 
LYS HZ2  H  N N 228 
LYS HZ3  H  N N 229 
LYS HXT  H  N N 230 
MET N    N  N N 231 
MET CA   C  N S 232 
MET C    C  N N 233 
MET O    O  N N 234 
MET CB   C  N N 235 
MET CG   C  N N 236 
MET SD   S  N N 237 
MET CE   C  N N 238 
MET OXT  O  N N 239 
MET H    H  N N 240 
MET H2   H  N N 241 
MET HA   H  N N 242 
MET HB2  H  N N 243 
MET HB3  H  N N 244 
MET HG2  H  N N 245 
MET HG3  H  N N 246 
MET HE1  H  N N 247 
MET HE2  H  N N 248 
MET HE3  H  N N 249 
MET HXT  H  N N 250 
MG  MG   MG N N 251 
PHE N    N  N N 252 
PHE CA   C  N S 253 
PHE C    C  N N 254 
PHE O    O  N N 255 
PHE CB   C  N N 256 
PHE CG   C  Y N 257 
PHE CD1  C  Y N 258 
PHE CD2  C  Y N 259 
PHE CE1  C  Y N 260 
PHE CE2  C  Y N 261 
PHE CZ   C  Y N 262 
PHE OXT  O  N N 263 
PHE H    H  N N 264 
PHE H2   H  N N 265 
PHE HA   H  N N 266 
PHE HB2  H  N N 267 
PHE HB3  H  N N 268 
PHE HD1  H  N N 269 
PHE HD2  H  N N 270 
PHE HE1  H  N N 271 
PHE HE2  H  N N 272 
PHE HZ   H  N N 273 
PHE HXT  H  N N 274 
PRO N    N  N N 275 
PRO CA   C  N S 276 
PRO C    C  N N 277 
PRO O    O  N N 278 
PRO CB   C  N N 279 
PRO CG   C  N N 280 
PRO CD   C  N N 281 
PRO OXT  O  N N 282 
PRO H    H  N N 283 
PRO HA   H  N N 284 
PRO HB2  H  N N 285 
PRO HB3  H  N N 286 
PRO HG2  H  N N 287 
PRO HG3  H  N N 288 
PRO HD2  H  N N 289 
PRO HD3  H  N N 290 
PRO HXT  H  N N 291 
SER N    N  N N 292 
SER CA   C  N S 293 
SER C    C  N N 294 
SER O    O  N N 295 
SER CB   C  N N 296 
SER OG   O  N N 297 
SER OXT  O  N N 298 
SER H    H  N N 299 
SER H2   H  N N 300 
SER HA   H  N N 301 
SER HB2  H  N N 302 
SER HB3  H  N N 303 
SER HG   H  N N 304 
SER HXT  H  N N 305 
THR N    N  N N 306 
THR CA   C  N S 307 
THR C    C  N N 308 
THR O    O  N N 309 
THR CB   C  N R 310 
THR OG1  O  N N 311 
THR CG2  C  N N 312 
THR OXT  O  N N 313 
THR H    H  N N 314 
THR H2   H  N N 315 
THR HA   H  N N 316 
THR HB   H  N N 317 
THR HG1  H  N N 318 
THR HG21 H  N N 319 
THR HG22 H  N N 320 
THR HG23 H  N N 321 
THR HXT  H  N N 322 
TRP N    N  N N 323 
TRP CA   C  N S 324 
TRP C    C  N N 325 
TRP O    O  N N 326 
TRP CB   C  N N 327 
TRP CG   C  Y N 328 
TRP CD1  C  Y N 329 
TRP CD2  C  Y N 330 
TRP NE1  N  Y N 331 
TRP CE2  C  Y N 332 
TRP CE3  C  Y N 333 
TRP CZ2  C  Y N 334 
TRP CZ3  C  Y N 335 
TRP CH2  C  Y N 336 
TRP OXT  O  N N 337 
TRP H    H  N N 338 
TRP H2   H  N N 339 
TRP HA   H  N N 340 
TRP HB2  H  N N 341 
TRP HB3  H  N N 342 
TRP HD1  H  N N 343 
TRP HE1  H  N N 344 
TRP HE3  H  N N 345 
TRP HZ2  H  N N 346 
TRP HZ3  H  N N 347 
TRP HH2  H  N N 348 
TRP HXT  H  N N 349 
TYR N    N  N N 350 
TYR CA   C  N S 351 
TYR C    C  N N 352 
TYR O    O  N N 353 
TYR CB   C  N N 354 
TYR CG   C  Y N 355 
TYR CD1  C  Y N 356 
TYR CD2  C  Y N 357 
TYR CE1  C  Y N 358 
TYR CE2  C  Y N 359 
TYR CZ   C  Y N 360 
TYR OH   O  N N 361 
TYR OXT  O  N N 362 
TYR H    H  N N 363 
TYR H2   H  N N 364 
TYR HA   H  N N 365 
TYR HB2  H  N N 366 
TYR HB3  H  N N 367 
TYR HD1  H  N N 368 
TYR HD2  H  N N 369 
TYR HE1  H  N N 370 
TYR HE2  H  N N 371 
TYR HH   H  N N 372 
TYR HXT  H  N N 373 
VAL N    N  N N 374 
VAL CA   C  N S 375 
VAL C    C  N N 376 
VAL O    O  N N 377 
VAL CB   C  N N 378 
VAL CG1  C  N N 379 
VAL CG2  C  N N 380 
VAL OXT  O  N N 381 
VAL H    H  N N 382 
VAL H2   H  N N 383 
VAL HA   H  N N 384 
VAL HB   H  N N 385 
VAL HG11 H  N N 386 
VAL HG12 H  N N 387 
VAL HG13 H  N N 388 
VAL HG21 H  N N 389 
VAL HG22 H  N N 390 
VAL HG23 H  N N 391 
VAL HXT  H  N N 392 
# 
loop_
_chem_comp_bond.comp_id 
_chem_comp_bond.atom_id_1 
_chem_comp_bond.atom_id_2 
_chem_comp_bond.value_order 
_chem_comp_bond.pdbx_aromatic_flag 
_chem_comp_bond.pdbx_stereo_config 
_chem_comp_bond.pdbx_ordinal 
ALA N   CA   sing N N 1   
ALA N   H    sing N N 2   
ALA N   H2   sing N N 3   
ALA CA  C    sing N N 4   
ALA CA  CB   sing N N 5   
ALA CA  HA   sing N N 6   
ALA C   O    doub N N 7   
ALA C   OXT  sing N N 8   
ALA CB  HB1  sing N N 9   
ALA CB  HB2  sing N N 10  
ALA CB  HB3  sing N N 11  
ALA OXT HXT  sing N N 12  
ARG N   CA   sing N N 13  
ARG N   H    sing N N 14  
ARG N   H2   sing N N 15  
ARG CA  C    sing N N 16  
ARG CA  CB   sing N N 17  
ARG CA  HA   sing N N 18  
ARG C   O    doub N N 19  
ARG C   OXT  sing N N 20  
ARG CB  CG   sing N N 21  
ARG CB  HB2  sing N N 22  
ARG CB  HB3  sing N N 23  
ARG CG  CD   sing N N 24  
ARG CG  HG2  sing N N 25  
ARG CG  HG3  sing N N 26  
ARG CD  NE   sing N N 27  
ARG CD  HD2  sing N N 28  
ARG CD  HD3  sing N N 29  
ARG NE  CZ   sing N N 30  
ARG NE  HE   sing N N 31  
ARG CZ  NH1  sing N N 32  
ARG CZ  NH2  doub N N 33  
ARG NH1 HH11 sing N N 34  
ARG NH1 HH12 sing N N 35  
ARG NH2 HH21 sing N N 36  
ARG NH2 HH22 sing N N 37  
ARG OXT HXT  sing N N 38  
ASN N   CA   sing N N 39  
ASN N   H    sing N N 40  
ASN N   H2   sing N N 41  
ASN CA  C    sing N N 42  
ASN CA  CB   sing N N 43  
ASN CA  HA   sing N N 44  
ASN C   O    doub N N 45  
ASN C   OXT  sing N N 46  
ASN CB  CG   sing N N 47  
ASN CB  HB2  sing N N 48  
ASN CB  HB3  sing N N 49  
ASN CG  OD1  doub N N 50  
ASN CG  ND2  sing N N 51  
ASN ND2 HD21 sing N N 52  
ASN ND2 HD22 sing N N 53  
ASN OXT HXT  sing N N 54  
ASP N   CA   sing N N 55  
ASP N   H    sing N N 56  
ASP N   H2   sing N N 57  
ASP CA  C    sing N N 58  
ASP CA  CB   sing N N 59  
ASP CA  HA   sing N N 60  
ASP C   O    doub N N 61  
ASP C   OXT  sing N N 62  
ASP CB  CG   sing N N 63  
ASP CB  HB2  sing N N 64  
ASP CB  HB3  sing N N 65  
ASP CG  OD1  doub N N 66  
ASP CG  OD2  sing N N 67  
ASP OD2 HD2  sing N N 68  
ASP OXT HXT  sing N N 69  
CYS N   CA   sing N N 70  
CYS N   H    sing N N 71  
CYS N   H2   sing N N 72  
CYS CA  C    sing N N 73  
CYS CA  CB   sing N N 74  
CYS CA  HA   sing N N 75  
CYS C   O    doub N N 76  
CYS C   OXT  sing N N 77  
CYS CB  SG   sing N N 78  
CYS CB  HB2  sing N N 79  
CYS CB  HB3  sing N N 80  
CYS SG  HG   sing N N 81  
CYS OXT HXT  sing N N 82  
GLN N   CA   sing N N 83  
GLN N   H    sing N N 84  
GLN N   H2   sing N N 85  
GLN CA  C    sing N N 86  
GLN CA  CB   sing N N 87  
GLN CA  HA   sing N N 88  
GLN C   O    doub N N 89  
GLN C   OXT  sing N N 90  
GLN CB  CG   sing N N 91  
GLN CB  HB2  sing N N 92  
GLN CB  HB3  sing N N 93  
GLN CG  CD   sing N N 94  
GLN CG  HG2  sing N N 95  
GLN CG  HG3  sing N N 96  
GLN CD  OE1  doub N N 97  
GLN CD  NE2  sing N N 98  
GLN NE2 HE21 sing N N 99  
GLN NE2 HE22 sing N N 100 
GLN OXT HXT  sing N N 101 
GLU N   CA   sing N N 102 
GLU N   H    sing N N 103 
GLU N   H2   sing N N 104 
GLU CA  C    sing N N 105 
GLU CA  CB   sing N N 106 
GLU CA  HA   sing N N 107 
GLU C   O    doub N N 108 
GLU C   OXT  sing N N 109 
GLU CB  CG   sing N N 110 
GLU CB  HB2  sing N N 111 
GLU CB  HB3  sing N N 112 
GLU CG  CD   sing N N 113 
GLU CG  HG2  sing N N 114 
GLU CG  HG3  sing N N 115 
GLU CD  OE1  doub N N 116 
GLU CD  OE2  sing N N 117 
GLU OE2 HE2  sing N N 118 
GLU OXT HXT  sing N N 119 
GLY N   CA   sing N N 120 
GLY N   H    sing N N 121 
GLY N   H2   sing N N 122 
GLY CA  C    sing N N 123 
GLY CA  HA2  sing N N 124 
GLY CA  HA3  sing N N 125 
GLY C   O    doub N N 126 
GLY C   OXT  sing N N 127 
GLY OXT HXT  sing N N 128 
HIS N   CA   sing N N 129 
HIS N   H    sing N N 130 
HIS N   H2   sing N N 131 
HIS CA  C    sing N N 132 
HIS CA  CB   sing N N 133 
HIS CA  HA   sing N N 134 
HIS C   O    doub N N 135 
HIS C   OXT  sing N N 136 
HIS CB  CG   sing N N 137 
HIS CB  HB2  sing N N 138 
HIS CB  HB3  sing N N 139 
HIS CG  ND1  sing Y N 140 
HIS CG  CD2  doub Y N 141 
HIS ND1 CE1  doub Y N 142 
HIS ND1 HD1  sing N N 143 
HIS CD2 NE2  sing Y N 144 
HIS CD2 HD2  sing N N 145 
HIS CE1 NE2  sing Y N 146 
HIS CE1 HE1  sing N N 147 
HIS NE2 HE2  sing N N 148 
HIS OXT HXT  sing N N 149 
HOH O   H1   sing N N 150 
HOH O   H2   sing N N 151 
ILE N   CA   sing N N 152 
ILE N   H    sing N N 153 
ILE N   H2   sing N N 154 
ILE CA  C    sing N N 155 
ILE CA  CB   sing N N 156 
ILE CA  HA   sing N N 157 
ILE C   O    doub N N 158 
ILE C   OXT  sing N N 159 
ILE CB  CG1  sing N N 160 
ILE CB  CG2  sing N N 161 
ILE CB  HB   sing N N 162 
ILE CG1 CD1  sing N N 163 
ILE CG1 HG12 sing N N 164 
ILE CG1 HG13 sing N N 165 
ILE CG2 HG21 sing N N 166 
ILE CG2 HG22 sing N N 167 
ILE CG2 HG23 sing N N 168 
ILE CD1 HD11 sing N N 169 
ILE CD1 HD12 sing N N 170 
ILE CD1 HD13 sing N N 171 
ILE OXT HXT  sing N N 172 
LEU N   CA   sing N N 173 
LEU N   H    sing N N 174 
LEU N   H2   sing N N 175 
LEU CA  C    sing N N 176 
LEU CA  CB   sing N N 177 
LEU CA  HA   sing N N 178 
LEU C   O    doub N N 179 
LEU C   OXT  sing N N 180 
LEU CB  CG   sing N N 181 
LEU CB  HB2  sing N N 182 
LEU CB  HB3  sing N N 183 
LEU CG  CD1  sing N N 184 
LEU CG  CD2  sing N N 185 
LEU CG  HG   sing N N 186 
LEU CD1 HD11 sing N N 187 
LEU CD1 HD12 sing N N 188 
LEU CD1 HD13 sing N N 189 
LEU CD2 HD21 sing N N 190 
LEU CD2 HD22 sing N N 191 
LEU CD2 HD23 sing N N 192 
LEU OXT HXT  sing N N 193 
LYS N   CA   sing N N 194 
LYS N   H    sing N N 195 
LYS N   H2   sing N N 196 
LYS CA  C    sing N N 197 
LYS CA  CB   sing N N 198 
LYS CA  HA   sing N N 199 
LYS C   O    doub N N 200 
LYS C   OXT  sing N N 201 
LYS CB  CG   sing N N 202 
LYS CB  HB2  sing N N 203 
LYS CB  HB3  sing N N 204 
LYS CG  CD   sing N N 205 
LYS CG  HG2  sing N N 206 
LYS CG  HG3  sing N N 207 
LYS CD  CE   sing N N 208 
LYS CD  HD2  sing N N 209 
LYS CD  HD3  sing N N 210 
LYS CE  NZ   sing N N 211 
LYS CE  HE2  sing N N 212 
LYS CE  HE3  sing N N 213 
LYS NZ  HZ1  sing N N 214 
LYS NZ  HZ2  sing N N 215 
LYS NZ  HZ3  sing N N 216 
LYS OXT HXT  sing N N 217 
MET N   CA   sing N N 218 
MET N   H    sing N N 219 
MET N   H2   sing N N 220 
MET CA  C    sing N N 221 
MET CA  CB   sing N N 222 
MET CA  HA   sing N N 223 
MET C   O    doub N N 224 
MET C   OXT  sing N N 225 
MET CB  CG   sing N N 226 
MET CB  HB2  sing N N 227 
MET CB  HB3  sing N N 228 
MET CG  SD   sing N N 229 
MET CG  HG2  sing N N 230 
MET CG  HG3  sing N N 231 
MET SD  CE   sing N N 232 
MET CE  HE1  sing N N 233 
MET CE  HE2  sing N N 234 
MET CE  HE3  sing N N 235 
MET OXT HXT  sing N N 236 
PHE N   CA   sing N N 237 
PHE N   H    sing N N 238 
PHE N   H2   sing N N 239 
PHE CA  C    sing N N 240 
PHE CA  CB   sing N N 241 
PHE CA  HA   sing N N 242 
PHE C   O    doub N N 243 
PHE C   OXT  sing N N 244 
PHE CB  CG   sing N N 245 
PHE CB  HB2  sing N N 246 
PHE CB  HB3  sing N N 247 
PHE CG  CD1  doub Y N 248 
PHE CG  CD2  sing Y N 249 
PHE CD1 CE1  sing Y N 250 
PHE CD1 HD1  sing N N 251 
PHE CD2 CE2  doub Y N 252 
PHE CD2 HD2  sing N N 253 
PHE CE1 CZ   doub Y N 254 
PHE CE1 HE1  sing N N 255 
PHE CE2 CZ   sing Y N 256 
PHE CE2 HE2  sing N N 257 
PHE CZ  HZ   sing N N 258 
PHE OXT HXT  sing N N 259 
PRO N   CA   sing N N 260 
PRO N   CD   sing N N 261 
PRO N   H    sing N N 262 
PRO CA  C    sing N N 263 
PRO CA  CB   sing N N 264 
PRO CA  HA   sing N N 265 
PRO C   O    doub N N 266 
PRO C   OXT  sing N N 267 
PRO CB  CG   sing N N 268 
PRO CB  HB2  sing N N 269 
PRO CB  HB3  sing N N 270 
PRO CG  CD   sing N N 271 
PRO CG  HG2  sing N N 272 
PRO CG  HG3  sing N N 273 
PRO CD  HD2  sing N N 274 
PRO CD  HD3  sing N N 275 
PRO OXT HXT  sing N N 276 
SER N   CA   sing N N 277 
SER N   H    sing N N 278 
SER N   H2   sing N N 279 
SER CA  C    sing N N 280 
SER CA  CB   sing N N 281 
SER CA  HA   sing N N 282 
SER C   O    doub N N 283 
SER C   OXT  sing N N 284 
SER CB  OG   sing N N 285 
SER CB  HB2  sing N N 286 
SER CB  HB3  sing N N 287 
SER OG  HG   sing N N 288 
SER OXT HXT  sing N N 289 
THR N   CA   sing N N 290 
THR N   H    sing N N 291 
THR N   H2   sing N N 292 
THR CA  C    sing N N 293 
THR CA  CB   sing N N 294 
THR CA  HA   sing N N 295 
THR C   O    doub N N 296 
THR C   OXT  sing N N 297 
THR CB  OG1  sing N N 298 
THR CB  CG2  sing N N 299 
THR CB  HB   sing N N 300 
THR OG1 HG1  sing N N 301 
THR CG2 HG21 sing N N 302 
THR CG2 HG22 sing N N 303 
THR CG2 HG23 sing N N 304 
THR OXT HXT  sing N N 305 
TRP N   CA   sing N N 306 
TRP N   H    sing N N 307 
TRP N   H2   sing N N 308 
TRP CA  C    sing N N 309 
TRP CA  CB   sing N N 310 
TRP CA  HA   sing N N 311 
TRP C   O    doub N N 312 
TRP C   OXT  sing N N 313 
TRP CB  CG   sing N N 314 
TRP CB  HB2  sing N N 315 
TRP CB  HB3  sing N N 316 
TRP CG  CD1  doub Y N 317 
TRP CG  CD2  sing Y N 318 
TRP CD1 NE1  sing Y N 319 
TRP CD1 HD1  sing N N 320 
TRP CD2 CE2  doub Y N 321 
TRP CD2 CE3  sing Y N 322 
TRP NE1 CE2  sing Y N 323 
TRP NE1 HE1  sing N N 324 
TRP CE2 CZ2  sing Y N 325 
TRP CE3 CZ3  doub Y N 326 
TRP CE3 HE3  sing N N 327 
TRP CZ2 CH2  doub Y N 328 
TRP CZ2 HZ2  sing N N 329 
TRP CZ3 CH2  sing Y N 330 
TRP CZ3 HZ3  sing N N 331 
TRP CH2 HH2  sing N N 332 
TRP OXT HXT  sing N N 333 
TYR N   CA   sing N N 334 
TYR N   H    sing N N 335 
TYR N   H2   sing N N 336 
TYR CA  C    sing N N 337 
TYR CA  CB   sing N N 338 
TYR CA  HA   sing N N 339 
TYR C   O    doub N N 340 
TYR C   OXT  sing N N 341 
TYR CB  CG   sing N N 342 
TYR CB  HB2  sing N N 343 
TYR CB  HB3  sing N N 344 
TYR CG  CD1  doub Y N 345 
TYR CG  CD2  sing Y N 346 
TYR CD1 CE1  sing Y N 347 
TYR CD1 HD1  sing N N 348 
TYR CD2 CE2  doub Y N 349 
TYR CD2 HD2  sing N N 350 
TYR CE1 CZ   doub Y N 351 
TYR CE1 HE1  sing N N 352 
TYR CE2 CZ   sing Y N 353 
TYR CE2 HE2  sing N N 354 
TYR CZ  OH   sing N N 355 
TYR OH  HH   sing N N 356 
TYR OXT HXT  sing N N 357 
VAL N   CA   sing N N 358 
VAL N   H    sing N N 359 
VAL N   H2   sing N N 360 
VAL CA  C    sing N N 361 
VAL CA  CB   sing N N 362 
VAL CA  HA   sing N N 363 
VAL C   O    doub N N 364 
VAL C   OXT  sing N N 365 
VAL CB  CG1  sing N N 366 
VAL CB  CG2  sing N N 367 
VAL CB  HB   sing N N 368 
VAL CG1 HG11 sing N N 369 
VAL CG1 HG12 sing N N 370 
VAL CG1 HG13 sing N N 371 
VAL CG2 HG21 sing N N 372 
VAL CG2 HG22 sing N N 373 
VAL CG2 HG23 sing N N 374 
VAL OXT HXT  sing N N 375 
# 
_pdbx_initial_refinement_model.accession_code   ? 
_pdbx_initial_refinement_model.id               1 
_pdbx_initial_refinement_model.entity_id_list   ? 
_pdbx_initial_refinement_model.type             'experimental model' 
_pdbx_initial_refinement_model.source_name      Other 
_pdbx_initial_refinement_model.details          'iodide SAD' 
# 
_atom_sites.entry_id                    3O2E 
_atom_sites.fract_transf_matrix[1][1]   0.01231693 
_atom_sites.fract_transf_matrix[1][2]   -0.00151477 
_atom_sites.fract_transf_matrix[1][3]   -0.00857295 
_atom_sites.fract_transf_matrix[2][1]   -0.00169417 
_atom_sites.fract_transf_matrix[2][2]   -0.01498602 
_atom_sites.fract_transf_matrix[2][3]   0.00021386 
_atom_sites.fract_transf_matrix[3][1]   -0.01604312 
_atom_sites.fract_transf_matrix[3][2]   0.00148102 
_atom_sites.fract_transf_matrix[3][3]   -0.02331116 
_atom_sites.fract_transf_vector[1]      0.229899 
_atom_sites.fract_transf_vector[2]      0.453840 
_atom_sites.fract_transf_vector[3]      0.067224 
# 
loop_
_atom_type.symbol 
C  
I  
MG 
N  
O  
S  
# 
loop_
_atom_site.group_PDB 
_atom_site.id 
_atom_site.type_symbol 
_atom_site.label_atom_id 
_atom_site.label_alt_id 
_atom_site.label_comp_id 
_atom_site.label_asym_id 
_atom_site.label_entity_id 
_atom_site.label_seq_id 
_atom_site.pdbx_PDB_ins_code 
_atom_site.Cartn_x 
_atom_site.Cartn_y 
_atom_site.Cartn_z 
_atom_site.occupancy 
_atom_site.B_iso_or_equiv 
_atom_site.pdbx_formal_charge 
_atom_site.auth_seq_id 
_atom_site.auth_comp_id 
_atom_site.auth_asym_id 
_atom_site.auth_atom_id 
_atom_site.pdbx_PDB_model_num 
ATOM   1   N  N   . PRO A 1 19  ? -12.233 16.942  -4.891  1.00 33.28 ? -2  PRO A N   1 
ATOM   2   C  CA  . PRO A 1 19  ? -12.327 17.869  -6.029  1.00 33.13 ? -2  PRO A CA  1 
ATOM   3   C  C   . PRO A 1 19  ? -10.961 18.148  -6.646  1.00 31.33 ? -2  PRO A C   1 
ATOM   4   O  O   . PRO A 1 19  ? -10.107 18.682  -5.972  1.00 29.60 ? -2  PRO A O   1 
ATOM   5   C  CB  . PRO A 1 19  ? -12.923 19.126  -5.395  1.00 33.93 ? -2  PRO A CB  1 
ATOM   6   C  CG  . PRO A 1 19  ? -13.847 18.557  -4.364  1.00 35.65 ? -2  PRO A CG  1 
ATOM   7   C  CD  . PRO A 1 19  ? -13.212 17.289  -3.840  1.00 34.22 ? -2  PRO A CD  1 
ATOM   8   N  N   . GLY A 1 20  ? -10.751 17.694  -7.881  1.00 31.21 ? -1  GLY A N   1 
ATOM   9   C  CA  . GLY A 1 20  ? -9.568  18.027  -8.664  1.00 30.94 ? -1  GLY A CA  1 
ATOM   10  C  C   . GLY A 1 20  ? -8.300  17.258  -8.341  1.00 30.50 ? -1  GLY A C   1 
ATOM   11  O  O   . GLY A 1 20  ? -7.202  17.600  -8.878  1.00 29.45 ? -1  GLY A O   1 
ATOM   12  N  N   . SER A 1 21  ? -8.466  16.241  -7.471  1.00 29.92 ? 0   SER A N   1 
ATOM   13  C  CA  . SER A 1 21  ? -7.436  15.287  -7.099  1.00 29.46 ? 0   SER A CA  1 
ATOM   14  C  C   . SER A 1 21  ? -7.547  14.012  -7.959  1.00 29.25 ? 0   SER A C   1 
ATOM   15  O  O   . SER A 1 21  ? -8.644  13.449  -8.157  1.00 29.20 ? 0   SER A O   1 
ATOM   16  C  CB  . SER A 1 21  ? -7.524  14.931  -5.613  1.00 29.23 ? 0   SER A CB  1 
ATOM   17  O  OG  . SER A 1 21  ? -6.557  13.938  -5.259  1.00 30.24 ? 0   SER A OG  1 
ATOM   18  N  N   . MET A 1 22  ? -6.393  13.602  -8.478  1.00 27.93 ? 1   MET A N   1 
ATOM   19  C  CA  . MET A 1 22  ? -6.287  12.474  -9.389  1.00 27.57 ? 1   MET A CA  1 
ATOM   20  C  C   . MET A 1 22  ? -5.729  11.209  -8.684  1.00 26.14 ? 1   MET A C   1 
ATOM   21  O  O   . MET A 1 22  ? -5.561  10.156  -9.306  1.00 26.36 ? 1   MET A O   1 
ATOM   22  C  CB  . MET A 1 22  ? -5.398  12.870  -10.568 1.00 27.95 ? 1   MET A CB  1 
ATOM   23  C  CG  . MET A 1 22  ? -5.979  13.972  -11.445 1.00 27.24 ? 1   MET A CG  1 
ATOM   24  S  SD  . MET A 1 22  ? -7.672  13.748  -12.028 0.57 23.79 ? 1   MET A SD  1 
ATOM   25  C  CE  . MET A 1 22  ? -8.461  15.133  -11.202 1.00 21.91 ? 1   MET A CE  1 
ATOM   26  N  N   . VAL A 1 23  ? -5.457  11.310  -7.390  1.00 24.83 ? 2   VAL A N   1 
ATOM   27  C  CA  . VAL A 1 23  ? -5.023  10.188  -6.627  1.00 23.95 ? 2   VAL A CA  1 
ATOM   28  C  C   . VAL A 1 23  ? -6.149  9.883   -5.698  1.00 24.25 ? 2   VAL A C   1 
ATOM   29  O  O   . VAL A 1 23  ? -6.700  10.769  -5.033  1.00 26.36 ? 2   VAL A O   1 
ATOM   30  C  CB  . VAL A 1 23  ? -3.703  10.454  -5.898  1.00 23.62 ? 2   VAL A CB  1 
ATOM   31  C  CG1 . VAL A 1 23  ? -3.280  9.221   -5.091  1.00 23.34 ? 2   VAL A CG1 1 
ATOM   32  C  CG2 . VAL A 1 23  ? -2.643  10.755  -6.933  1.00 24.06 ? 2   VAL A CG2 1 
ATOM   33  N  N   . SER A 1 24  ? -6.565  8.635   -5.704  1.00 21.51 ? 3   SER A N   1 
ATOM   34  C  CA  . SER A 1 24  ? -7.676  8.247   -4.895  1.00 19.97 ? 3   SER A CA  1 
ATOM   35  C  C   . SER A 1 24  ? -7.328  6.907   -4.337  1.00 17.95 ? 3   SER A C   1 
ATOM   36  O  O   . SER A 1 24  ? -6.372  6.307   -4.745  1.00 16.13 ? 3   SER A O   1 
ATOM   37  C  CB  . SER A 1 24  ? -8.913  8.111   -5.746  1.00 19.91 ? 3   SER A CB  1 
ATOM   38  O  OG  . SER A 1 24  ? -8.645  7.183   -6.773  1.00 20.72 ? 3   SER A OG  1 
ATOM   39  N  N   . LYS A 1 25  ? -8.145  6.485   -3.402  1.00 17.44 ? 4   LYS A N   1 
ATOM   40  C  CA  . LYS A 1 25  ? -8.062  5.202   -2.800  1.00 17.44 ? 4   LYS A CA  1 
ATOM   41  C  C   . LYS A 1 25  ? -8.135  4.122   -3.890  1.00 17.38 ? 4   LYS A C   1 
ATOM   42  O  O   . LYS A 1 25  ? -7.387  3.148   -3.831  1.00 15.90 ? 4   LYS A O   1 
ATOM   43  C  CB  . LYS A 1 25  ? -9.191  5.078   -1.769  1.00 18.37 ? 4   LYS A CB  1 
ATOM   44  C  CG  . LYS A 1 25  ? -9.341  3.758   -1.122  1.00 19.56 ? 4   LYS A CG  1 
ATOM   45  C  CD  . LYS A 1 25  ? -10.492 3.822   -0.155  1.00 24.49 ? 4   LYS A CD  1 
ATOM   46  C  CE  . LYS A 1 25  ? -11.221 2.531   -0.021  1.00 28.20 ? 4   LYS A CE  1 
ATOM   47  N  NZ  . LYS A 1 25  ? -10.593 1.726   1.055   1.00 32.96 ? 4   LYS A NZ  1 
ATOM   48  N  N   . SER A 1 26  ? -9.008  4.307   -4.889  1.00 17.69 ? 5   SER A N   1 
ATOM   49  C  CA  A SER A 1 26  ? -9.139  3.346   -5.989  0.50 18.29 ? 5   SER A CA  1 
ATOM   50  C  CA  B SER A 1 26  ? -9.128  3.333   -5.967  0.50 17.75 ? 5   SER A CA  1 
ATOM   51  C  C   . SER A 1 26  ? -7.850  3.184   -6.801  1.00 17.29 ? 5   SER A C   1 
ATOM   52  O  O   . SER A 1 26  ? -7.469  2.071   -7.164  1.00 16.65 ? 5   SER A O   1 
ATOM   53  C  CB  A SER A 1 26  ? -10.269 3.767   -6.926  0.50 19.81 ? 5   SER A CB  1 
ATOM   54  C  CB  B SER A 1 26  ? -10.279 3.701   -6.882  0.50 19.20 ? 5   SER A CB  1 
ATOM   55  O  OG  A SER A 1 26  ? -11.499 3.880   -6.229  0.50 22.94 ? 5   SER A OG  1 
ATOM   56  O  OG  B SER A 1 26  ? -10.341 2.789   -7.949  0.50 19.30 ? 5   SER A OG  1 
ATOM   57  N  N   . ILE A 1 27  ? -7.183  4.288   -7.127  1.00 16.38 ? 6   ILE A N   1 
ATOM   58  C  CA  . ILE A 1 27  ? -5.896  4.207   -7.870  1.00 17.30 ? 6   ILE A CA  1 
ATOM   59  C  C   . ILE A 1 27  ? -4.829  3.524   -7.064  1.00 15.70 ? 6   ILE A C   1 
ATOM   60  O  O   . ILE A 1 27  ? -4.058  2.736   -7.591  1.00 16.89 ? 6   ILE A O   1 
ATOM   61  C  CB  . ILE A 1 27  ? -5.342  5.607   -8.306  1.00 17.33 ? 6   ILE A CB  1 
ATOM   62  C  CG1 . ILE A 1 27  ? -6.143  6.078   -9.514  1.00 21.84 ? 6   ILE A CG1 1 
ATOM   63  C  CG2 . ILE A 1 27  ? -3.860  5.496   -8.724  1.00 17.57 ? 6   ILE A CG2 1 
ATOM   64  C  CD1 . ILE A 1 27  ? -5.862  7.483   -10.001 1.00 23.44 ? 6   ILE A CD1 1 
ATOM   65  N  N   . VAL A 1 28  ? -4.773  3.830   -5.769  1.00 15.92 ? 7   VAL A N   1 
ATOM   66  C  CA  . VAL A 1 28  ? -3.799  3.217   -4.853  1.00 14.09 ? 7   VAL A CA  1 
ATOM   67  C  C   . VAL A 1 28  ? -4.052  1.717   -4.796  1.00 14.28 ? 7   VAL A C   1 
ATOM   68  O  O   . VAL A 1 28  ? -3.122  0.926   -4.874  1.00 13.30 ? 7   VAL A O   1 
ATOM   69  C  CB  . VAL A 1 28  ? -3.893  3.836   -3.412  1.00 14.03 ? 7   VAL A CB  1 
ATOM   70  C  CG1 . VAL A 1 28  ? -3.064  3.036   -2.348  1.00 10.14 ? 7   VAL A CG1 1 
ATOM   71  C  CG2 . VAL A 1 28  ? -3.480  5.318   -3.432  1.00 15.07 ? 7   VAL A CG2 1 
ATOM   72  N  N   . GLU A 1 29  ? -5.320  1.339   -4.630  1.00 14.64 ? 8   GLU A N   1 
ATOM   73  C  CA  . GLU A 1 29  ? -5.700  -0.034  -4.590  1.00 14.22 ? 8   GLU A CA  1 
ATOM   74  C  C   . GLU A 1 29  ? -5.317  -0.752  -5.885  1.00 14.85 ? 8   GLU A C   1 
ATOM   75  O  O   . GLU A 1 29  ? -4.833  -1.864  -5.837  1.00 14.16 ? 8   GLU A O   1 
ATOM   76  C  CB  . GLU A 1 29  ? -7.190  -0.150  -4.352  1.00 15.12 ? 8   GLU A CB  1 
ATOM   77  C  CG  . GLU A 1 29  ? -7.598  0.100   -2.910  1.00 15.64 ? 8   GLU A CG  1 
ATOM   78  C  CD  . GLU A 1 29  ? -9.110  0.142   -2.716  1.00 22.98 ? 8   GLU A CD  1 
ATOM   79  O  OE1 . GLU A 1 29  ? -9.851  0.441   -3.699  1.00 26.41 ? 8   GLU A OE1 1 
ATOM   80  O  OE2 . GLU A 1 29  ? -9.552  -0.089  -1.576  1.00 23.29 ? 8   GLU A OE2 1 
ATOM   81  N  N   . GLU A 1 30  ? -5.573  -0.125  -7.026  1.00 15.91 ? 9   GLU A N   1 
ATOM   82  C  CA  . GLU A 1 30  ? -5.277  -0.720  -8.324  1.00 18.08 ? 9   GLU A CA  1 
ATOM   83  C  C   . GLU A 1 30  ? -3.762  -0.904  -8.531  1.00 16.42 ? 9   GLU A C   1 
ATOM   84  O  O   . GLU A 1 30  ? -3.324  -1.923  -9.045  1.00 17.11 ? 9   GLU A O   1 
ATOM   85  C  CB  . GLU A 1 30  ? -5.970  0.117   -9.422  1.00 20.04 ? 9   GLU A CB  1 
ATOM   86  C  CG  . GLU A 1 30  ? -5.434  0.071   -10.873 1.00 28.43 ? 9   GLU A CG  1 
ATOM   87  C  CD  . GLU A 1 30  ? -5.823  1.366   -11.653 1.00 36.46 ? 9   GLU A CD  1 
ATOM   88  O  OE1 . GLU A 1 30  ? -6.990  1.812   -11.521 1.00 43.56 ? 9   GLU A OE1 1 
ATOM   89  O  OE2 . GLU A 1 30  ? -4.963  1.984   -12.338 1.00 41.58 ? 9   GLU A OE2 1 
ATOM   90  N  N   . ARG A 1 31  ? -2.970  0.091   -8.156  1.00 15.32 ? 10  ARG A N   1 
ATOM   91  C  CA  . ARG A 1 31  ? -1.527  0.018   -8.296  1.00 15.42 ? 10  ARG A CA  1 
ATOM   92  C  C   . ARG A 1 31  ? -0.996  -1.076  -7.441  1.00 14.59 ? 10  ARG A C   1 
ATOM   93  O  O   . ARG A 1 31  ? -0.181  -1.870  -7.894  1.00 14.25 ? 10  ARG A O   1 
ATOM   94  C  CB  . ARG A 1 31  ? -0.858  1.317   -7.850  1.00 15.92 ? 10  ARG A CB  1 
ATOM   95  C  CG  . ARG A 1 31  ? -1.076  2.495   -8.735  1.00 19.61 ? 10  ARG A CG  1 
ATOM   96  C  CD  . ARG A 1 31  ? -0.315  2.417   -10.015 1.00 24.85 ? 10  ARG A CD  1 
ATOM   97  N  NE  . ARG A 1 31  ? -0.819  3.489   -10.841 1.00 32.02 ? 10  ARG A NE  1 
ATOM   98  C  CZ  . ARG A 1 31  ? -1.880  3.384   -11.638 1.00 39.24 ? 10  ARG A CZ  1 
ATOM   99  N  NH1 . ARG A 1 31  ? -2.530  2.225   -11.779 1.00 42.42 ? 10  ARG A NH1 1 
ATOM   100 N  NH2 . ARG A 1 31  ? -2.298  4.450   -12.308 1.00 43.01 ? 10  ARG A NH2 1 
ATOM   101 N  N   . LEU A 1 32  ? -1.438  -1.113  -6.176  1.00 13.59 ? 11  LEU A N   1 
ATOM   102 C  CA  . LEU A 1 32  ? -0.957  -2.155  -5.242  1.00 12.83 ? 11  LEU A CA  1 
ATOM   103 C  C   . LEU A 1 32  ? -1.346  -3.531  -5.720  1.00 12.62 ? 11  LEU A C   1 
ATOM   104 O  O   . LEU A 1 32  ? -0.531  -4.457  -5.667  1.00 13.34 ? 11  LEU A O   1 
ATOM   105 C  CB  . LEU A 1 32  ? -1.471  -1.917  -3.794  1.00 11.39 ? 11  LEU A CB  1 
ATOM   106 C  CG  . LEU A 1 32  ? -1.043  -0.644  -3.084  1.00 14.08 ? 11  LEU A CG  1 
ATOM   107 C  CD1 . LEU A 1 32  ? -1.622  -0.561  -1.659  1.00 12.42 ? 11  LEU A CD1 1 
ATOM   108 C  CD2 . LEU A 1 32  ? 0.423   -0.601  -3.018  1.00 13.74 ? 11  LEU A CD2 1 
ATOM   109 N  N   . ARG A 1 33  ? -2.612  -3.700  -6.119  1.00 13.28 ? 12  ARG A N   1 
ATOM   110 C  CA  . ARG A 1 33  ? -3.069  -5.002  -6.653  1.00 14.20 ? 12  ARG A CA  1 
ATOM   111 C  C   . ARG A 1 33  ? -2.308  -5.418  -7.899  1.00 14.83 ? 12  ARG A C   1 
ATOM   112 O  O   . ARG A 1 33  ? -1.951  -6.577  -8.078  1.00 13.63 ? 12  ARG A O   1 
ATOM   113 C  CB  . ARG A 1 33  ? -4.566  -4.977  -6.970  1.00 15.00 ? 12  ARG A CB  1 
ATOM   114 C  CG  . ARG A 1 33  ? -5.352  -4.977  -5.707  1.00 15.96 ? 12  ARG A CG  1 
ATOM   115 C  CD  . ARG A 1 33  ? -6.817  -4.659  -5.897  1.00 17.03 ? 12  ARG A CD  1 
ATOM   116 N  NE  . ARG A 1 33  ? -7.440  -4.918  -4.595  1.00 19.79 ? 12  ARG A NE  1 
ATOM   117 C  CZ  . ARG A 1 33  ? -8.477  -4.279  -4.055  1.00 21.07 ? 12  ARG A CZ  1 
ATOM   118 N  NH1 . ARG A 1 33  ? -9.092  -3.294  -4.706  1.00 22.00 ? 12  ARG A NH1 1 
ATOM   119 N  NH2 . ARG A 1 33  ? -8.901  -4.675  -2.829  1.00 24.18 ? 12  ARG A NH2 1 
ATOM   120 N  N   . SER A 1 34  ? -2.089  -4.473  -8.798  1.00 16.04 ? 13  SER A N   1 
ATOM   121 C  CA  . SER A 1 34  ? -1.384  -4.778  -10.026 1.00 18.05 ? 13  SER A CA  1 
ATOM   122 C  C   . SER A 1 34  ? 0.047   -5.296  -9.759  1.00 17.90 ? 13  SER A C   1 
ATOM   123 O  O   . SER A 1 34  ? 0.443   -6.316  -10.339 1.00 16.64 ? 13  SER A O   1 
ATOM   124 C  CB  . SER A 1 34  ? -1.374  -3.566  -10.930 1.00 19.55 ? 13  SER A CB  1 
ATOM   125 O  OG  . SER A 1 34  ? -0.536  -3.822  -12.032 1.00 25.60 ? 13  SER A OG  1 
ATOM   126 N  N   . MET A 1 35  ? 0.791   -4.621  -8.864  1.00 17.09 ? 14  MET A N   1 
ATOM   127 C  CA  . MET A 1 35  ? 2.202   -4.985  -8.605  1.00 17.58 ? 14  MET A CA  1 
ATOM   128 C  C   . MET A 1 35  ? 2.385   -6.127  -7.594  1.00 16.22 ? 14  MET A C   1 
ATOM   129 O  O   . MET A 1 35  ? 3.254   -6.991  -7.777  1.00 17.28 ? 14  MET A O   1 
ATOM   130 C  CB  . MET A 1 35  ? 3.028   -3.767  -8.194  1.00 17.62 ? 14  MET A CB  1 
ATOM   131 C  CG  . MET A 1 35  ? 4.530   -4.103  -8.103  1.00 23.30 ? 14  MET A CG  1 
ATOM   132 S  SD  . MET A 1 35  ? 5.753   -2.884  -7.655  0.66 26.31 ? 14  MET A SD  1 
ATOM   133 C  CE  . MET A 1 35  ? 6.150   -2.081  -9.228  1.00 22.77 ? 14  MET A CE  1 
ATOM   134 N  N   . LEU A 1 36  ? 1.565   -6.135  -6.544  1.00 14.36 ? 15  LEU A N   1 
ATOM   135 C  CA  . LEU A 1 36  ? 1.801   -6.980  -5.394  1.00 14.04 ? 15  LEU A CA  1 
ATOM   136 C  C   . LEU A 1 36  ? 0.849   -8.158  -5.235  1.00 13.85 ? 15  LEU A C   1 
ATOM   137 O  O   . LEU A 1 36  ? 1.118   -9.013  -4.417  1.00 14.24 ? 15  LEU A O   1 
ATOM   138 C  CB  . LEU A 1 36  ? 1.803   -6.148  -4.136  1.00 13.44 ? 15  LEU A CB  1 
ATOM   139 C  CG  . LEU A 1 36  ? 2.689   -4.922  -4.167  1.00 14.57 ? 15  LEU A CG  1 
ATOM   140 C  CD1 . LEU A 1 36  ? 2.330   -4.052  -2.939  1.00 14.28 ? 15  LEU A CD1 1 
ATOM   141 C  CD2 . LEU A 1 36  ? 4.143   -5.305  -4.203  1.00 16.65 ? 15  LEU A CD2 1 
ATOM   142 N  N   . SER A 1 37  ? -0.221  -8.217  -6.044  1.00 13.83 ? 16  SER A N   1 
ATOM   143 C  CA  . SER A 1 37  ? -1.111  -9.348  -6.102  1.00 14.36 ? 16  SER A CA  1 
ATOM   144 C  C   . SER A 1 37  ? -1.404  -9.860  -4.691  1.00 14.31 ? 16  SER A C   1 
ATOM   145 O  O   . SER A 1 37  ? -1.207  -11.037 -4.404  1.00 15.61 ? 16  SER A O   1 
ATOM   146 C  CB  . SER A 1 37  ? -0.482  -10.423 -6.978  1.00 14.41 ? 16  SER A CB  1 
ATOM   147 O  OG  . SER A 1 37  ? -0.405  -9.946  -8.314  1.00 15.29 ? 16  SER A OG  1 
ATOM   148 N  N   . PRO A 1 38  ? -1.870  -8.960  -3.804  1.00 13.94 ? 17  PRO A N   1 
ATOM   149 C  CA  . PRO A 1 38  ? -2.034  -9.356  -2.398  1.00 13.88 ? 17  PRO A CA  1 
ATOM   150 C  C   . PRO A 1 38  ? -3.143  -10.369 -2.186  1.00 13.53 ? 17  PRO A C   1 
ATOM   151 O  O   . PRO A 1 38  ? -4.076  -10.417 -2.949  1.00 13.61 ? 17  PRO A O   1 
ATOM   152 C  CB  . PRO A 1 38  ? -2.352  -8.028  -1.681  1.00 12.62 ? 17  PRO A CB  1 
ATOM   153 C  CG  . PRO A 1 38  ? -3.091  -7.202  -2.735  1.00 14.87 ? 17  PRO A CG  1 
ATOM   154 C  CD  . PRO A 1 38  ? -2.399  -7.603  -4.063  1.00 14.50 ? 17  PRO A CD  1 
ATOM   155 N  N   . GLN A 1 39  ? -3.013  -11.179 -1.141  1.00 14.15 ? 18  GLN A N   1 
ATOM   156 C  CA  . GLN A 1 39  ? -4.079  -12.067 -0.654  1.00 13.80 ? 18  GLN A CA  1 
ATOM   157 C  C   . GLN A 1 39  ? -5.095  -11.242 0.119   1.00 14.30 ? 18  GLN A C   1 
ATOM   158 O  O   . GLN A 1 39  ? -6.253  -11.594 0.233   1.00 13.82 ? 18  GLN A O   1 
ATOM   159 C  CB  . GLN A 1 39  ? -3.473  -13.135 0.301   1.00 14.51 ? 18  GLN A CB  1 
ATOM   160 C  CG  . GLN A 1 39  ? -2.593  -14.230 -0.347  1.00 13.95 ? 18  GLN A CG  1 
ATOM   161 C  CD  . GLN A 1 39  ? -1.283  -13.731 -0.949  1.00 15.53 ? 18  GLN A CD  1 
ATOM   162 O  OE1 . GLN A 1 39  ? -0.608  -12.861 -0.402  1.00 15.31 ? 18  GLN A OE1 1 
ATOM   163 N  NE2 . GLN A 1 39  ? -0.940  -14.258 -2.104  1.00 15.99 ? 18  GLN A NE2 1 
ATOM   164 N  N   . PHE A 1 40  ? -4.621  -10.151 0.717   1.00 14.55 ? 19  PHE A N   1 
ATOM   165 C  CA  . PHE A 1 40  ? -5.473  -9.258  1.453   1.00 15.38 ? 19  PHE A CA  1 
ATOM   166 C  C   . PHE A 1 40  ? -4.962  -7.804  1.381   1.00 14.68 ? 19  PHE A C   1 
ATOM   167 O  O   . PHE A 1 40  ? -3.786  -7.554  1.533   1.00 13.75 ? 19  PHE A O   1 
ATOM   168 C  CB  . PHE A 1 40  ? -5.599  -9.765  2.897   1.00 17.73 ? 19  PHE A CB  1 
ATOM   169 C  CG  . PHE A 1 40  ? -6.531  -8.955  3.721   1.00 18.66 ? 19  PHE A CG  1 
ATOM   170 C  CD1 . PHE A 1 40  ? -7.903  -9.194  3.676   1.00 22.14 ? 19  PHE A CD1 1 
ATOM   171 C  CD2 . PHE A 1 40  ? -6.028  -7.904  4.493   1.00 18.83 ? 19  PHE A CD2 1 
ATOM   172 C  CE1 . PHE A 1 40  ? -8.781  -8.409  4.429   1.00 25.23 ? 19  PHE A CE1 1 
ATOM   173 C  CE2 . PHE A 1 40  ? -6.859  -7.128  5.246   1.00 23.28 ? 19  PHE A CE2 1 
ATOM   174 C  CZ  . PHE A 1 40  ? -8.264  -7.367  5.220   1.00 24.91 ? 19  PHE A CZ  1 
ATOM   175 N  N   . LEU A 1 41  ? -5.859  -6.857  1.134   1.00 14.51 ? 20  LEU A N   1 
ATOM   176 C  CA  . LEU A 1 41  ? -5.490  -5.451  1.086   1.00 14.48 ? 20  LEU A CA  1 
ATOM   177 C  C   . LEU A 1 41  ? -6.584  -4.605  1.718   1.00 15.10 ? 20  LEU A C   1 
ATOM   178 O  O   . LEU A 1 41  ? -7.757  -4.777  1.380   1.00 15.80 ? 20  LEU A O   1 
ATOM   179 C  CB  . LEU A 1 41  ? -5.286  -5.012  -0.366  1.00 14.63 ? 20  LEU A CB  1 
ATOM   180 C  CG  . LEU A 1 41  ? -4.948  -3.543  -0.617  1.00 14.46 ? 20  LEU A CG  1 
ATOM   181 C  CD1 . LEU A 1 41  ? -3.547  -3.231  0.055   1.00 13.07 ? 20  LEU A CD1 1 
ATOM   182 C  CD2 . LEU A 1 41  ? -5.011  -3.190  -2.103  1.00 13.41 ? 20  LEU A CD2 1 
ATOM   183 N  N   . LYS A 1 42  ? -6.218  -3.744  2.663   1.00 13.98 ? 21  LYS A N   1 
ATOM   184 C  CA  . LYS A 1 42  ? -7.161  -2.800  3.257   1.00 14.67 ? 21  LYS A CA  1 
ATOM   185 C  C   . LYS A 1 42  ? -6.513  -1.429  3.148   1.00 13.49 ? 21  LYS A C   1 
ATOM   186 O  O   . LYS A 1 42  ? -5.503  -1.165  3.799   1.00 13.63 ? 21  LYS A O   1 
ATOM   187 C  CB  . LYS A 1 42  ? -7.492  -3.153  4.742   1.00 15.96 ? 21  LYS A CB  1 
ATOM   188 N  N   . VAL A 1 43  ? -7.025  -0.587  2.265   1.00 13.93 ? 22  VAL A N   1 
ATOM   189 C  CA  . VAL A 1 43  ? -6.544  0.784   2.158   1.00 13.36 ? 22  VAL A CA  1 
ATOM   190 C  C   . VAL A 1 43  ? -7.538  1.716   2.844   1.00 14.41 ? 22  VAL A C   1 
ATOM   191 O  O   . VAL A 1 43  ? -8.712  1.690   2.529   1.00 15.11 ? 22  VAL A O   1 
ATOM   192 C  CB  . VAL A 1 43  ? -6.346  1.200   0.683   1.00 12.69 ? 22  VAL A CB  1 
ATOM   193 C  CG1 . VAL A 1 43  ? -5.914  2.705   0.585   1.00 12.02 ? 22  VAL A CG1 1 
ATOM   194 C  CG2 . VAL A 1 43  ? -5.328  0.321   0.044   1.00 13.48 ? 22  VAL A CG2 1 
ATOM   195 N  N   . THR A 1 44  ? -7.025  2.521   3.782   1.00 15.47 ? 23  THR A N   1 
ATOM   196 C  CA  . THR A 1 44  ? -7.753  3.586   4.493   1.00 16.56 ? 23  THR A CA  1 
ATOM   197 C  C   . THR A 1 44  ? -7.448  4.897   3.817   1.00 15.58 ? 23  THR A C   1 
ATOM   198 O  O   . THR A 1 44  ? -6.274  5.257   3.621   1.00 14.34 ? 23  THR A O   1 
ATOM   199 C  CB  . THR A 1 44  ? -7.323  3.695   5.971   1.00 16.51 ? 23  THR A CB  1 
ATOM   200 O  OG1 . THR A 1 44  ? -7.568  2.460   6.629   1.00 20.03 ? 23  THR A OG1 1 
ATOM   201 C  CG2 . THR A 1 44  ? -8.090  4.770   6.765   1.00 18.17 ? 23  THR A CG2 1 
ATOM   202 N  N   . ASP A 1 45  ? -8.519  5.613   3.460   1.00 15.98 ? 24  ASP A N   1 
ATOM   203 C  CA  . ASP A 1 45  ? -8.413  6.943   2.926   1.00 14.75 ? 24  ASP A CA  1 
ATOM   204 C  C   . ASP A 1 45  ? -8.280  7.926   4.091   1.00 14.46 ? 24  ASP A C   1 
ATOM   205 O  O   . ASP A 1 45  ? -9.208  8.181   4.861   1.00 15.16 ? 24  ASP A O   1 
ATOM   206 C  CB  . ASP A 1 45  ? -9.632  7.270   2.057   1.00 15.61 ? 24  ASP A CB  1 
ATOM   207 C  CG  . ASP A 1 45  ? -9.456  8.557   1.232   1.00 17.05 ? 24  ASP A CG  1 
ATOM   208 O  OD1 . ASP A 1 45  ? -8.550  9.361   1.517   1.00 16.79 ? 24  ASP A OD1 1 
ATOM   209 O  OD2 . ASP A 1 45  ? -10.238 8.765   0.288   1.00 19.13 ? 24  ASP A OD2 1 
ATOM   210 N  N   . ASN A 1 46  ? -7.091  8.452   4.210   1.00 13.48 ? 25  ASN A N   1 
ATOM   211 C  CA  . ASN A 1 46  ? -6.729  9.368   5.246   1.00 14.41 ? 25  ASN A CA  1 
ATOM   212 C  C   . ASN A 1 46  ? -6.517  10.798  4.692   1.00 13.51 ? 25  ASN A C   1 
ATOM   213 O  O   . ASN A 1 46  ? -5.895  11.652  5.330   1.00 14.96 ? 25  ASN A O   1 
ATOM   214 C  CB  . ASN A 1 46  ? -5.508  8.741   5.897   1.00 15.14 ? 25  ASN A CB  1 
ATOM   215 C  CG  . ASN A 1 46  ? -4.996  9.496   7.088   1.00 17.60 ? 25  ASN A CG  1 
ATOM   216 O  OD1 . ASN A 1 46  ? -5.741  9.915   7.988   1.00 21.33 ? 25  ASN A OD1 1 
ATOM   217 N  ND2 . ASN A 1 46  ? -3.667  9.644   7.115   1.00 20.14 ? 25  ASN A ND2 1 
ATOM   218 N  N   . SER A 1 47  ? -7.133  11.090  3.548   1.00 12.35 ? 26  SER A N   1 
ATOM   219 C  CA  . SER A 1 47  ? -6.969  12.377  2.878   1.00 12.42 ? 26  SER A CA  1 
ATOM   220 C  C   . SER A 1 47  ? -7.522  13.490  3.744   1.00 13.07 ? 26  SER A C   1 
ATOM   221 O  O   . SER A 1 47  ? -8.527  13.318  4.359   1.00 13.28 ? 26  SER A O   1 
ATOM   222 C  CB  . SER A 1 47  ? -7.677  12.355  1.528   1.00 12.77 ? 26  SER A CB  1 
ATOM   223 O  OG  . SER A 1 47  ? -7.149  11.306  0.713   1.00 14.68 ? 26  SER A OG  1 
ATOM   224 N  N   . GLY A 1 48  ? -6.874  14.647  3.729   1.00 13.13 ? 27  GLY A N   1 
ATOM   225 C  CA  . GLY A 1 48  ? -7.203  15.775  4.591   1.00 13.31 ? 27  GLY A CA  1 
ATOM   226 C  C   . GLY A 1 48  ? -6.761  17.098  4.000   1.00 13.88 ? 27  GLY A C   1 
ATOM   227 O  O   . GLY A 1 48  ? -6.669  17.234  2.771   1.00 14.00 ? 27  GLY A O   1 
ATOM   228 N  N   . GLY A 1 49  ? -6.460  18.054  4.878   1.00 14.88 ? 28  GLY A N   1 
ATOM   229 C  CA  . GLY A 1 49  ? -6.113  19.421  4.495   1.00 15.73 ? 28  GLY A CA  1 
ATOM   230 C  C   . GLY A 1 49  ? -4.931  19.603  3.564   1.00 15.47 ? 28  GLY A C   1 
ATOM   231 O  O   . GLY A 1 49  ? -4.899  20.564  2.765   1.00 16.45 ? 28  GLY A O   1 
ATOM   232 N  N   . CYS A 1 50  ? -3.940  18.728  3.722   1.00 14.40 ? 29  CYS A N   1 
ATOM   233 C  CA  . CYS A 1 50  ? -2.698  18.750  2.958   1.00 14.19 ? 29  CYS A CA  1 
ATOM   234 C  C   . CYS A 1 50  ? -2.706  17.852  1.722   1.00 12.72 ? 29  CYS A C   1 
ATOM   235 O  O   . CYS A 1 50  ? -1.692  17.684  1.090   1.00 13.42 ? 29  CYS A O   1 
ATOM   236 C  CB  . CYS A 1 50  ? -1.543  18.376  3.883   1.00 13.20 ? 29  CYS A CB  1 
ATOM   237 S  SG  . CYS A 1 50  ? -1.275  19.573  5.147   1.00 19.01 ? 29  CYS A SG  1 
ATOM   238 N  N   . GLY A 1 51  ? -3.855  17.286  1.397   1.00 12.71 ? 30  GLY A N   1 
ATOM   239 C  CA  . GLY A 1 51  ? -4.049  16.450  0.237   1.00 12.17 ? 30  GLY A CA  1 
ATOM   240 C  C   . GLY A 1 51  ? -4.228  14.987  0.552   1.00 11.60 ? 30  GLY A C   1 
ATOM   241 O  O   . GLY A 1 51  ? -4.497  14.596  1.714   1.00 10.57 ? 30  GLY A O   1 
ATOM   242 N  N   . ALA A 1 52  ? -4.053  14.184  -0.508  1.00 12.09 ? 31  ALA A N   1 
ATOM   243 C  CA  . ALA A 1 52  ? -4.288  12.738  -0.479  1.00 10.98 ? 31  ALA A CA  1 
ATOM   244 C  C   . ALA A 1 52  ? -3.377  12.050  0.520   1.00 11.04 ? 31  ALA A C   1 
ATOM   245 O  O   . ALA A 1 52  ? -2.239  12.408  0.618   1.00 11.22 ? 31  ALA A O   1 
ATOM   246 C  CB  . ALA A 1 52  ? -4.160  12.096  -1.934  1.00 11.71 ? 31  ALA A CB  1 
ATOM   247 N  N   . ALA A 1 53  ? -3.886  11.073  1.279   1.00 10.60 ? 32  ALA A N   1 
ATOM   248 C  CA  . ALA A 1 53  ? -3.056  10.348  2.216   1.00 11.11 ? 32  ALA A CA  1 
ATOM   249 C  C   . ALA A 1 53  ? -3.734  9.037   2.459   1.00 11.54 ? 32  ALA A C   1 
ATOM   250 O  O   . ALA A 1 53  ? -4.931  8.952   2.414   1.00 11.82 ? 32  ALA A O   1 
ATOM   251 C  CB  . ALA A 1 53  ? -2.870  11.072  3.476   1.00 10.26 ? 32  ALA A CB  1 
ATOM   252 N  N   . PHE A 1 54  ? -2.947  7.993   2.675   1.00 11.83 ? 33  PHE A N   1 
ATOM   253 C  CA  . PHE A 1 54  ? -3.504  6.655   2.808   1.00 12.65 ? 33  PHE A CA  1 
ATOM   254 C  C   . PHE A 1 54  ? -2.709  5.848   3.810   1.00 12.60 ? 33  PHE A C   1 
ATOM   255 O  O   . PHE A 1 54  ? -1.535  6.116   4.046   1.00 12.89 ? 33  PHE A O   1 
ATOM   256 C  CB  . PHE A 1 54  ? -3.514  5.923   1.440   1.00 11.95 ? 33  PHE A CB  1 
ATOM   257 C  CG  . PHE A 1 54  ? -4.158  6.704   0.340   1.00 12.10 ? 33  PHE A CG  1 
ATOM   258 C  CD1 . PHE A 1 54  ? -5.537  6.701   0.184   1.00 15.34 ? 33  PHE A CD1 1 
ATOM   259 C  CD2 . PHE A 1 54  ? -3.414  7.515   -0.470  1.00 12.01 ? 33  PHE A CD2 1 
ATOM   260 C  CE1 . PHE A 1 54  ? -6.134  7.466   -0.788  1.00 14.66 ? 33  PHE A CE1 1 
ATOM   261 C  CE2 . PHE A 1 54  ? -3.998  8.261   -1.429  1.00 15.64 ? 33  PHE A CE2 1 
ATOM   262 C  CZ  . PHE A 1 54  ? -5.370  8.248   -1.598  1.00 14.49 ? 33  PHE A CZ  1 
ATOM   263 N  N   . ASN A 1 55  ? -3.354  4.830   4.341   1.00 13.47 ? 34  ASN A N   1 
ATOM   264 C  CA  . ASN A 1 55  ? -2.692  3.829   5.158   1.00 14.72 ? 34  ASN A CA  1 
ATOM   265 C  C   . ASN A 1 55  ? -2.981  2.494   4.443   1.00 14.56 ? 34  ASN A C   1 
ATOM   266 O  O   . ASN A 1 55  ? -4.113  2.265   4.091   1.00 15.49 ? 34  ASN A O   1 
ATOM   267 C  CB  . ASN A 1 55  ? -3.257  3.818   6.585   1.00 16.03 ? 34  ASN A CB  1 
ATOM   268 C  CG  . ASN A 1 55  ? -3.479  5.239   7.174   1.00 20.68 ? 34  ASN A CG  1 
ATOM   269 O  OD1 . ASN A 1 55  ? -4.619  5.609   7.516   1.00 26.53 ? 34  ASN A OD1 1 
ATOM   270 N  ND2 . ASN A 1 55  ? -2.412  6.016   7.302   1.00 18.19 ? 34  ASN A ND2 1 
ATOM   271 N  N   . ALA A 1 56  ? -1.984  1.629   4.260   1.00 13.24 ? 35  ALA A N   1 
ATOM   272 C  CA  . ALA A 1 56  ? -2.198  0.404   3.507   1.00 12.47 ? 35  ALA A CA  1 
ATOM   273 C  C   . ALA A 1 56  ? -1.802  -0.800  4.343   1.00 13.11 ? 35  ALA A C   1 
ATOM   274 O  O   . ALA A 1 56  ? -0.662  -0.898  4.743   1.00 13.89 ? 35  ALA A O   1 
ATOM   275 C  CB  . ALA A 1 56  ? -1.419  0.447   2.193   1.00 11.56 ? 35  ALA A CB  1 
ATOM   276 N  N   . TYR A 1 57  ? -2.770  -1.671  4.657   1.00 13.27 ? 36  TYR A N   1 
ATOM   277 C  CA  . TYR A 1 57  ? -2.522  -2.990  5.248   1.00 13.66 ? 36  TYR A CA  1 
ATOM   278 C  C   . TYR A 1 57  ? -2.455  -4.021  4.115   1.00 12.95 ? 36  TYR A C   1 
ATOM   279 O  O   . TYR A 1 57  ? -3.432  -4.250  3.423   1.00 12.51 ? 36  TYR A O   1 
ATOM   280 C  CB  . TYR A 1 57  ? -3.596  -3.341  6.262   1.00 15.02 ? 36  TYR A CB  1 
ATOM   281 C  CG  . TYR A 1 57  ? -3.298  -4.572  7.079   1.00 19.04 ? 36  TYR A CG  1 
ATOM   282 C  CD1 . TYR A 1 57  ? -2.594  -4.489  8.285   1.00 25.53 ? 36  TYR A CD1 1 
ATOM   283 C  CD2 . TYR A 1 57  ? -3.718  -5.820  6.662   1.00 22.18 ? 36  TYR A CD2 1 
ATOM   284 C  CE1 . TYR A 1 57  ? -2.297  -5.625  9.019   1.00 25.06 ? 36  TYR A CE1 1 
ATOM   285 C  CE2 . TYR A 1 57  ? -3.449  -6.951  7.400   1.00 24.98 ? 36  TYR A CE2 1 
ATOM   286 C  CZ  . TYR A 1 57  ? -2.742  -6.850  8.567   1.00 25.19 ? 36  TYR A CZ  1 
ATOM   287 O  OH  . TYR A 1 57  ? -2.507  -7.987  9.302   1.00 28.60 ? 36  TYR A OH  1 
ATOM   288 N  N   . ILE A 1 58  ? -1.263  -4.596  3.903   1.00 12.77 ? 37  ILE A N   1 
ATOM   289 C  CA  . ILE A 1 58  ? -0.970  -5.390  2.674   1.00 12.62 ? 37  ILE A CA  1 
ATOM   290 C  C   . ILE A 1 58  ? -0.384  -6.756  3.046   1.00 11.62 ? 37  ILE A C   1 
ATOM   291 O  O   . ILE A 1 58  ? 0.651   -6.840  3.686   1.00 11.62 ? 37  ILE A O   1 
ATOM   292 C  CB  . ILE A 1 58  ? 0.072   -4.697  1.717   1.00 11.92 ? 37  ILE A CB  1 
ATOM   293 C  CG1 . ILE A 1 58  ? -0.172  -3.194  1.646   1.00 12.14 ? 37  ILE A CG1 1 
ATOM   294 C  CG2 . ILE A 1 58  ? 0.044   -5.360  0.281   1.00 11.70 ? 37  ILE A CG2 1 
ATOM   295 C  CD1 . ILE A 1 58  ? 0.850   -2.444  0.958   1.00 13.10 ? 37  ILE A CD1 1 
ATOM   296 N  N   . VAL A 1 59  ? -1.051  -7.800  2.627   1.00 11.97 ? 38  VAL A N   1 
ATOM   297 C  CA  . VAL A 1 59  ? -0.573  -9.176  2.750   1.00 10.98 ? 38  VAL A CA  1 
ATOM   298 C  C   . VAL A 1 59  ? -0.255  -9.645  1.321   1.00 11.09 ? 38  VAL A C   1 
ATOM   299 O  O   . VAL A 1 59  ? -1.132  -9.673  0.471   1.00 9.84  ? 38  VAL A O   1 
ATOM   300 C  CB  . VAL A 1 59  ? -1.638  -10.092 3.332   1.00 12.67 ? 38  VAL A CB  1 
ATOM   301 C  CG1 . VAL A 1 59  ? -1.097  -11.572 3.504   1.00 10.51 ? 38  VAL A CG1 1 
ATOM   302 C  CG2 . VAL A 1 59  ? -2.141  -9.521  4.643   1.00 12.38 ? 38  VAL A CG2 1 
ATOM   303 N  N   . SER A 1 60  ? 1.005   -9.970  1.058   1.00 10.73 ? 39  SER A N   1 
ATOM   304 C  CA  . SER A 1 60  ? 1.456   -10.317 -0.300  1.00 11.22 ? 39  SER A CA  1 
ATOM   305 C  C   . SER A 1 60  ? 2.618   -11.289 -0.282  1.00 12.19 ? 39  SER A C   1 
ATOM   306 O  O   . SER A 1 60  ? 3.555   -11.091 0.490   1.00 12.35 ? 39  SER A O   1 
ATOM   307 C  CB  . SER A 1 60  ? 1.887   -9.077  -1.040  1.00 11.52 ? 39  SER A CB  1 
ATOM   308 O  OG  . SER A 1 60  ? 2.448   -9.406  -2.309  1.00 13.21 ? 39  SER A OG  1 
ATOM   309 N  N   . GLN A 1 61  ? 2.547   -12.358 -1.085  1.00 12.94 ? 40  GLN A N   1 
ATOM   310 C  CA  . GLN A 1 61  ? 3.698   -13.244 -1.301  1.00 13.18 ? 40  GLN A CA  1 
ATOM   311 C  C   . GLN A 1 61  ? 4.937   -12.524 -1.857  1.00 13.57 ? 40  GLN A C   1 
ATOM   312 O  O   . GLN A 1 61  ? 6.038   -13.053 -1.760  1.00 12.55 ? 40  GLN A O   1 
ATOM   313 C  CB  . GLN A 1 61  ? 3.343   -14.449 -2.214  1.00 14.88 ? 40  GLN A CB  1 
ATOM   314 N  N   . GLN A 1 62  ? 4.775   -11.331 -2.428  1.00 13.13 ? 41  GLN A N   1 
ATOM   315 C  CA  . GLN A 1 62  ? 5.908   -10.568 -2.949  1.00 13.97 ? 41  GLN A CA  1 
ATOM   316 C  C   . GLN A 1 62  ? 6.866   -10.065 -1.871  1.00 13.57 ? 41  GLN A C   1 
ATOM   317 O  O   . GLN A 1 62  ? 7.983   -9.633  -2.155  1.00 13.98 ? 41  GLN A O   1 
ATOM   318 C  CB  . GLN A 1 62  ? 5.405   -9.381  -3.777  1.00 14.63 ? 41  GLN A CB  1 
ATOM   319 C  CG  . GLN A 1 62  ? 4.678   -9.748  -5.033  1.00 16.49 ? 41  GLN A CG  1 
ATOM   320 C  CD  . GLN A 1 62  ? 5.535   -10.607 -5.918  1.00 22.05 ? 41  GLN A CD  1 
ATOM   321 O  OE1 . GLN A 1 62  ? 6.608   -10.184 -6.379  1.00 28.35 ? 41  GLN A OE1 1 
ATOM   322 N  NE2 . GLN A 1 62  ? 5.106   -11.826 -6.122  1.00 22.70 ? 41  GLN A NE2 1 
ATOM   323 N  N   . PHE A 1 63  ? 6.403   -10.070 -0.641  1.00 13.18 ? 42  PHE A N   1 
ATOM   324 C  CA  . PHE A 1 63  ? 7.235   -9.725  0.508   1.00 13.86 ? 42  PHE A CA  1 
ATOM   325 C  C   . PHE A 1 63  ? 8.061   -10.886 1.067   1.00 14.50 ? 42  PHE A C   1 
ATOM   326 O  O   . PHE A 1 63  ? 8.821   -10.684 2.005   1.00 15.75 ? 42  PHE A O   1 
ATOM   327 C  CB  . PHE A 1 63  ? 6.368   -9.201  1.646   1.00 13.11 ? 42  PHE A CB  1 
ATOM   328 C  CG  . PHE A 1 63  ? 5.510   -8.007  1.284   1.00 12.42 ? 42  PHE A CG  1 
ATOM   329 C  CD1 . PHE A 1 63  ? 6.008   -6.959  0.556   1.00 12.72 ? 42  PHE A CD1 1 
ATOM   330 C  CD2 . PHE A 1 63  ? 4.241   -7.906  1.772   1.00 11.30 ? 42  PHE A CD2 1 
ATOM   331 C  CE1 . PHE A 1 63  ? 5.202   -5.860  0.283   1.00 12.56 ? 42  PHE A CE1 1 
ATOM   332 C  CE2 . PHE A 1 63  ? 3.441   -6.846  1.500   1.00 11.37 ? 42  PHE A CE2 1 
ATOM   333 C  CZ  . PHE A 1 63  ? 3.906   -5.828  0.750   1.00 9.24  ? 42  PHE A CZ  1 
ATOM   334 N  N   . GLU A 1 64  ? 7.910   -12.103 0.537   1.00 14.91 ? 43  GLU A N   1 
ATOM   335 C  CA  . GLU A 1 64  ? 8.687   -13.233 1.026   1.00 15.74 ? 43  GLU A CA  1 
ATOM   336 C  C   . GLU A 1 64  ? 10.155  -13.029 0.652   1.00 16.59 ? 43  GLU A C   1 
ATOM   337 O  O   . GLU A 1 64  ? 10.467  -12.692 -0.475  1.00 15.83 ? 43  GLU A O   1 
ATOM   338 C  CB  . GLU A 1 64  ? 8.148   -14.564 0.495   1.00 16.27 ? 43  GLU A CB  1 
ATOM   339 C  CG  . GLU A 1 64  ? 6.720   -14.867 1.015   1.00 19.62 ? 43  GLU A CG  1 
ATOM   340 C  CD  . GLU A 1 64  ? 5.998   -16.078 0.365   1.00 23.30 ? 43  GLU A CD  1 
ATOM   341 O  OE1 . GLU A 1 64  ? 6.574   -16.726 -0.530  1.00 23.08 ? 43  GLU A OE1 1 
ATOM   342 O  OE2 . GLU A 1 64  ? 4.836   -16.352 0.761   1.00 24.70 ? 43  GLU A OE2 1 
ATOM   343 N  N   . GLY A 1 65  ? 11.053  -13.236 1.614   1.00 16.83 ? 44  GLY A N   1 
ATOM   344 C  CA  . GLY A 1 65  ? 12.482  -13.118 1.372   1.00 17.50 ? 44  GLY A CA  1 
ATOM   345 C  C   . GLY A 1 65  ? 12.963  -11.702 1.490   1.00 17.68 ? 44  GLY A C   1 
ATOM   346 O  O   . GLY A 1 65  ? 14.104  -11.418 1.139   1.00 19.89 ? 44  GLY A O   1 
ATOM   347 N  N   . LYS A 1 66  ? 12.123  -10.818 2.016   1.00 16.90 ? 45  LYS A N   1 
ATOM   348 C  CA  . LYS A 1 66  ? 12.471  -9.385  2.145   1.00 17.76 ? 45  LYS A CA  1 
ATOM   349 C  C   . LYS A 1 66  ? 12.298  -8.872  3.546   1.00 17.18 ? 45  LYS A C   1 
ATOM   350 O  O   . LYS A 1 66  ? 11.329  -9.180  4.194   1.00 15.72 ? 45  LYS A O   1 
ATOM   351 C  CB  . LYS A 1 66  ? 11.620  -8.509  1.240   1.00 16.81 ? 45  LYS A CB  1 
ATOM   352 C  CG  . LYS A 1 66  ? 11.671  -8.901  -0.180  1.00 21.39 ? 45  LYS A CG  1 
ATOM   353 C  CD  . LYS A 1 66  ? 11.028  -7.864  -1.058  1.00 25.69 ? 45  LYS A CD  1 
ATOM   354 C  CE  . LYS A 1 66  ? 11.331  -8.144  -2.503  1.00 28.01 ? 45  LYS A CE  1 
ATOM   355 N  NZ  . LYS A 1 66  ? 11.572  -6.829  -3.136  1.00 33.44 ? 45  LYS A NZ  1 
ATOM   356 N  N   . GLY A 1 67  ? 13.257  -8.081  4.001   1.00 19.13 ? 46  GLY A N   1 
ATOM   357 C  CA  . GLY A 1 67  ? 13.106  -7.322  5.246   1.00 19.97 ? 46  GLY A CA  1 
ATOM   358 C  C   . GLY A 1 67  ? 12.113  -6.176  5.111   1.00 19.29 ? 46  GLY A C   1 
ATOM   359 O  O   . GLY A 1 67  ? 11.663  -5.848  4.027   1.00 17.56 ? 46  GLY A O   1 
ATOM   360 N  N   . LEU A 1 68  ? 11.782  -5.536  6.226   1.00 20.72 ? 47  LEU A N   1 
ATOM   361 C  CA  . LEU A 1 68  ? 10.740  -4.517  6.213   1.00 20.82 ? 47  LEU A CA  1 
ATOM   362 C  C   . LEU A 1 68  ? 11.067  -3.275  5.372   1.00 19.88 ? 47  LEU A C   1 
ATOM   363 O  O   . LEU A 1 68  ? 10.187  -2.815  4.683   1.00 19.34 ? 47  LEU A O   1 
ATOM   364 C  CB  . LEU A 1 68  ? 10.302  -4.138  7.620   1.00 21.93 ? 47  LEU A CB  1 
ATOM   365 C  CG  . LEU A 1 68  ? 9.875   -5.271  8.555   1.00 23.12 ? 47  LEU A CG  1 
ATOM   366 C  CD1 . LEU A 1 68  ? 9.312   -4.646  9.844   1.00 27.47 ? 47  LEU A CD1 1 
ATOM   367 C  CD2 . LEU A 1 68  ? 8.868   -6.234  7.926   1.00 22.51 ? 47  LEU A CD2 1 
ATOM   368 N  N   . LEU A 1 69  ? 12.305  -2.786  5.361   1.00 21.27 ? 48  LEU A N   1 
ATOM   369 C  CA  . LEU A 1 69  ? 12.640  -1.649  4.491   1.00 21.72 ? 48  LEU A CA  1 
ATOM   370 C  C   . LEU A 1 69  ? 12.537  -2.031  3.010   1.00 20.12 ? 48  LEU A C   1 
ATOM   371 O  O   . LEU A 1 69  ? 12.054  -1.250  2.210   1.00 17.94 ? 48  LEU A O   1 
ATOM   372 C  CB  . LEU A 1 69  ? 14.021  -1.057  4.769   1.00 24.17 ? 48  LEU A CB  1 
ATOM   373 C  CG  . LEU A 1 69  ? 14.201  0.423   4.318   1.00 27.08 ? 48  LEU A CG  1 
ATOM   374 C  CD1 . LEU A 1 69  ? 13.147  1.377   4.867   1.00 31.25 ? 48  LEU A CD1 1 
ATOM   375 C  CD2 . LEU A 1 69  ? 15.562  0.901   4.744   1.00 34.31 ? 48  LEU A CD2 1 
ATOM   376 N  N   . ASP A 1 70  ? 12.957  -3.241  2.660   1.00 18.74 ? 49  ASP A N   1 
ATOM   377 C  CA  . ASP A 1 70  ? 12.813  -3.691  1.285   1.00 18.80 ? 49  ASP A CA  1 
ATOM   378 C  C   . ASP A 1 70  ? 11.346  -3.916  0.862   1.00 17.77 ? 49  ASP A C   1 
ATOM   379 O  O   . ASP A 1 70  ? 10.974  -3.726  -0.319  1.00 17.39 ? 49  ASP A O   1 
ATOM   380 C  CB  . ASP A 1 70  ? 13.661  -4.933  1.055   1.00 20.54 ? 49  ASP A CB  1 
ATOM   381 C  CG  . ASP A 1 70  ? 15.106  -4.591  0.698   1.00 22.69 ? 49  ASP A CG  1 
ATOM   382 O  OD1 . ASP A 1 70  ? 15.361  -3.452  0.253   1.00 21.91 ? 49  ASP A OD1 1 
ATOM   383 O  OD2 . ASP A 1 70  ? 15.959  -5.491  0.825   1.00 25.06 ? 49  ASP A OD2 1 
ATOM   384 N  N   . ARG A 1 71  ? 10.501  -4.312  1.812   1.00 16.84 ? 50  ARG A N   1 
ATOM   385 C  CA  . ARG A 1 71  ? 9.037   -4.351  1.588   1.00 15.21 ? 50  ARG A CA  1 
ATOM   386 C  C   . ARG A 1 71  ? 8.459   -2.961  1.299   1.00 15.07 ? 50  ARG A C   1 
ATOM   387 O  O   . ARG A 1 71  ? 7.696   -2.769  0.348   1.00 15.03 ? 50  ARG A O   1 
ATOM   388 C  CB  . ARG A 1 71  ? 8.348   -4.961  2.803   1.00 14.31 ? 50  ARG A CB  1 
ATOM   389 C  CG  . ARG A 1 71  ? 8.723   -6.420  3.010   1.00 15.33 ? 50  ARG A CG  1 
ATOM   390 C  CD  . ARG A 1 71  ? 8.043   -7.001  4.240   1.00 14.05 ? 50  ARG A CD  1 
ATOM   391 N  NE  . ARG A 1 71  ? 8.605   -8.316  4.510   1.00 17.07 ? 50  ARG A NE  1 
ATOM   392 C  CZ  . ARG A 1 71  ? 8.013   -9.252  5.231   1.00 16.20 ? 50  ARG A CZ  1 
ATOM   393 N  NH1 . ARG A 1 71  ? 6.832   -9.028  5.753   1.00 17.21 ? 50  ARG A NH1 1 
ATOM   394 N  NH2 . ARG A 1 71  ? 8.594   -10.433 5.380   1.00 21.63 ? 50  ARG A NH2 1 
ATOM   395 N  N   . GLN A 1 72  ? 8.825   -1.988  2.124   1.00 16.10 ? 51  GLN A N   1 
ATOM   396 C  CA  . GLN A 1 72  ? 8.377   -0.612  1.932   1.00 17.18 ? 51  GLN A CA  1 
ATOM   397 C  C   . GLN A 1 72  ? 8.799   -0.065  0.603   1.00 16.88 ? 51  GLN A C   1 
ATOM   398 O  O   . GLN A 1 72  ? 7.999   0.535   -0.115  1.00 16.54 ? 51  GLN A O   1 
ATOM   399 C  CB  . GLN A 1 72  ? 8.887   0.275   3.032   1.00 18.41 ? 51  GLN A CB  1 
ATOM   400 C  CG  . GLN A 1 72  ? 8.260   -0.023  4.371   1.00 22.58 ? 51  GLN A CG  1 
ATOM   401 C  CD  . GLN A 1 72  ? 8.832   0.880   5.461   1.00 29.91 ? 51  GLN A CD  1 
ATOM   402 O  OE1 . GLN A 1 72  ? 8.991   2.090   5.271   1.00 36.86 ? 51  GLN A OE1 1 
ATOM   403 N  NE2 . GLN A 1 72  ? 9.179   0.285   6.588   1.00 34.34 ? 51  GLN A NE2 1 
ATOM   404 N  N   . ARG A 1 73  ? 10.038  -0.335  0.224   1.00 17.55 ? 52  ARG A N   1 
ATOM   405 C  CA  . ARG A 1 73  ? 10.476  0.025   -1.119  1.00 17.65 ? 52  ARG A CA  1 
ATOM   406 C  C   . ARG A 1 73  ? 9.625   -0.529  -2.244  1.00 17.44 ? 52  ARG A C   1 
ATOM   407 O  O   . ARG A 1 73  ? 9.306   0.167   -3.222  1.00 18.55 ? 52  ARG A O   1 
ATOM   408 C  CB  . ARG A 1 73  ? 11.927  -0.375  -1.286  1.00 18.26 ? 52  ARG A CB  1 
ATOM   409 C  CG  . ARG A 1 73  ? 12.802  0.486   -0.462  1.00 17.96 ? 52  ARG A CG  1 
ATOM   410 C  CD  . ARG A 1 73  ? 14.127  -0.128  -0.250  1.00 21.70 ? 52  ARG A CD  1 
ATOM   411 N  NE  . ARG A 1 73  ? 15.061  0.871   0.185   1.00 23.10 ? 52  ARG A NE  1 
ATOM   412 C  CZ  . ARG A 1 73  ? 16.209  0.642   0.792   1.00 28.81 ? 52  ARG A CZ  1 
ATOM   413 N  NH1 . ARG A 1 73  ? 16.584  -0.585  1.102   1.00 32.16 ? 52  ARG A NH1 1 
ATOM   414 N  NH2 . ARG A 1 73  ? 16.988  1.665   1.102   1.00 31.30 ? 52  ARG A NH2 1 
ATOM   415 N  N   . LEU A 1 74  ? 9.250   -1.791  -2.120  1.00 17.68 ? 53  LEU A N   1 
ATOM   416 C  CA  . LEU A 1 74  ? 8.437   -2.417  -3.134  1.00 17.43 ? 53  LEU A CA  1 
ATOM   417 C  C   . LEU A 1 74  ? 7.059   -1.754  -3.249  1.00 14.98 ? 53  LEU A C   1 
ATOM   418 O  O   . LEU A 1 74  ? 6.540   -1.572  -4.323  1.00 14.55 ? 53  LEU A O   1 
ATOM   419 C  CB  . LEU A 1 74  ? 8.306   -3.898  -2.792  1.00 18.64 ? 53  LEU A CB  1 
ATOM   420 C  CG  . LEU A 1 74  ? 7.813   -4.899  -3.821  1.00 21.66 ? 53  LEU A CG  1 
ATOM   421 C  CD1 . LEU A 1 74  ? 8.707   -4.939  -5.034  1.00 25.22 ? 53  LEU A CD1 1 
ATOM   422 C  CD2 . LEU A 1 74  ? 7.750   -6.267  -3.152  1.00 21.03 ? 53  LEU A CD2 1 
ATOM   423 N  N   . VAL A 1 75  ? 6.446   -1.451  -2.129  1.00 13.89 ? 54  VAL A N   1 
ATOM   424 C  CA  . VAL A 1 75  ? 5.146   -0.769  -2.129  1.00 14.13 ? 54  VAL A CA  1 
ATOM   425 C  C   . VAL A 1 75  ? 5.242   0.617   -2.710  1.00 14.09 ? 54  VAL A C   1 
ATOM   426 O  O   . VAL A 1 75  ? 4.417   1.005   -3.541  1.00 15.53 ? 54  VAL A O   1 
ATOM   427 C  CB  . VAL A 1 75  ? 4.549   -0.758  -0.735  1.00 13.41 ? 54  VAL A CB  1 
ATOM   428 C  CG1 . VAL A 1 75  ? 3.223   0.015   -0.705  1.00 13.39 ? 54  VAL A CG1 1 
ATOM   429 C  CG2 . VAL A 1 75  ? 4.387   -2.208  -0.284  1.00 15.59 ? 54  VAL A CG2 1 
ATOM   430 N  N   . ASN A 1 76  ? 6.277   1.359   -2.341  1.00 15.57 ? 55  ASN A N   1 
ATOM   431 C  CA  . ASN A 1 76  ? 6.456   2.708   -2.874  1.00 15.22 ? 55  ASN A CA  1 
ATOM   432 C  C   . ASN A 1 76  ? 6.736   2.677   -4.350  1.00 15.80 ? 55  ASN A C   1 
ATOM   433 O  O   . ASN A 1 76  ? 6.272   3.515   -5.079  1.00 14.62 ? 55  ASN A O   1 
ATOM   434 C  CB  . ASN A 1 76  ? 7.593   3.393   -2.188  1.00 16.13 ? 55  ASN A CB  1 
ATOM   435 C  CG  . ASN A 1 76  ? 7.307   3.695   -0.762  1.00 17.10 ? 55  ASN A CG  1 
ATOM   436 O  OD1 . ASN A 1 76  ? 6.157   3.868   -0.349  1.00 16.12 ? 55  ASN A OD1 1 
ATOM   437 N  ND2 . ASN A 1 76  ? 8.357   3.789   0.005   1.00 17.85 ? 55  ASN A ND2 1 
ATOM   438 N  N   . SER A 1 77  ? 7.452   1.659   -4.814  1.00 17.12 ? 56  SER A N   1 
ATOM   439 C  CA  . SER A 1 77  ? 7.668   1.523   -6.240  1.00 17.87 ? 56  SER A CA  1 
ATOM   440 C  C   . SER A 1 77  ? 6.374   1.257   -7.058  1.00 16.98 ? 56  SER A C   1 
ATOM   441 O  O   . SER A 1 77  ? 6.297   1.644   -8.200  1.00 17.14 ? 56  SER A O   1 
ATOM   442 C  CB  . SER A 1 77  ? 8.763   0.507   -6.530  1.00 19.49 ? 56  SER A CB  1 
ATOM   443 O  OG  . SER A 1 77  ? 8.185   -0.699  -6.906  1.00 23.21 ? 56  SER A OG  1 
ATOM   444 N  N   . ALA A 1 78  ? 5.390   0.586   -6.470  1.00 16.80 ? 57  ALA A N   1 
ATOM   445 C  CA  . ALA A 1 78  ? 4.065   0.413   -7.080  1.00 16.84 ? 57  ALA A CA  1 
ATOM   446 C  C   . ALA A 1 78  ? 3.325   1.720   -7.339  1.00 17.18 ? 57  ALA A C   1 
ATOM   447 O  O   . ALA A 1 78  ? 2.593   1.872   -8.339  1.00 17.25 ? 57  ALA A O   1 
ATOM   448 C  CB  . ALA A 1 78  ? 3.231   -0.519  -6.196  1.00 15.88 ? 57  ALA A CB  1 
ATOM   449 N  N   . ILE A 1 79  ? 3.541   2.691   -6.462  1.00 17.22 ? 58  ILE A N   1 
ATOM   450 C  CA  . ILE A 1 79  ? 2.834   3.973   -6.515  1.00 17.15 ? 58  ILE A CA  1 
ATOM   451 C  C   . ILE A 1 79  ? 3.797   5.121   -6.768  1.00 17.16 ? 58  ILE A C   1 
ATOM   452 O  O   . ILE A 1 79  ? 3.498   6.280   -6.369  1.00 17.12 ? 58  ILE A O   1 
ATOM   453 C  CB  . ILE A 1 79  ? 2.016   4.257   -5.215  1.00 16.85 ? 58  ILE A CB  1 
ATOM   454 C  CG1 . ILE A 1 79  ? 2.920   4.200   -3.963  1.00 17.34 ? 58  ILE A CG1 1 
ATOM   455 C  CG2 . ILE A 1 79  ? 0.818   3.274   -5.003  1.00 16.77 ? 58  ILE A CG2 1 
ATOM   456 C  CD1 . ILE A 1 79  ? 2.245   4.725   -2.676  1.00 17.78 ? 58  ILE A CD1 1 
ATOM   457 N  N   . ALA A 1 80  ? 4.912   4.833   -7.470  1.00 17.82 ? 59  ALA A N   1 
ATOM   458 C  CA  . ALA A 1 80  ? 5.969   5.828   -7.738  1.00 17.57 ? 59  ALA A CA  1 
ATOM   459 C  C   . ALA A 1 80  ? 5.443   7.026   -8.471  1.00 17.82 ? 59  ALA A C   1 
ATOM   460 O  O   . ALA A 1 80  ? 5.777   8.124   -8.115  1.00 16.99 ? 59  ALA A O   1 
ATOM   461 C  CB  . ALA A 1 80  ? 7.187   5.208   -8.516  1.00 18.81 ? 59  ALA A CB  1 
ATOM   462 N  N   . ALA A 1 81  ? 4.576   6.813   -9.464  1.00 19.24 ? 60  ALA A N   1 
ATOM   463 C  CA  . ALA A 1 81  ? 4.032   7.881   -10.295 1.00 20.17 ? 60  ALA A CA  1 
ATOM   464 C  C   . ALA A 1 81  ? 3.145   8.827   -9.513  1.00 19.98 ? 60  ALA A C   1 
ATOM   465 O  O   . ALA A 1 81  ? 3.109   10.015  -9.779  1.00 20.15 ? 60  ALA A O   1 
ATOM   466 C  CB  . ALA A 1 81  ? 3.249   7.273   -11.451 1.00 21.49 ? 60  ALA A CB  1 
ATOM   467 N  N   . GLU A 1 82  ? 2.478   8.297   -8.499  1.00 19.72 ? 61  GLU A N   1 
ATOM   468 C  CA  . GLU A 1 82  ? 1.483   9.029   -7.694  1.00 19.50 ? 61  GLU A CA  1 
ATOM   469 C  C   . GLU A 1 82  ? 2.059   9.711   -6.465  1.00 18.45 ? 61  GLU A C   1 
ATOM   470 O  O   . GLU A 1 82  ? 1.432   10.634  -5.933  1.00 18.59 ? 61  GLU A O   1 
ATOM   471 C  CB  . GLU A 1 82  ? 0.382   8.059   -7.257  1.00 19.67 ? 61  GLU A CB  1 
ATOM   472 C  CG  . GLU A 1 82  ? -0.524  7.612   -8.391  1.00 22.31 ? 61  GLU A CG  1 
ATOM   473 C  CD  . GLU A 1 82  ? 0.031   6.454   -9.189  1.00 27.55 ? 61  GLU A CD  1 
ATOM   474 O  OE1 . GLU A 1 82  ? 0.840   5.643   -8.660  1.00 29.89 ? 61  GLU A OE1 1 
ATOM   475 O  OE2 . GLU A 1 82  ? -0.340  6.357   -10.377 1.00 29.48 ? 61  GLU A OE2 1 
ATOM   476 N  N   . MET A 1 83  ? 3.270   9.315   -6.060  1.00 17.89 ? 62  MET A N   1 
ATOM   477 C  CA  . MET A 1 83  ? 3.858   9.696   -4.775  1.00 18.86 ? 62  MET A CA  1 
ATOM   478 C  C   . MET A 1 83  ? 4.016   11.205  -4.566  1.00 19.32 ? 62  MET A C   1 
ATOM   479 O  O   . MET A 1 83  ? 3.802   11.714  -3.450  1.00 19.36 ? 62  MET A O   1 
ATOM   480 C  CB  . MET A 1 83  ? 5.209   9.013   -4.570  1.00 20.66 ? 62  MET A CB  1 
ATOM   481 C  CG  . MET A 1 83  ? 5.664   9.002   -3.124  1.00 24.34 ? 62  MET A CG  1 
ATOM   482 S  SD  . MET A 1 83  ? 4.553   7.940   -2.209  0.99 32.30 ? 62  MET A SD  1 
ATOM   483 C  CE  . MET A 1 83  ? 4.250   8.810   -0.700  1.00 26.29 ? 62  MET A CE  1 
ATOM   484 N  N   . PRO A 1 84  ? 4.350   11.932  -5.629  1.00 19.81 ? 63  PRO A N   1 
ATOM   485 C  CA  . PRO A 1 84  ? 4.500   13.366  -5.430  1.00 20.60 ? 63  PRO A CA  1 
ATOM   486 C  C   . PRO A 1 84  ? 3.203   14.033  -5.014  1.00 20.23 ? 63  PRO A C   1 
ATOM   487 O  O   . PRO A 1 84  ? 3.250   15.059  -4.365  1.00 23.06 ? 63  PRO A O   1 
ATOM   488 C  CB  . PRO A 1 84  ? 4.944   13.867  -6.796  1.00 20.64 ? 63  PRO A CB  1 
ATOM   489 C  CG  . PRO A 1 84  ? 5.612   12.712  -7.398  1.00 22.05 ? 63  PRO A CG  1 
ATOM   490 C  CD  . PRO A 1 84  ? 4.840   11.514  -6.951  1.00 20.71 ? 63  PRO A CD  1 
ATOM   491 N  N   . GLN A 1 85  ? 2.082   13.423  -5.399  1.00 20.59 ? 64  GLN A N   1 
ATOM   492 C  CA  . GLN A 1 85  ? 0.705   13.873  -5.086  1.00 20.47 ? 64  GLN A CA  1 
ATOM   493 C  C   . GLN A 1 85  ? 0.156   13.298  -3.787  1.00 18.31 ? 64  GLN A C   1 
ATOM   494 O  O   . GLN A 1 85  ? -0.981  13.521  -3.475  1.00 20.70 ? 64  GLN A O   1 
ATOM   495 C  CB  . GLN A 1 85  ? -0.245  13.459  -6.218  1.00 21.33 ? 64  GLN A CB  1 
ATOM   496 C  CG  . GLN A 1 85  ? 0.046   14.132  -7.488  1.00 25.06 ? 64  GLN A CG  1 
ATOM   497 C  CD  . GLN A 1 85  ? -0.850  13.733  -8.614  1.00 28.84 ? 64  GLN A CD  1 
ATOM   498 O  OE1 . GLN A 1 85  ? -2.053  13.958  -8.573  1.00 36.80 ? 64  GLN A OE1 1 
ATOM   499 N  NE2 . GLN A 1 85  ? -0.272  13.193  -9.655  1.00 31.64 ? 64  GLN A NE2 1 
ATOM   500 N  N   . ILE A 1 86  ? 0.951   12.549  -3.026  1.00 15.53 ? 65  ILE A N   1 
ATOM   501 C  CA  . ILE A 1 86  ? 0.466   11.939  -1.817  1.00 14.06 ? 65  ILE A CA  1 
ATOM   502 C  C   . ILE A 1 86  ? 1.124   12.626  -0.628  1.00 13.86 ? 65  ILE A C   1 
ATOM   503 O  O   . ILE A 1 86  ? 2.333   12.566  -0.491  1.00 13.76 ? 65  ILE A O   1 
ATOM   504 C  CB  . ILE A 1 86  ? 0.743   10.418  -1.807  1.00 13.60 ? 65  ILE A CB  1 
ATOM   505 C  CG1 . ILE A 1 86  ? -0.108  9.724   -2.893  1.00 13.52 ? 65  ILE A CG1 1 
ATOM   506 C  CG2 . ILE A 1 86  ? 0.381   9.783   -0.462  1.00 13.37 ? 65  ILE A CG2 1 
ATOM   507 C  CD1 . ILE A 1 86  ? 0.212   8.234   -3.122  1.00 11.32 ? 65  ILE A CD1 1 
ATOM   508 N  N   . HIS A 1 87  ? 0.317   13.244  0.242   1.00 12.71 ? 66  HIS A N   1 
ATOM   509 C  CA  . HIS A 1 87  ? 0.819   13.948  1.415   1.00 12.77 ? 66  HIS A CA  1 
ATOM   510 C  C   . HIS A 1 87  ? 1.533   12.980  2.369   1.00 13.14 ? 66  HIS A C   1 
ATOM   511 O  O   . HIS A 1 87  ? 2.670   13.252  2.867   1.00 13.49 ? 66  HIS A O   1 
ATOM   512 C  CB  . HIS A 1 87  ? -0.350  14.681  2.151   1.00 12.22 ? 66  HIS A CB  1 
ATOM   513 C  CG  . HIS A 1 87  ? -0.021  15.083  3.553   1.00 12.13 ? 66  HIS A CG  1 
ATOM   514 N  ND1 . HIS A 1 87  ? 0.918   16.048  3.849   1.00 12.01 ? 66  HIS A ND1 1 
ATOM   515 C  CD2 . HIS A 1 87  ? -0.482  14.627  4.743   1.00 11.12 ? 66  HIS A CD2 1 
ATOM   516 C  CE1 . HIS A 1 87  ? 1.006   16.177  5.157   1.00 14.30 ? 66  HIS A CE1 1 
ATOM   517 N  NE2 . HIS A 1 87  ? 0.172   15.324  5.725   1.00 11.86 ? 66  HIS A NE2 1 
ATOM   518 N  N   . ALA A 1 88  ? 0.859   11.867  2.650   1.00 13.40 ? 67  ALA A N   1 
ATOM   519 C  CA  . ALA A 1 88  ? 1.395   10.831  3.526   1.00 13.94 ? 67  ALA A CA  1 
ATOM   520 C  C   . ALA A 1 88  ? 0.919   9.458   3.091   1.00 14.35 ? 67  ALA A C   1 
ATOM   521 O  O   . ALA A 1 88  ? -0.215  9.272   2.656   1.00 13.90 ? 67  ALA A O   1 
ATOM   522 C  CB  . ALA A 1 88  ? 0.945   11.066  4.989   1.00 14.66 ? 67  ALA A CB  1 
ATOM   523 N  N   . PHE A 1 89  ? 1.794   8.478   3.263   1.00 15.62 ? 68  PHE A N   1 
ATOM   524 C  CA  . PHE A 1 89  ? 1.481   7.107   2.987   1.00 15.16 ? 68  PHE A CA  1 
ATOM   525 C  C   . PHE A 1 89  ? 2.177   6.252   4.021   1.00 15.94 ? 68  PHE A C   1 
ATOM   526 O  O   . PHE A 1 89  ? 3.404   6.360   4.221   1.00 18.81 ? 68  PHE A O   1 
ATOM   527 C  CB  . PHE A 1 89  ? 1.887   6.738   1.570   1.00 14.97 ? 68  PHE A CB  1 
ATOM   528 C  CG  . PHE A 1 89  ? 1.368   5.390   1.141   1.00 16.93 ? 68  PHE A CG  1 
ATOM   529 C  CD1 . PHE A 1 89  ? 0.150   5.267   0.515   1.00 18.86 ? 68  PHE A CD1 1 
ATOM   530 C  CD2 . PHE A 1 89  ? 2.125   4.232   1.372   1.00 19.80 ? 68  PHE A CD2 1 
ATOM   531 C  CE1 . PHE A 1 89  ? -0.344  4.013   0.118   1.00 20.35 ? 68  PHE A CE1 1 
ATOM   532 C  CE2 . PHE A 1 89  ? 1.656   2.993   0.964   1.00 23.29 ? 68  PHE A CE2 1 
ATOM   533 C  CZ  . PHE A 1 89  ? 0.380   2.890   0.349   1.00 20.93 ? 68  PHE A CZ  1 
ATOM   534 N  N   . THR A 1 90  ? 1.380   5.474   4.739   1.00 15.04 ? 69  THR A N   1 
ATOM   535 C  CA  . THR A 1 90  ? 1.872   4.537   5.712   1.00 14.92 ? 69  THR A CA  1 
ATOM   536 C  C   . THR A 1 90  ? 1.376   3.135   5.335   1.00 13.95 ? 69  THR A C   1 
ATOM   537 O  O   . THR A 1 90  ? 0.415   2.959   4.579   1.00 12.80 ? 69  THR A O   1 
ATOM   538 C  CB  . THR A 1 90  ? 1.426   4.861   7.135   1.00 15.45 ? 69  THR A CB  1 
ATOM   539 O  OG1 . THR A 1 90  ? 0.009   4.725   7.228   1.00 16.44 ? 69  THR A OG1 1 
ATOM   540 C  CG2 . THR A 1 90  ? 1.836   6.275   7.559   1.00 16.07 ? 69  THR A CG2 1 
ATOM   541 N  N   . MET A 1 91  ? 2.064   2.124   5.872   1.00 14.72 ? 70  MET A N   1 
ATOM   542 C  CA  . MET A 1 91  ? 1.801   0.743   5.487   1.00 13.47 ? 70  MET A CA  1 
ATOM   543 C  C   . MET A 1 91  ? 2.251   -0.270  6.540   1.00 13.76 ? 70  MET A C   1 
ATOM   544 O  O   . MET A 1 91  ? 3.098   0.020   7.413   1.00 13.54 ? 70  MET A O   1 
ATOM   545 C  CB  . MET A 1 91  ? 2.458   0.448   4.135   1.00 14.07 ? 70  MET A CB  1 
ATOM   546 C  CG  . MET A 1 91  ? 3.954   0.246   4.207   1.00 15.89 ? 70  MET A CG  1 
ATOM   547 S  SD  . MET A 1 91  ? 4.756   0.110   2.647   0.71 13.11 ? 70  MET A SD  1 
ATOM   548 C  CE  . MET A 1 91  ? 4.957   1.828   2.267   1.00 15.39 ? 70  MET A CE  1 
ATOM   549 N  N   . LYS A 1 92  ? 1.619   -1.440  6.476   1.00 14.03 ? 71  LYS A N   1 
ATOM   550 C  CA  . LYS A 1 92  ? 2.040   -2.626  7.217   1.00 14.24 ? 71  LYS A CA  1 
ATOM   551 C  C   . LYS A 1 92  ? 2.081   -3.757  6.186   1.00 14.88 ? 71  LYS A C   1 
ATOM   552 O  O   . LYS A 1 92  ? 1.109   -3.960  5.461   1.00 13.79 ? 71  LYS A O   1 
ATOM   553 C  CB  . LYS A 1 92  ? 1.051   -2.934  8.339   1.00 15.41 ? 71  LYS A CB  1 
ATOM   554 N  N   . CYS A 1 93  ? 3.249   -4.395  6.039   1.00 14.96 ? 72  CYS A N   1 
ATOM   555 C  CA  . CYS A 1 93  ? 3.529   -5.358  4.960   1.00 14.74 ? 72  CYS A CA  1 
ATOM   556 C  C   . CYS A 1 93  ? 3.794   -6.764  5.589   1.00 15.02 ? 72  CYS A C   1 
ATOM   557 O  O   . CYS A 1 93  ? 4.761   -6.969  6.289   1.00 16.34 ? 72  CYS A O   1 
ATOM   558 C  CB  . CYS A 1 93  ? 4.753   -4.956  4.138   1.00 14.19 ? 72  CYS A CB  1 
ATOM   559 S  SG  . CYS A 1 93  ? 4.745   -3.331  3.412   1.00 17.62 ? 72  CYS A SG  1 
ATOM   560 N  N   . LEU A 1 94  ? 2.934   -7.703  5.315   1.00 14.48 ? 73  LEU A N   1 
ATOM   561 C  CA  . LEU A 1 94  ? 3.090   -9.056  5.808   1.00 15.67 ? 73  LEU A CA  1 
ATOM   562 C  C   . LEU A 1 94  ? 3.093   -10.027 4.649   1.00 14.58 ? 73  LEU A C   1 
ATOM   563 O  O   . LEU A 1 94  ? 2.412   -9.826  3.637   1.00 13.41 ? 73  LEU A O   1 
ATOM   564 C  CB  . LEU A 1 94  ? 1.918   -9.410  6.723   1.00 16.99 ? 73  LEU A CB  1 
ATOM   565 C  CG  . LEU A 1 94  ? 1.727   -8.718  8.086   1.00 19.51 ? 73  LEU A CG  1 
ATOM   566 C  CD1 . LEU A 1 94  ? 1.190   -7.360  7.852   1.00 20.91 ? 73  LEU A CD1 1 
ATOM   567 C  CD2 . LEU A 1 94  ? 0.728   -9.509  8.949   1.00 24.83 ? 73  LEU A CD2 1 
ATOM   568 N  N   . THR A 1 95  ? 3.799   -11.126 4.826   1.00 14.91 ? 74  THR A N   1 
ATOM   569 C  CA  . THR A 1 95  ? 3.629   -12.256 3.949   1.00 15.37 ? 74  THR A CA  1 
ATOM   570 C  C   . THR A 1 95  ? 2.359   -13.001 4.381   1.00 16.19 ? 74  THR A C   1 
ATOM   571 O  O   . THR A 1 95  ? 1.901   -12.862 5.537   1.00 16.24 ? 74  THR A O   1 
ATOM   572 C  CB  . THR A 1 95  ? 4.843   -13.213 4.006   1.00 16.15 ? 74  THR A CB  1 
ATOM   573 O  OG1 . THR A 1 95  ? 4.900   -13.832 5.297   1.00 18.68 ? 74  THR A OG1 1 
ATOM   574 C  CG2 . THR A 1 95  ? 6.151   -12.485 3.712   1.00 15.17 ? 74  THR A CG2 1 
ATOM   575 N  N   . PRO A 1 96  ? 1.796   -13.809 3.471   1.00 16.55 ? 75  PRO A N   1 
ATOM   576 C  CA  . PRO A 1 96  ? 0.600   -14.557 3.870   1.00 17.64 ? 75  PRO A CA  1 
ATOM   577 C  C   . PRO A 1 96  ? 0.900   -15.518 5.017   1.00 19.22 ? 75  PRO A C   1 
ATOM   578 O  O   . PRO A 1 96  ? 0.014   -15.728 5.831   1.00 17.88 ? 75  PRO A O   1 
ATOM   579 C  CB  . PRO A 1 96  ? 0.160   -15.292 2.598   1.00 17.72 ? 75  PRO A CB  1 
ATOM   580 C  CG  . PRO A 1 96  ? 1.166   -15.052 1.596   1.00 16.86 ? 75  PRO A CG  1 
ATOM   581 C  CD  . PRO A 1 96  ? 2.144   -14.018 2.059   1.00 16.64 ? 75  PRO A CD  1 
ATOM   582 N  N   . GLY A 1 97  ? 2.153   -16.016 5.099   1.00 19.81 ? 76  GLY A N   1 
ATOM   583 C  CA  . GLY A 1 97  ? 2.624   -16.788 6.234   1.00 21.49 ? 76  GLY A CA  1 
ATOM   584 C  C   . GLY A 1 97  ? 2.653   -16.089 7.584   1.00 22.15 ? 76  GLY A C   1 
ATOM   585 O  O   . GLY A 1 97  ? 2.261   -16.674 8.616   1.00 22.44 ? 76  GLY A O   1 
ATOM   586 N  N   . GLU A 1 98  ? 3.153   -14.858 7.589   1.00 21.89 ? 77  GLU A N   1 
ATOM   587 C  CA  . GLU A 1 98  ? 3.159   -14.037 8.775   1.00 22.45 ? 77  GLU A CA  1 
ATOM   588 C  C   . GLU A 1 98  ? 1.747   -13.641 9.179   1.00 23.51 ? 77  GLU A C   1 
ATOM   589 O  O   . GLU A 1 98  ? 1.440   -13.583 10.352  1.00 24.04 ? 77  GLU A O   1 
ATOM   590 C  CB  . GLU A 1 98  ? 3.980   -12.787 8.529   1.00 22.05 ? 77  GLU A CB  1 
ATOM   591 C  CG  . GLU A 1 98  ? 5.487   -13.043 8.378   1.00 22.51 ? 77  GLU A CG  1 
ATOM   592 C  CD  . GLU A 1 98  ? 6.199   -11.935 7.641   1.00 21.78 ? 77  GLU A CD  1 
ATOM   593 O  OE1 . GLU A 1 98  ? 5.549   -10.913 7.356   1.00 16.67 ? 77  GLU A OE1 1 
ATOM   594 O  OE2 . GLU A 1 98  ? 7.409   -12.100 7.296   1.00 19.20 ? 77  GLU A OE2 1 
ATOM   595 N  N   . TRP A 1 99  ? 0.901   -13.328 8.193   1.00 23.12 ? 78  TRP A N   1 
ATOM   596 C  CA  . TRP A 1 99  ? -0.510  -12.974 8.429   1.00 23.59 ? 78  TRP A CA  1 
ATOM   597 C  C   . TRP A 1 99  ? -1.242  -14.088 9.136   1.00 25.78 ? 78  TRP A C   1 
ATOM   598 O  O   . TRP A 1 99  ? -1.946  -13.857 10.121  1.00 26.26 ? 78  TRP A O   1 
ATOM   599 C  CB  . TRP A 1 99  ? -1.201  -12.681 7.091   1.00 22.39 ? 78  TRP A CB  1 
ATOM   600 C  CG  . TRP A 1 99  ? -2.577  -12.132 7.150   1.00 20.09 ? 78  TRP A CG  1 
ATOM   601 C  CD1 . TRP A 1 99  ? -2.989  -11.002 7.798   1.00 22.26 ? 78  TRP A CD1 1 
ATOM   602 C  CD2 . TRP A 1 99  ? -3.691  -12.600 6.428   1.00 20.40 ? 78  TRP A CD2 1 
ATOM   603 N  NE1 . TRP A 1 99  ? -4.298  -10.770 7.558   1.00 22.89 ? 78  TRP A NE1 1 
ATOM   604 C  CE2 . TRP A 1 99  ? -4.764  -11.744 6.721   1.00 21.98 ? 78  TRP A CE2 1 
ATOM   605 C  CE3 . TRP A 1 99  ? -3.892  -13.669 5.552   1.00 21.50 ? 78  TRP A CE3 1 
ATOM   606 C  CZ2 . TRP A 1 99  ? -6.022  -11.913 6.170   1.00 25.27 ? 78  TRP A CZ2 1 
ATOM   607 C  CZ3 . TRP A 1 99  ? -5.140  -13.844 5.013   1.00 24.50 ? 78  TRP A CZ3 1 
ATOM   608 C  CH2 . TRP A 1 99  ? -6.199  -12.972 5.329   1.00 24.24 ? 78  TRP A CH2 1 
ATOM   609 N  N   . GLU A 1 100 ? -1.103  -15.288 8.614   1.00 27.50 ? 79  GLU A N   1 
ATOM   610 C  CA  . GLU A 1 100 ? -1.700  -16.453 9.264   1.00 30.48 ? 79  GLU A CA  1 
ATOM   611 C  C   . GLU A 1 100 ? -1.122  -16.630 10.699  1.00 33.05 ? 79  GLU A C   1 
ATOM   612 O  O   . GLU A 1 100 ? -1.877  -16.826 11.661  1.00 35.21 ? 79  GLU A O   1 
ATOM   613 C  CB  . GLU A 1 100 ? -1.539  -17.674 8.367   1.00 29.80 ? 79  GLU A CB  1 
ATOM   614 N  N   . ALA A 1 101 ? 0.180   -16.444 10.881  1.00 34.01 ? 80  ALA A N   1 
ATOM   615 C  CA  . ALA A 1 101 ? 0.776   -16.550 12.236  1.00 36.21 ? 80  ALA A CA  1 
ATOM   616 C  C   . ALA A 1 101 ? 0.439   -15.423 13.264  1.00 37.21 ? 80  ALA A C   1 
ATOM   617 O  O   . ALA A 1 101 ? 0.587   -15.611 14.471  1.00 39.03 ? 80  ALA A O   1 
ATOM   618 C  CB  . ALA A 1 101 ? 2.320   -16.743 12.119  1.00 36.36 ? 80  ALA A CB  1 
ATOM   619 N  N   . LYS A 1 102 ? 0.018   -14.249 12.810  1.00 36.39 ? 81  LYS A N   1 
ATOM   620 C  CA  . LYS A 1 102 ? -0.463  -13.223 13.711  1.00 37.46 ? 81  LYS A CA  1 
ATOM   621 C  C   . LYS A 1 102 ? -1.998  -13.374 13.835  1.00 38.40 ? 81  LYS A C   1 
ATOM   622 O  O   . LYS A 1 102 ? -2.671  -12.506 14.435  1.00 39.01 ? 81  LYS A O   1 
ATOM   623 C  CB  . LYS A 1 102 ? -0.056  -11.834 13.204  1.00 36.42 ? 81  LYS A CB  1 
ATOM   624 C  CG  . LYS A 1 102 ? 1.461   -11.654 13.163  1.00 37.35 ? 81  LYS A CG  1 
ATOM   625 C  CD  . LYS A 1 102 ? 1.867   -10.345 12.524  1.00 39.21 ? 81  LYS A CD  1 
ATOM   626 C  CE  . LYS A 1 102 ? 3.366   -10.094 12.598  1.00 39.98 ? 81  LYS A CE  1 
ATOM   627 N  NZ  . LYS A 1 102 ? 3.758   -9.705  13.980  1.00 42.39 ? 81  LYS A NZ  1 
ATOM   628 N  N   . ASN A 1 103 ? -2.524  -14.474 13.267  1.00 37.80 ? 82  ASN A N   1 
ATOM   629 C  CA  . ASN A 1 103 ? -3.943  -14.786 13.267  1.00 38.36 ? 82  ASN A CA  1 
ATOM   630 C  C   . ASN A 1 103 ? -4.807  -13.726 12.553  1.00 37.97 ? 82  ASN A C   1 
ATOM   631 O  O   . ASN A 1 103 ? -5.918  -13.436 13.002  1.00 39.72 ? 82  ASN A O   1 
ATOM   632 C  CB  . ASN A 1 103 ? -4.416  -14.997 14.716  1.00 40.57 ? 82  ASN A CB  1 
ATOM   633 N  N   . ARG A 1 104 ? -4.293  -13.123 11.472  1.00 35.99 ? 83  ARG A N   1 
ATOM   634 C  CA  . ARG A 1 104 ? -5.070  -12.190 10.629  1.00 35.06 ? 83  ARG A CA  1 
ATOM   635 C  C   . ARG A 1 104 ? -5.640  -10.937 11.352  1.00 36.03 ? 83  ARG A C   1 
ATOM   636 O  O   . ARG A 1 104 ? -4.891  -10.006 11.733  1.00 36.14 ? 83  ARG A O   1 
ATOM   637 C  CB  . ARG A 1 104 ? -6.180  -12.968 9.912   1.00 34.57 ? 83  ARG A CB  1 
HETATM 638 I  I   . IOD B 2 .   ? 6.362   -2.769  7.050   0.94 25.82 ? 87  IOD A I   1 
HETATM 639 I  I   . IOD C 2 .   ? -12.160 6.190   -4.438  0.74 32.47 ? 88  IOD A I   1 
HETATM 640 I  I   . IOD D 2 .   ? 10.460  -13.451 4.914   0.58 22.86 ? 89  IOD A I   1 
HETATM 641 I  I   . IOD E 2 .   ? -11.724 4.443   4.029   0.47 30.19 ? 90  IOD A I   1 
HETATM 642 I  I   . IOD F 2 .   ? -0.799  1.336   8.347   0.47 34.94 ? 91  IOD A I   1 
HETATM 643 I  I   . IOD G 2 .   ? 15.639  -4.707  4.510   0.36 32.86 ? 92  IOD A I   1 
HETATM 644 I  I   . IOD H 2 .   ? 5.114   3.388   7.064   0.46 41.31 ? 93  IOD A I   1 
HETATM 645 I  I   . IOD I 2 .   ? 12.509  -0.126  -5.733  0.28 29.24 ? 94  IOD A I   1 
HETATM 646 I  I   . IOD J 2 .   ? 13.896  -6.237  8.941   0.32 32.23 ? 95  IOD A I   1 
HETATM 647 MG MG  . MG  K 3 .   ? 4.194   12.790  0.810   0.50 18.05 ? 96  MG  A MG  1 
HETATM 648 O  O   . HOH L 4 .   ? -3.991  13.515  6.143   1.00 14.02 ? 97  HOH A O   1 
HETATM 649 O  O   . HOH L 4 .   ? -4.608  17.697  -8.333  1.00 23.04 ? 98  HOH A O   1 
HETATM 650 O  O   . HOH L 4 .   ? 5.329   12.670  -1.323  1.00 19.60 ? 99  HOH A O   1 
HETATM 651 O  O   . HOH L 4 .   ? -5.705  0.319   6.493   1.00 16.14 ? 100 HOH A O   1 
HETATM 652 O  O   . HOH L 4 .   ? -7.815  -12.096 -1.978  1.00 18.77 ? 101 HOH A O   1 
HETATM 653 O  O   . HOH L 4 .   ? -3.800  15.564  4.215   1.00 9.12  ? 102 HOH A O   1 
HETATM 654 O  O   . HOH L 4 .   ? -6.843  19.351  -10.440 1.00 26.77 ? 103 HOH A O   1 
HETATM 655 O  O   . HOH L 4 .   ? -2.815  15.485  -2.859  1.00 16.65 ? 104 HOH A O   1 
HETATM 656 O  O   . HOH L 4 .   ? 3.678   13.543  5.442   1.00 16.96 ? 105 HOH A O   1 
HETATM 657 O  O   . HOH L 4 .   ? 14.706  -3.617  7.507   1.00 29.95 ? 106 HOH A O   1 
HETATM 658 O  O   . HOH L 4 .   ? -7.886  16.097  0.623   1.00 28.85 ? 107 HOH A O   1 
HETATM 659 O  O   . HOH L 4 .   ? 12.558  -4.100  -2.625  1.00 26.69 ? 108 HOH A O   1 
HETATM 660 O  O   . HOH L 4 .   ? 8.023   9.506   -7.300  1.00 21.90 ? 109 HOH A O   1 
HETATM 661 O  O   . HOH L 4 .   ? -7.099  14.983  -1.743  1.00 27.14 ? 110 HOH A O   1 
HETATM 662 O  O   . HOH L 4 .   ? -8.526  -2.651  -7.387  1.00 27.43 ? 111 HOH A O   1 
HETATM 663 O  O   . HOH L 4 .   ? -8.841  -1.354  0.428   1.00 21.65 ? 112 HOH A O   1 
HETATM 664 O  O   . HOH L 4 .   ? -9.605  8.940   -2.046  1.00 24.96 ? 113 HOH A O   1 
HETATM 665 O  O   . HOH L 4 .   ? 5.817   5.826   2.001   1.00 27.40 ? 114 HOH A O   1 
HETATM 666 O  O   . HOH L 4 .   ? 2.367   -9.449  -8.452  1.00 26.06 ? 115 HOH A O   1 
HETATM 667 O  O   . HOH L 4 .   ? -0.621  16.781  -1.524  1.00 24.00 ? 116 HOH A O   1 
HETATM 668 O  O   . HOH L 4 .   ? 6.840   -6.511  -7.164  1.00 24.23 ? 117 HOH A O   1 
HETATM 669 O  O   . HOH L 4 .   ? -10.718 11.822  -7.321  1.00 31.14 ? 118 HOH A O   1 
HETATM 670 O  O   . HOH L 4 .   ? -7.665  11.165  -2.258  1.00 31.89 ? 119 HOH A O   1 
HETATM 671 O  O   . HOH L 4 .   ? 3.093   4.334   -10.338 1.00 24.70 ? 120 HOH A O   1 
HETATM 672 O  O   . HOH L 4 .   ? -12.581 7.391   0.419   1.00 37.33 ? 121 HOH A O   1 
HETATM 673 O  O   . HOH L 4 .   ? -10.674 11.344  4.021   1.00 35.76 ? 122 HOH A O   1 
HETATM 674 O  O   . HOH L 4 .   ? 8.665   4.573   -5.590  1.00 29.05 ? 123 HOH A O   1 
HETATM 675 O  O   . HOH L 4 .   ? 10.143  2.464   -4.137  0.50 24.40 ? 124 HOH A O   1 
HETATM 676 O  O   . HOH L 4 .   ? 8.804   -2.543  -8.812  1.00 44.41 ? 125 HOH A O   1 
HETATM 677 O  O   . HOH L 4 .   ? 2.252   12.604  -9.270  1.00 29.52 ? 126 HOH A O   1 
HETATM 678 O  O   . HOH L 4 .   ? 4.903   -18.695 -1.510  1.00 39.48 ? 127 HOH A O   1 
HETATM 679 O  O   . HOH L 4 .   ? 11.845  -1.914  -5.217  1.00 24.32 ? 128 HOH A O   1 
HETATM 680 O  O   . HOH L 4 .   ? -13.132 5.445   2.298   1.00 35.37 ? 129 HOH A O   1 
HETATM 681 O  O   . HOH L 4 .   ? -2.514  -0.294  -12.472 1.00 21.93 ? 130 HOH A O   1 
HETATM 682 O  O   . HOH L 4 .   ? -5.625  6.947   9.323   1.00 25.86 ? 131 HOH A O   1 
HETATM 683 O  O   . HOH L 4 .   ? -7.344  19.256  0.717   1.00 36.23 ? 132 HOH A O   1 
HETATM 684 O  O   . HOH L 4 .   ? 7.953   -13.539 -3.509  1.00 30.50 ? 133 HOH A O   1 
HETATM 685 O  O   . HOH L 4 .   ? 15.895  -9.432  0.571   1.00 38.48 ? 134 HOH A O   1 
HETATM 686 O  O   . HOH L 4 .   ? 15.539  -7.586  2.094   1.00 30.36 ? 135 HOH A O   1 
HETATM 687 O  O   . HOH L 4 .   ? 14.863  -7.154  -2.185  1.00 46.34 ? 136 HOH A O   1 
HETATM 688 O  O   . HOH L 4 .   ? -2.712  0.134   8.213   1.00 15.70 ? 137 HOH A O   1 
HETATM 689 O  O   . HOH L 4 .   ? -1.648  -0.317  11.350  1.00 37.45 ? 138 HOH A O   1 
HETATM 690 O  O   . HOH L 4 .   ? -12.299 1.357   -3.372  1.00 38.55 ? 139 HOH A O   1 
HETATM 691 O  O   . HOH L 4 .   ? 14.494  -1.793  -3.717  1.00 40.92 ? 140 HOH A O   1 
HETATM 692 O  O   . HOH L 4 .   ? 3.183   -18.173 0.465   1.00 38.72 ? 141 HOH A O   1 
HETATM 693 O  O   . HOH L 4 .   ? 1.013   -12.602 -3.865  1.00 21.52 ? 142 HOH A O   1 
HETATM 694 O  O   . HOH L 4 .   ? -9.147  17.803  -3.881  1.00 33.30 ? 143 HOH A O   1 
HETATM 695 O  O   . HOH L 4 .   ? -6.174  21.174  0.766   1.00 22.07 ? 144 HOH A O   1 
HETATM 696 O  O   . HOH L 4 .   ? 10.365  -15.890 -2.818  1.00 37.12 ? 145 HOH A O   1 
HETATM 697 O  O   . HOH L 4 .   ? 3.444   -19.158 2.579   1.00 36.48 ? 146 HOH A O   1 
# 
loop_
_atom_site_anisotrop.id 
_atom_site_anisotrop.type_symbol 
_atom_site_anisotrop.pdbx_label_atom_id 
_atom_site_anisotrop.pdbx_label_alt_id 
_atom_site_anisotrop.pdbx_label_comp_id 
_atom_site_anisotrop.pdbx_label_asym_id 
_atom_site_anisotrop.pdbx_label_seq_id 
_atom_site_anisotrop.pdbx_PDB_ins_code 
_atom_site_anisotrop.U[1][1] 
_atom_site_anisotrop.U[2][2] 
_atom_site_anisotrop.U[3][3] 
_atom_site_anisotrop.U[1][2] 
_atom_site_anisotrop.U[1][3] 
_atom_site_anisotrop.U[2][3] 
_atom_site_anisotrop.pdbx_auth_seq_id 
_atom_site_anisotrop.pdbx_auth_comp_id 
_atom_site_anisotrop.pdbx_auth_asym_id 
_atom_site_anisotrop.pdbx_auth_atom_id 
1   N N   . PRO A 19  ? 0.3423 0.3311 0.5909 0.0018  -0.0425 0.0291  -2  PRO A N   
2   C CA  . PRO A 19  ? 0.3439 0.3232 0.5915 0.0029  -0.0568 0.0351  -2  PRO A CA  
3   C C   . PRO A 19  ? 0.3373 0.3079 0.5451 0.0046  -0.0548 0.0366  -2  PRO A C   
4   O O   . PRO A 19  ? 0.3143 0.2920 0.5182 0.0053  -0.0405 0.0329  -2  PRO A O   
5   C CB  . PRO A 19  ? 0.3384 0.3272 0.6237 0.0033  -0.0495 0.0341  -2  PRO A CB  
6   C CG  . PRO A 19  ? 0.3464 0.3449 0.6628 0.0019  -0.0402 0.0303  -2  PRO A CG  
7   C CD  . PRO A 19  ? 0.3373 0.3366 0.6261 0.0012  -0.0318 0.0262  -2  PRO A CD  
8   N N   . GLY A 20  ? 0.3511 0.3048 0.5297 0.0053  -0.0684 0.0415  -1  GLY A N   
9   C CA  . GLY A 20  ? 0.3641 0.3050 0.5065 0.0073  -0.0655 0.0447  -1  GLY A CA  
10  C C   . GLY A 20  ? 0.3668 0.3093 0.4824 0.0075  -0.0521 0.0407  -1  GLY A C   
11  O O   . GLY A 20  ? 0.3645 0.2981 0.4562 0.0093  -0.0454 0.0431  -1  GLY A O   
12  N N   . SER A 21  ? 0.3537 0.3068 0.4761 0.0059  -0.0476 0.0352  0   SER A N   
13  C CA  . SER A 21  ? 0.3545 0.3094 0.4554 0.0060  -0.0379 0.0313  0   SER A CA  
14  C C   . SER A 21  ? 0.3650 0.3058 0.4405 0.0058  -0.0478 0.0331  0   SER A C   
15  O O   . SER A 21  ? 0.3617 0.2999 0.4477 0.0044  -0.0603 0.0336  0   SER A O   
16  C CB  . SER A 21  ? 0.3399 0.3114 0.4590 0.0047  -0.0271 0.0248  0   SER A CB  
17  O OG  . SER A 21  ? 0.3594 0.3313 0.4581 0.0049  -0.0202 0.0216  0   SER A OG  
18  N N   . MET A 22  ? 0.3618 0.2926 0.4065 0.0072  -0.0419 0.0334  1   MET A N   
19  C CA  . MET A 22  ? 0.3733 0.2867 0.3875 0.0078  -0.0492 0.0346  1   MET A CA  
20  C C   . MET A 22  ? 0.3540 0.2753 0.3638 0.0068  -0.0411 0.0294  1   MET A C   
21  O O   . MET A 22  ? 0.3689 0.2773 0.3550 0.0071  -0.0450 0.0293  1   MET A O   
22  C CB  . MET A 22  ? 0.3964 0.2886 0.3768 0.0105  -0.0460 0.0394  1   MET A CB  
23  C CG  . MET A 22  ? 0.3933 0.2715 0.3700 0.0119  -0.0563 0.0457  1   MET A CG  
24  S SD  . MET A 22  ? 0.3506 0.2184 0.3347 0.0108  -0.0835 0.0479  1   MET A SD  
25  C CE  . MET A 22  ? 0.3033 0.1923 0.3367 0.0096  -0.0836 0.0488  1   MET A CE  
26  N N   . VAL A 23  ? 0.3242 0.2645 0.3546 0.0059  -0.0304 0.0253  2   VAL A N   
27  C CA  . VAL A 23  ? 0.3117 0.2588 0.3395 0.0053  -0.0243 0.0212  2   VAL A CA  
28  C C   . VAL A 23  ? 0.3036 0.2619 0.3558 0.0032  -0.0265 0.0192  2   VAL A C   
29  O O   . VAL A 23  ? 0.3195 0.2872 0.3946 0.0028  -0.0237 0.0185  2   VAL A O   
30  C CB  . VAL A 23  ? 0.3050 0.2600 0.3322 0.0064  -0.0112 0.0184  2   VAL A CB  
31  C CG1 . VAL A 23  ? 0.3009 0.2612 0.3245 0.0059  -0.0071 0.0147  2   VAL A CG1 
32  C CG2 . VAL A 23  ? 0.3212 0.2637 0.3292 0.0085  -0.0068 0.0215  2   VAL A CG2 
33  N N   . SER A 24  ? 0.2708 0.2265 0.3197 0.0020  -0.0309 0.0184  3   SER A N   
34  C CA  . SER A 24  ? 0.2400 0.2043 0.3142 0.0001  -0.0312 0.0174  3   SER A CA  
35  C C   . SER A 24  ? 0.2171 0.1825 0.2823 -0.0004 -0.0262 0.0152  3   SER A C   
36  O O   . SER A 24  ? 0.2038 0.1630 0.2459 0.0006  -0.0254 0.0145  3   SER A O   
37  C CB  . SER A 24  ? 0.2374 0.1943 0.3245 -0.0013 -0.0469 0.0202  3   SER A CB  
38  O OG  . SER A 24  ? 0.2612 0.2033 0.3227 -0.0011 -0.0570 0.0208  3   SER A OG  
39  N N   . LYS A 25  ? 0.2014 0.1741 0.2871 -0.0018 -0.0217 0.0144  4   LYS A N   
40  C CA  . LYS A 25  ? 0.2026 0.1758 0.2842 -0.0024 -0.0170 0.0133  4   LYS A CA  
41  C C   . LYS A 25  ? 0.2091 0.1719 0.2791 -0.0033 -0.0290 0.0143  4   LYS A C   
42  O O   . LYS A 25  ? 0.1974 0.1569 0.2497 -0.0028 -0.0264 0.0130  4   LYS A O   
43  C CB  . LYS A 25  ? 0.2029 0.1825 0.3123 -0.0036 -0.0093 0.0138  4   LYS A CB  
44  C CG  . LYS A 25  ? 0.2184 0.1971 0.3276 -0.0044 -0.0035 0.0139  4   LYS A CG  
45  C CD  . LYS A 25  ? 0.2697 0.2525 0.4080 -0.0052 0.0075  0.0153  4   LYS A CD  
46  C CE  . LYS A 25  ? 0.3125 0.2930 0.4657 -0.0070 0.0082  0.0173  4   LYS A CE  
47  N NZ  . LYS A 25  ? 0.3804 0.3583 0.5135 -0.0058 0.0214  0.0171  4   LYS A NZ  
48  N N   . SER A 26  ? 0.2124 0.1681 0.2914 -0.0042 -0.0435 0.0161  5   SER A N   
49  C CA  A SER A 26  ? 0.2296 0.1710 0.2941 -0.0048 -0.0577 0.0159  5   SER A CA  
50  C CA  B SER A 26  ? 0.2229 0.1644 0.2872 -0.0048 -0.0574 0.0159  5   SER A CA  
51  C C   . SER A 26  ? 0.2342 0.1634 0.2594 -0.0027 -0.0569 0.0152  5   SER A C   
52  O O   . SER A 26  ? 0.2347 0.1551 0.2427 -0.0025 -0.0588 0.0135  5   SER A O   
53  C CB  A SER A 26  ? 0.2470 0.1798 0.3258 -0.0058 -0.0764 0.0179  5   SER A CB  
54  C CB  B SER A 26  ? 0.2389 0.1721 0.3184 -0.0058 -0.0760 0.0179  5   SER A CB  
55  O OG  A SER A 26  ? 0.2687 0.2124 0.3905 -0.0078 -0.0763 0.0190  5   SER A OG  
56  O OG  B SER A 26  ? 0.2527 0.1682 0.3122 -0.0060 -0.0912 0.0170  5   SER A OG  
57  N N   . ILE A 27  ? 0.2275 0.1548 0.2401 -0.0007 -0.0530 0.0163  6   ILE A N   
58  C CA  . ILE A 27  ? 0.2543 0.1694 0.2334 0.0018  -0.0480 0.0160  6   ILE A CA  
59  C C   . ILE A 27  ? 0.2327 0.1559 0.2078 0.0024  -0.0345 0.0136  6   ILE A C   
60  O O   . ILE A 27  ? 0.2584 0.1711 0.2124 0.0035  -0.0321 0.0126  6   ILE A O   
61  C CB  . ILE A 27  ? 0.2585 0.1704 0.2295 0.0038  -0.0438 0.0186  6   ILE A CB  
62  C CG1 . ILE A 27  ? 0.3250 0.2194 0.2854 0.0041  -0.0595 0.0217  6   ILE A CG1 
63  C CG2 . ILE A 27  ? 0.2727 0.1763 0.2185 0.0063  -0.0320 0.0184  6   ILE A CG2 
64  C CD1 . ILE A 27  ? 0.3488 0.2382 0.3035 0.0060  -0.0576 0.0255  6   ILE A CD1 
65  N N   . VAL A 28  ? 0.2232 0.1634 0.2182 0.0018  -0.0259 0.0126  7   VAL A N   
66  C CA  . VAL A 28  ? 0.1985 0.1456 0.1910 0.0026  -0.0158 0.0106  7   VAL A CA  
67  C C   . VAL A 28  ? 0.2034 0.1466 0.1924 0.0014  -0.0185 0.0098  7   VAL A C   
68  O O   . VAL A 28  ? 0.1964 0.1358 0.1728 0.0026  -0.0146 0.0086  7   VAL A O   
69  C CB  . VAL A 28  ? 0.1874 0.1484 0.1971 0.0024  -0.0085 0.0095  7   VAL A CB  
70  C CG1 . VAL A 28  ? 0.1383 0.1032 0.1436 0.0032  -0.0018 0.0076  7   VAL A CG1 
71  C CG2 . VAL A 28  ? 0.1980 0.1626 0.2118 0.0036  -0.0056 0.0094  7   VAL A CG2 
72  N N   . GLU A 29  ? 0.2021 0.1471 0.2070 -0.0007 -0.0247 0.0105  8   GLU A N   
73  C CA  . GLU A 29  ? 0.1975 0.1389 0.2040 -0.0021 -0.0279 0.0101  8   GLU A CA  
74  C C   . GLU A 29  ? 0.2185 0.1435 0.2019 -0.0014 -0.0358 0.0088  8   GLU A C   
75  O O   . GLU A 29  ? 0.2139 0.1351 0.1888 -0.0011 -0.0333 0.0074  8   GLU A O   
76  C CB  . GLU A 29  ? 0.1987 0.1435 0.2321 -0.0044 -0.0338 0.0114  8   GLU A CB  
77  C CG  . GLU A 29  ? 0.1943 0.1516 0.2481 -0.0049 -0.0217 0.0125  8   GLU A CG  
78  C CD  . GLU A 29  ? 0.2752 0.2358 0.3621 -0.0071 -0.0245 0.0143  8   GLU A CD  
79  O OE1 . GLU A 29  ? 0.3166 0.2724 0.4143 -0.0083 -0.0385 0.0148  8   GLU A OE1 
80  O OE2 . GLU A 29  ? 0.2720 0.2383 0.3742 -0.0075 -0.0125 0.0156  8   GLU A OE2 
81  N N   . GLU A 30  ? 0.2400 0.1528 0.2116 -0.0008 -0.0451 0.0093  9   GLU A N   
82  C CA  . GLU A 30  ? 0.2842 0.1756 0.2271 0.0004  -0.0525 0.0077  9   GLU A CA  
83  C C   . GLU A 30  ? 0.2727 0.1586 0.1925 0.0033  -0.0392 0.0068  9   GLU A C   
84  O O   . GLU A 30  ? 0.2916 0.1647 0.1936 0.0041  -0.0388 0.0045  9   GLU A O   
85  C CB  . GLU A 30  ? 0.3173 0.1939 0.2501 0.0008  -0.0665 0.0093  9   GLU A CB  
86  C CG  . GLU A 30  ? 0.4471 0.2953 0.3376 0.0036  -0.0711 0.0087  9   GLU A CG  
87  C CD  . GLU A 30  ? 0.5558 0.3928 0.4364 0.0049  -0.0796 0.0121  9   GLU A CD  
88  O OE1 . GLU A 30  ? 0.6358 0.4786 0.5404 0.0029  -0.0933 0.0136  9   GLU A OE1 
89  O OE2 . GLU A 30  ? 0.6348 0.4579 0.4870 0.0079  -0.0713 0.0139  9   GLU A OE2 
90  N N   . ARG A 31  ? 0.2549 0.1495 0.1774 0.0047  -0.0285 0.0082  10  ARG A N   
91  C CA  . ARG A 31  ? 0.2617 0.1527 0.1716 0.0072  -0.0153 0.0076  10  ARG A CA  
92  C C   . ARG A 31  ? 0.2451 0.1449 0.1643 0.0070  -0.0098 0.0058  10  ARG A C   
93  O O   . ARG A 31  ? 0.2486 0.1383 0.1546 0.0086  -0.0042 0.0043  10  ARG A O   
94  C CB  . ARG A 31  ? 0.2607 0.1624 0.1815 0.0084  -0.0065 0.0094  10  ARG A CB  
95  C CG  . ARG A 31  ? 0.3142 0.2060 0.2246 0.0094  -0.0085 0.0121  10  ARG A CG  
96  C CD  . ARG A 31  ? 0.3984 0.2669 0.2787 0.0122  -0.0021 0.0131  10  ARG A CD  
97  N NE  . ARG A 31  ? 0.4975 0.3538 0.3651 0.0131  -0.0075 0.0165  10  ARG A NE  
98  C CZ  . ARG A 31  ? 0.5998 0.4402 0.4507 0.0126  -0.0230 0.0173  10  ARG A CZ  
99  N NH1 . ARG A 31  ? 0.6443 0.4781 0.4890 0.0113  -0.0342 0.0143  10  ARG A NH1 
100 N NH2 . ARG A 31  ? 0.6546 0.4840 0.4955 0.0136  -0.0288 0.0211  10  ARG A NH2 
101 N N   . LEU A 32  ? 0.2194 0.1363 0.1605 0.0053  -0.0104 0.0060  11  LEU A N   
102 C CA  . LEU A 32  ? 0.2051 0.1289 0.1535 0.0053  -0.0061 0.0053  11  LEU A CA  
103 C C   . LEU A 32  ? 0.2081 0.1220 0.1492 0.0044  -0.0110 0.0040  11  LEU A C   
104 O O   . LEU A 32  ? 0.2199 0.1305 0.1565 0.0055  -0.0063 0.0029  11  LEU A O   
105 C CB  . LEU A 32  ? 0.1757 0.1144 0.1424 0.0040  -0.0051 0.0063  11  LEU A CB  
106 C CG  . LEU A 32  ? 0.2043 0.1523 0.1782 0.0050  -0.0007 0.0063  11  LEU A CG  
107 C CD1 . LEU A 32  ? 0.1768 0.1336 0.1616 0.0043  0.0012  0.0068  11  LEU A CD1 
108 C CD2 . LEU A 32  ? 0.2010 0.1489 0.1721 0.0074  0.0045  0.0054  11  LEU A CD2 
109 N N   . ARG A 33  ? 0.2172 0.1264 0.1609 0.0022  -0.0214 0.0040  12  ARG A N   
110 C CA  . ARG A 33  ? 0.2344 0.1323 0.1729 0.0011  -0.0286 0.0022  12  ARG A CA  
111 C C   . ARG A 33  ? 0.2585 0.1363 0.1686 0.0033  -0.0281 -0.0006 12  ARG A C   
112 O O   . ARG A 33  ? 0.2481 0.1182 0.1513 0.0038  -0.0267 -0.0028 12  ARG A O   
113 C CB  . ARG A 33  ? 0.2415 0.1365 0.1919 -0.0016 -0.0424 0.0023  12  ARG A CB  
114 C CG  . ARG A 33  ? 0.2381 0.1499 0.2183 -0.0037 -0.0393 0.0050  12  ARG A CG  
115 C CD  . ARG A 33  ? 0.2441 0.1566 0.2463 -0.0062 -0.0506 0.0060  12  ARG A CD  
116 N NE  . ARG A 33  ? 0.2651 0.1915 0.2954 -0.0077 -0.0423 0.0087  12  ARG A NE  
117 C CZ  . ARG A 33  ? 0.2692 0.2042 0.3268 -0.0092 -0.0413 0.0110  12  ARG A CZ  
118 N NH1 . ARG A 33  ? 0.2792 0.2124 0.3442 -0.0096 -0.0509 0.0111  12  ARG A NH1 
119 N NH2 . ARG A 33  ? 0.2992 0.2428 0.3765 -0.0101 -0.0296 0.0137  12  ARG A NH2 
120 N N   . SER A 34  ? 0.2836 0.1503 0.1753 0.0051  -0.0282 -0.0003 13  SER A N   
121 C CA  . SER A 34  ? 0.3278 0.1705 0.1874 0.0078  -0.0248 -0.0025 13  SER A CA  
122 C C   . SER A 34  ? 0.3254 0.1701 0.1845 0.0102  -0.0083 -0.0033 13  SER A C   
123 O O   . SER A 34  ? 0.3199 0.1490 0.1631 0.0115  -0.0056 -0.0063 13  SER A O   
124 C CB  . SER A 34  ? 0.3578 0.1874 0.1974 0.0096  -0.0255 -0.0007 13  SER A CB  
125 O OG  . SER A 34  ? 0.4543 0.2584 0.2599 0.0130  -0.0172 -0.0022 13  SER A OG  
126 N N   . MET A 35  ? 0.3025 0.1655 0.1811 0.0108  0.0014  -0.0009 14  MET A N   
127 C CA  . MET A 35  ? 0.3060 0.1714 0.1905 0.0131  0.0153  -0.0012 14  MET A CA  
128 C C   . MET A 35  ? 0.2789 0.1558 0.1814 0.0122  0.0145  -0.0019 14  MET A C   
129 O O   . MET A 35  ? 0.2949 0.1653 0.1962 0.0140  0.0219  -0.0034 14  MET A O   
130 C CB  . MET A 35  ? 0.2981 0.1746 0.1967 0.0144  0.0241  0.0011  14  MET A CB  
131 C CG  . MET A 35  ? 0.3666 0.2430 0.2757 0.0171  0.0377  0.0008  14  MET A CG  
132 S SD  . MET A 35  ? 0.3928 0.2806 0.3260 0.0190  0.0481  0.0029  14  MET A SD  
133 C CE  . MET A 35  ? 0.3634 0.2283 0.2734 0.0217  0.0621  0.0045  14  MET A CE  
134 N N   . LEU A 36  ? 0.2449 0.1370 0.1635 0.0097  0.0067  -0.0004 15  LEU A N   
135 C CA  . LEU A 36  ? 0.2320 0.1349 0.1664 0.0092  0.0071  0.0005  15  LEU A CA  
136 C C   . LEU A 36  ? 0.2298 0.1303 0.1659 0.0070  0.0001  0.0002  15  LEU A C   
137 O O   . LEU A 36  ? 0.2300 0.1354 0.1755 0.0071  0.0015  0.0014  15  LEU A O   
138 C CB  . LEU A 36  ? 0.2141 0.1331 0.1635 0.0089  0.0068  0.0028  15  LEU A CB  
139 C CG  . LEU A 36  ? 0.2257 0.1489 0.1789 0.0107  0.0121  0.0029  15  LEU A CG  
140 C CD1 . LEU A 36  ? 0.2141 0.1502 0.1781 0.0100  0.0090  0.0042  15  LEU A CD1 
141 C CD2 . LEU A 36  ? 0.2505 0.1715 0.2104 0.0134  0.0192  0.0023  15  LEU A CD2 
142 N N   . SER A 37  ? 0.2355 0.1266 0.1633 0.0052  -0.0082 -0.0013 16  SER A N   
143 C CA  . SER A 37  ? 0.2424 0.1287 0.1743 0.0031  -0.0158 -0.0022 16  SER A CA  
144 C C   . SER A 37  ? 0.2301 0.1305 0.1830 0.0017  -0.0136 0.0013  16  SER A C   
145 O O   . SER A 37  ? 0.2459 0.1442 0.2029 0.0017  -0.0124 0.0015  16  SER A O   
146 C CB  . SER A 37  ? 0.2539 0.1233 0.1701 0.0046  -0.0141 -0.0060 16  SER A CB  
147 O OG  . SER A 37  ? 0.2799 0.1306 0.1705 0.0061  -0.0161 -0.0091 16  SER A OG  
148 N N   . PRO A 38  ? 0.2174 0.1304 0.1817 0.0009  -0.0122 0.0044  17  PRO A N   
149 C CA  . PRO A 38  ? 0.2095 0.1315 0.1863 0.0006  -0.0075 0.0082  17  PRO A CA  
150 C C   . PRO A 38  ? 0.2011 0.1211 0.1918 -0.0019 -0.0103 0.0099  17  PRO A C   
151 O O   . PRO A 38  ? 0.2017 0.1170 0.1984 -0.0041 -0.0179 0.0082  17  PRO A O   
152 C CB  . PRO A 38  ? 0.1888 0.1202 0.1705 0.0006  -0.0046 0.0100  17  PRO A CB  
153 C CG  . PRO A 38  ? 0.2179 0.1468 0.2001 -0.0008 -0.0111 0.0081  17  PRO A CG  
154 C CD  . PRO A 38  ? 0.2233 0.1395 0.1882 0.0004  -0.0148 0.0046  17  PRO A CD  
155 N N   . GLN A 39  ? 0.2067 0.1285 0.2023 -0.0015 -0.0047 0.0133  18  GLN A N   
156 C CA  . GLN A 39  ? 0.1970 0.1179 0.2095 -0.0037 -0.0035 0.0166  18  GLN A CA  
157 C C   . GLN A 39  ? 0.1968 0.1240 0.2224 -0.0048 0.0018  0.0200  18  GLN A C   
158 O O   . GLN A 39  ? 0.1837 0.1109 0.2303 -0.0072 0.0025  0.0221  18  GLN A O   
159 C CB  . GLN A 39  ? 0.2077 0.1261 0.2174 -0.0022 0.0026  0.0205  18  GLN A CB  
160 C CG  . GLN A 39  ? 0.2050 0.1165 0.2085 -0.0012 -0.0010 0.0179  18  GLN A CG  
161 C CD  . GLN A 39  ? 0.2301 0.1409 0.2189 0.0014  -0.0020 0.0140  18  GLN A CD  
162 O OE1 . GLN A 39  ? 0.2276 0.1437 0.2104 0.0033  0.0007  0.0150  18  GLN A OE1 
163 N NE2 . GLN A 39  ? 0.2406 0.1431 0.2240 0.0015  -0.0055 0.0092  18  GLN A NE2 
164 N N   . PHE A 40  ? 0.2019 0.1339 0.2169 -0.0029 0.0065  0.0204  19  PHE A N   
165 C CA  . PHE A 40  ? 0.2080 0.1442 0.2322 -0.0034 0.0133  0.0228  19  PHE A CA  
166 C C   . PHE A 40  ? 0.2008 0.1420 0.2148 -0.0019 0.0123  0.0201  19  PHE A C   
167 O O   . PHE A 40  ? 0.1945 0.1357 0.1922 0.0004  0.0116  0.0186  19  PHE A O   
168 C CB  . PHE A 40  ? 0.2400 0.1722 0.2611 -0.0022 0.0252  0.0282  19  PHE A CB  
169 C CG  . PHE A 40  ? 0.2489 0.1818 0.2782 -0.0022 0.0359  0.0308  19  PHE A CG  
170 C CD1 . PHE A 40  ? 0.2831 0.2169 0.3411 -0.0049 0.0410  0.0334  19  PHE A CD1 
171 C CD2 . PHE A 40  ? 0.2572 0.1896 0.2683 0.0004  0.0405  0.0299  19  PHE A CD2 
172 C CE1 . PHE A 40  ? 0.3185 0.2523 0.3876 -0.0047 0.0536  0.0358  19  PHE A CE1 
173 C CE2 . PHE A 40  ? 0.3124 0.2433 0.3288 0.0006  0.0519  0.0316  19  PHE A CE2 
174 C CZ  . PHE A 40  ? 0.3229 0.2546 0.3689 -0.0018 0.0600  0.0348  19  PHE A CZ  
175 N N   . LEU A 41  ? 0.1928 0.1382 0.2201 -0.0033 0.0119  0.0196  20  LEU A N   
176 C CA  . LEU A 41  ? 0.1932 0.1432 0.2137 -0.0021 0.0117  0.0174  20  LEU A CA  
177 C C   . LEU A 41  ? 0.1945 0.1480 0.2310 -0.0029 0.0189  0.0190  20  LEU A C   
178 O O   . LEU A 41  ? 0.1951 0.1496 0.2554 -0.0053 0.0176  0.0204  20  LEU A O   
179 C CB  . LEU A 41  ? 0.1961 0.1456 0.2143 -0.0027 0.0007  0.0141  20  LEU A CB  
180 C CG  . LEU A 41  ? 0.1941 0.1476 0.2077 -0.0016 0.0000  0.0123  20  LEU A CG  
181 C CD1 . LEU A 41  ? 0.1812 0.1362 0.1789 0.0012  0.0047  0.0112  20  LEU A CD1 
182 C CD2 . LEU A 41  ? 0.1835 0.1322 0.1935 -0.0022 -0.0101 0.0104  20  LEU A CD2 
183 N N   . LYS A 42  ? 0.1837 0.1379 0.2094 -0.0007 0.0264  0.0187  21  LYS A N   
184 C CA  . LYS A 42  ? 0.1875 0.1434 0.2263 -0.0008 0.0352  0.0194  21  LYS A CA  
185 C C   . LYS A 42  ? 0.1745 0.1341 0.2037 0.0007  0.0322  0.0157  21  LYS A C   
186 O O   . LYS A 42  ? 0.1843 0.1410 0.1928 0.0031  0.0333  0.0140  21  LYS A O   
187 C CB  . LYS A 42  ? 0.2092 0.1566 0.2406 0.0008  0.0509  0.0226  21  LYS A CB  
188 N N   . VAL A 43  ? 0.1728 0.1382 0.2180 -0.0009 0.0263  0.0147  22  VAL A N   
189 C CA  . VAL A 43  ? 0.1661 0.1350 0.2063 0.0005  0.0247  0.0118  22  VAL A CA  
190 C C   . VAL A 43  ? 0.1736 0.1441 0.2299 0.0004  0.0342  0.0120  22  VAL A C   
191 O O   . VAL A 43  ? 0.1730 0.1458 0.2550 -0.0016 0.0348  0.0140  22  VAL A O   
192 C CB  . VAL A 43  ? 0.1558 0.1271 0.1990 -0.0006 0.0125  0.0110  22  VAL A CB  
193 C CG1 . VAL A 43  ? 0.1466 0.1215 0.1883 0.0007  0.0123  0.0089  22  VAL A CG1 
194 C CG2 . VAL A 43  ? 0.1729 0.1402 0.1991 0.0000  0.0067  0.0103  22  VAL A CG2 
195 N N   . THR A 44  ? 0.1925 0.1604 0.2346 0.0028  0.0409  0.0094  23  THR A N   
196 C CA  . THR A 44  ? 0.2033 0.1705 0.2553 0.0036  0.0513  0.0082  23  THR A CA  
197 C C   . THR A 44  ? 0.1866 0.1604 0.2448 0.0036  0.0441  0.0055  23  THR A C   
198 O O   . THR A 44  ? 0.1760 0.1504 0.2182 0.0047  0.0372  0.0029  23  THR A O   
199 C CB  . THR A 44  ? 0.2151 0.1707 0.2412 0.0067  0.0623  0.0062  23  THR A CB  
200 O OG1 . THR A 44  ? 0.2659 0.2126 0.2825 0.0071  0.0700  0.0096  23  THR A OG1 
201 C CG2 . THR A 44  ? 0.2356 0.1866 0.2681 0.0079  0.0756  0.0041  23  THR A CG2 
202 N N   . ASP A 45  ? 0.1812 0.1596 0.2663 0.0023  0.0457  0.0065  24  ASP A N   
203 C CA  . ASP A 45  ? 0.1609 0.1444 0.2548 0.0024  0.0405  0.0047  24  ASP A CA  
204 C C   . ASP A 45  ? 0.1610 0.1407 0.2477 0.0047  0.0518  0.0007  24  ASP A C   
205 O O   . ASP A 45  ? 0.1672 0.1431 0.2656 0.0052  0.0649  0.0005  24  ASP A O   
206 C CB  . ASP A 45  ? 0.1592 0.1477 0.2861 0.0003  0.0354  0.0079  24  ASP A CB  
207 C CG  . ASP A 45  ? 0.1737 0.1662 0.3076 0.0004  0.0267  0.0073  24  ASP A CG  
208 O OD1 . ASP A 45  ? 0.1754 0.1680 0.2946 0.0021  0.0285  0.0042  24  ASP A OD1 
209 O OD2 . ASP A 45  ? 0.1924 0.1868 0.3476 -0.0011 0.0171  0.0104  24  ASP A OD2 
210 N N   . ASN A 46  ? 0.1554 0.1340 0.2227 0.0063  0.0470  -0.0029 25  ASN A N   
211 C CA  . ASN A 46  ? 0.1732 0.1456 0.2286 0.0087  0.0534  -0.0081 25  ASN A CA  
212 C C   . ASN A 46  ? 0.1550 0.1339 0.2243 0.0087  0.0484  -0.0103 25  ASN A C   
213 O O   . ASN A 46  ? 0.1780 0.1528 0.2375 0.0107  0.0493  -0.0154 25  ASN A O   
214 C CB  . ASN A 46  ? 0.1950 0.1597 0.2204 0.0107  0.0495  -0.0106 25  ASN A CB  
215 C CG  . ASN A 46  ? 0.2364 0.1900 0.2421 0.0136  0.0527  -0.0167 25  ASN A CG  
216 O OD1 . ASN A 46  ? 0.2885 0.2324 0.2897 0.0151  0.0650  -0.0189 25  ASN A OD1 
217 N ND2 . ASN A 46  ? 0.2732 0.2257 0.2664 0.0148  0.0415  -0.0198 25  ASN A ND2 
218 N N   . SER A 47  ? 0.1297 0.1169 0.2225 0.0067  0.0430  -0.0064 26  SER A N   
219 C CA  . SER A 47  ? 0.1245 0.1167 0.2305 0.0066  0.0378  -0.0068 26  SER A CA  
220 C C   . SER A 47  ? 0.1297 0.1199 0.2468 0.0080  0.0477  -0.0108 26  SER A C   
221 O O   . SER A 47  ? 0.1302 0.1173 0.2569 0.0080  0.0582  -0.0106 26  SER A O   
222 C CB  . SER A 47  ? 0.1208 0.1179 0.2462 0.0046  0.0290  -0.0010 26  SER A CB  
223 O OG  . SER A 47  ? 0.1504 0.1459 0.2613 0.0037  0.0205  0.0019  26  SER A OG  
224 N N   . GLY A 48  ? 0.1299 0.1211 0.2476 0.0090  0.0451  -0.0142 27  GLY A N   
225 C CA  . GLY A 48  ? 0.1313 0.1186 0.2556 0.0106  0.0540  -0.0195 27  GLY A CA  
226 C C   . GLY A 48  ? 0.1323 0.1247 0.2703 0.0106  0.0479  -0.0205 27  GLY A C   
227 O O   . GLY A 48  ? 0.1278 0.1268 0.2772 0.0092  0.0391  -0.0148 27  GLY A O   
228 N N   . GLY A 49  ? 0.1479 0.1347 0.2826 0.0125  0.0526  -0.0275 28  GLY A N   
229 C CA  . GLY A 49  ? 0.1520 0.1426 0.3028 0.0128  0.0488  -0.0292 28  GLY A CA  
230 C C   . GLY A 49  ? 0.1471 0.1430 0.2976 0.0121  0.0377  -0.0265 28  GLY A C   
231 O O   . GLY A 49  ? 0.1516 0.1523 0.3209 0.0116  0.0345  -0.0234 28  GLY A O   
232 N N   . CYS A 50  ? 0.1412 0.1346 0.2713 0.0124  0.0330  -0.0274 29  CYS A N   
233 C CA  . CYS A 50  ? 0.1375 0.1341 0.2676 0.0121  0.0252  -0.0252 29  CYS A CA  
234 C C   . CYS A 50  ? 0.1185 0.1186 0.2459 0.0108  0.0221  -0.0169 29  CYS A C   
235 O O   . CYS A 50  ? 0.1282 0.1285 0.2530 0.0109  0.0187  -0.0146 29  CYS A O   
236 C CB  . CYS A 50  ? 0.1323 0.1229 0.2460 0.0136  0.0211  -0.0317 29  CYS A CB  
237 S SG  . CYS A 50  ? 0.2086 0.1909 0.3225 0.0157  0.0207  -0.0424 29  CYS A SG  
238 N N   . GLY A 51  ? 0.1177 0.1185 0.2465 0.0097  0.0235  -0.0127 30  GLY A N   
239 C CA  . GLY A 51  ? 0.1123 0.1133 0.2366 0.0084  0.0187  -0.0057 30  GLY A CA  
240 C C   . GLY A 51  ? 0.1109 0.1098 0.2201 0.0079  0.0190  -0.0056 30  GLY A C   
241 O O   . GLY A 51  ? 0.1003 0.0974 0.2037 0.0084  0.0243  -0.0097 30  GLY A O   
242 N N   . ALA A 52  ? 0.1206 0.1174 0.2212 0.0071  0.0138  -0.0005 31  ALA A N   
243 C CA  . ALA A 52  ? 0.1113 0.1059 0.1999 0.0064  0.0127  0.0007  31  ALA A CA  
244 C C   . ALA A 52  ? 0.1172 0.1107 0.1913 0.0074  0.0158  -0.0037 31  ALA A C   
245 O O   . ALA A 52  ? 0.1207 0.1141 0.1915 0.0086  0.0151  -0.0059 31  ALA A O   
246 C CB  . ALA A 52  ? 0.1256 0.1147 0.2044 0.0057  0.0057  0.0061  31  ALA A CB  
247 N N   . ALA A 53  ? 0.1146 0.1062 0.1819 0.0071  0.0188  -0.0045 32  ALA A N   
248 C CA  . ALA A 53  ? 0.1278 0.1156 0.1785 0.0084  0.0199  -0.0077 32  ALA A CA  
249 C C   . ALA A 53  ? 0.1364 0.1214 0.1806 0.0076  0.0223  -0.0054 32  ALA A C   
250 O O   . ALA A 53  ? 0.1358 0.1218 0.1914 0.0063  0.0258  -0.0033 32  ALA A O   
251 C CB  . ALA A 53  ? 0.1199 0.1038 0.1659 0.0103  0.0236  -0.0133 32  ALA A CB  
252 N N   . PHE A 54  ? 0.1462 0.1278 0.1753 0.0082  0.0201  -0.0055 33  PHE A N   
253 C CA  . PHE A 54  ? 0.1593 0.1381 0.1831 0.0073  0.0220  -0.0027 33  PHE A CA  
254 C C   . PHE A 54  ? 0.1672 0.1394 0.1722 0.0091  0.0222  -0.0043 33  PHE A C   
255 O O   . PHE A 54  ? 0.1735 0.1444 0.1716 0.0108  0.0173  -0.0072 33  PHE A O   
256 C CB  . PHE A 54  ? 0.1489 0.1293 0.1756 0.0057  0.0158  0.0010  33  PHE A CB  
257 C CG  . PHE A 54  ? 0.1454 0.1286 0.1857 0.0044  0.0120  0.0030  33  PHE A CG  
258 C CD1 . PHE A 54  ? 0.1806 0.1650 0.2371 0.0027  0.0118  0.0052  33  PHE A CD1 
259 C CD2 . PHE A 54  ? 0.1445 0.1280 0.1837 0.0051  0.0088  0.0031  33  PHE A CD2 
260 C CE1 . PHE A 54  ? 0.1676 0.1526 0.2367 0.0019  0.0057  0.0072  33  PHE A CE1 
261 C CE2 . PHE A 54  ? 0.1877 0.1707 0.2356 0.0043  0.0047  0.0057  33  PHE A CE2 
262 C CZ  . PHE A 54  ? 0.1683 0.1518 0.2304 0.0028  0.0018  0.0076  33  PHE A CZ  
263 N N   . ASN A 55  ? 0.1818 0.1490 0.1807 0.0089  0.0272  -0.0021 34  ASN A N   
264 C CA  . ASN A 55  ? 0.2069 0.1659 0.1864 0.0105  0.0264  -0.0020 34  ASN A CA  
265 C C   . ASN A 55  ? 0.2027 0.1636 0.1868 0.0086  0.0252  0.0023  34  ASN A C   
266 O O   . ASN A 55  ? 0.2092 0.1725 0.2067 0.0067  0.0293  0.0048  34  ASN A O   
267 C CB  . ASN A 55  ? 0.2327 0.1795 0.1966 0.0124  0.0359  -0.0027 34  ASN A CB  
268 C CG  . ASN A 55  ? 0.2930 0.2368 0.2560 0.0137  0.0402  -0.0072 34  ASN A CG  
269 O OD1 . ASN A 55  ? 0.3654 0.3068 0.3356 0.0133  0.0519  -0.0066 34  ASN A OD1 
270 N ND2 . ASN A 55  ? 0.2635 0.2067 0.2207 0.0152  0.0314  -0.0118 34  ASN A ND2 
271 N N   . ALA A 56  ? 0.1893 0.1486 0.1651 0.0094  0.0193  0.0027  35  ALA A N   
272 C CA  . ALA A 56  ? 0.1779 0.1380 0.1577 0.0078  0.0179  0.0058  35  ALA A CA  
273 C C   . ALA A 56  ? 0.1933 0.1455 0.1593 0.0092  0.0185  0.0077  35  ALA A C   
274 O O   . ALA A 56  ? 0.2075 0.1566 0.1638 0.0112  0.0134  0.0062  35  ALA A O   
275 C CB  . ALA A 56  ? 0.1635 0.1276 0.1478 0.0073  0.0115  0.0050  35  ALA A CB  
276 N N   . TYR A 57  ? 0.1958 0.1444 0.1637 0.0080  0.0247  0.0112  36  TYR A N   
277 C CA  . TYR A 57  ? 0.2071 0.1476 0.1640 0.0090  0.0257  0.0142  36  TYR A CA  
278 C C   . TYR A 57  ? 0.1934 0.1378 0.1608 0.0070  0.0208  0.0154  36  TYR A C   
279 O O   . TYR A 57  ? 0.1817 0.1293 0.1640 0.0044  0.0218  0.0163  36  TYR A O   
280 C CB  . TYR A 57  ? 0.2285 0.1604 0.1816 0.0091  0.0376  0.0180  36  TYR A CB  
281 C CG  . TYR A 57  ? 0.2887 0.2090 0.2256 0.0108  0.0398  0.0220  36  TYR A CG  
282 C CD1 . TYR A 57  ? 0.3849 0.2913 0.2938 0.0144  0.0391  0.0220  36  TYR A CD1 
283 C CD2 . TYR A 57  ? 0.3245 0.2454 0.2726 0.0089  0.0412  0.0256  36  TYR A CD2 
284 C CE1 . TYR A 57  ? 0.3889 0.2824 0.2807 0.0163  0.0398  0.0264  36  TYR A CE1 
285 C CE2 . TYR A 57  ? 0.3684 0.2781 0.3026 0.0106  0.0435  0.0299  36  TYR A CE2 
286 C CZ  . TYR A 57  ? 0.3851 0.2811 0.2909 0.0143  0.0429  0.0307  36  TYR A CZ  
287 O OH  . TYR A 57  ? 0.4380 0.3206 0.3279 0.0161  0.0444  0.0360  36  TYR A OH  
288 N N   . ILE A 58  ? 0.1936 0.1368 0.1547 0.0083  0.0146  0.0146  37  ILE A N   
289 C CA  . ILE A 58  ? 0.1888 0.1338 0.1569 0.0071  0.0103  0.0141  37  ILE A CA  
290 C C   . ILE A 58  ? 0.1798 0.1189 0.1428 0.0082  0.0092  0.0163  37  ILE A C   
291 O O   . ILE A 58  ? 0.1832 0.1194 0.1387 0.0108  0.0061  0.0163  37  ILE A O   
292 C CB  . ILE A 58  ? 0.1781 0.1268 0.1477 0.0080  0.0061  0.0107  37  ILE A CB  
293 C CG1 . ILE A 58  ? 0.1783 0.1319 0.1509 0.0078  0.0068  0.0088  37  ILE A CG1 
294 C CG2 . ILE A 58  ? 0.1755 0.1215 0.1476 0.0066  0.0043  0.0097  37  ILE A CG2 
295 C CD1 . ILE A 58  ? 0.1889 0.1448 0.1639 0.0090  0.0050  0.0064  37  ILE A CD1 
296 N N   . VAL A 59  ? 0.1829 0.1198 0.1521 0.0063  0.0103  0.0181  38  VAL A N   
297 C CA  . VAL A 59  ? 0.1726 0.1041 0.1403 0.0071  0.0092  0.0201  38  VAL A CA  
298 C C   . VAL A 59  ? 0.1723 0.1038 0.1452 0.0060  0.0053  0.0168  38  VAL A C   
299 O O   . VAL A 59  ? 0.1546 0.0859 0.1334 0.0036  0.0038  0.0155  38  VAL A O   
300 C CB  . VAL A 59  ? 0.1942 0.1210 0.1660 0.0057  0.0144  0.0246  38  VAL A CB  
301 C CG1 . VAL A 59  ? 0.1695 0.0899 0.1400 0.0065  0.0131  0.0272  38  VAL A CG1 
302 C CG2 . VAL A 59  ? 0.1947 0.1178 0.1578 0.0069  0.0217  0.0279  38  VAL A CG2 
303 N N   . SER A 60  ? 0.1691 0.0988 0.1398 0.0081  0.0035  0.0153  39  SER A N   
304 C CA  . SER A 60  ? 0.1763 0.1023 0.1476 0.0081  0.0029  0.0117  39  SER A CA  
305 C C   . SER A 60  ? 0.1890 0.1109 0.1630 0.0103  0.0034  0.0116  39  SER A C   
306 O O   . SER A 60  ? 0.1892 0.1136 0.1665 0.0127  0.0023  0.0130  39  SER A O   
307 C CB  . SER A 60  ? 0.1801 0.1084 0.1489 0.0087  0.0038  0.0087  39  SER A CB  
308 O OG  . SER A 60  ? 0.2057 0.1260 0.1701 0.0096  0.0060  0.0056  39  SER A OG  
309 N N   . GLN A 61  ? 0.2008 0.1155 0.1750 0.0097  0.0040  0.0101  40  GLN A N   
310 C CA  . GLN A 61  ? 0.2039 0.1138 0.1831 0.0120  0.0061  0.0092  40  GLN A CA  
311 C C   . GLN A 61  ? 0.2076 0.1175 0.1902 0.0145  0.0107  0.0067  40  GLN A C   
312 O O   . GLN A 61  ? 0.1917 0.0999 0.1852 0.0169  0.0128  0.0067  40  GLN A O   
313 C CB  . GLN A 61  ? 0.2297 0.1291 0.2064 0.0109  0.0068  0.0065  40  GLN A CB  
314 N N   . GLN A 62  ? 0.2037 0.1150 0.1801 0.0141  0.0126  0.0048  41  GLN A N   
315 C CA  . GLN A 62  ? 0.2124 0.1234 0.1946 0.0165  0.0190  0.0030  41  GLN A CA  
316 C C   . GLN A 62  ? 0.1986 0.1188 0.1981 0.0184  0.0160  0.0051  41  GLN A C   
317 O O   . GLN A 62  ? 0.1992 0.1196 0.2124 0.0206  0.0210  0.0041  41  GLN A O   
318 C CB  . GLN A 62  ? 0.2255 0.1345 0.1957 0.0156  0.0214  0.0015  41  GLN A CB  
319 C CG  . GLN A 62  ? 0.2603 0.1554 0.2109 0.0145  0.0224  -0.0012 41  GLN A CG  
320 C CD  . GLN A 62  ? 0.3369 0.2178 0.2831 0.0169  0.0313  -0.0039 41  GLN A CD  
321 O OE1 . GLN A 62  ? 0.4165 0.2934 0.3672 0.0196  0.0419  -0.0044 41  GLN A OE1 
322 N NE2 . GLN A 62  ? 0.3497 0.2227 0.2902 0.0161  0.0282  -0.0055 41  GLN A NE2 
323 N N   . PHE A 63  ? 0.1923 0.1178 0.1904 0.0177  0.0079  0.0078  42  PHE A N   
324 C CA  . PHE A 63  ? 0.1959 0.1258 0.2048 0.0197  0.0011  0.0094  42  PHE A CA  
325 C C   . PHE A 63  ? 0.2014 0.1277 0.2216 0.0218  -0.0033 0.0116  42  PHE A C   
326 O O   . PHE A 63  ? 0.2140 0.1411 0.2434 0.0239  -0.0120 0.0129  42  PHE A O   
327 C CB  . PHE A 63  ? 0.1899 0.1221 0.1858 0.0188  -0.0051 0.0114  42  PHE A CB  
328 C CG  . PHE A 63  ? 0.1823 0.1189 0.1706 0.0169  -0.0020 0.0097  42  PHE A CG  
329 C CD1 . PHE A 63  ? 0.1824 0.1225 0.1781 0.0172  0.0013  0.0071  42  PHE A CD1 
330 C CD2 . PHE A 63  ? 0.1720 0.1088 0.1485 0.0149  -0.0020 0.0113  42  PHE A CD2 
331 C CE1 . PHE A 63  ? 0.1815 0.1250 0.1707 0.0155  0.0031  0.0061  42  PHE A CE1 
332 C CE2 . PHE A 63  ? 0.1727 0.1134 0.1457 0.0132  0.0002  0.0101  42  PHE A CE2 
333 C CZ  . PHE A 63  ? 0.1427 0.0869 0.1213 0.0136  0.0018  0.0075  42  PHE A CZ  
334 N N   . GLU A 64  ? 0.2087 0.1295 0.2284 0.0214  0.0008  0.0118  43  GLU A N   
335 C CA  . GLU A 64  ? 0.2160 0.1332 0.2485 0.0235  -0.0032 0.0141  43  GLU A CA  
336 C C   . GLU A 64  ? 0.2177 0.1359 0.2765 0.0263  -0.0008 0.0123  43  GLU A C   
337 O O   . GLU A 64  ? 0.2068 0.1237 0.2709 0.0265  0.0104  0.0091  43  GLU A O   
338 C CB  . GLU A 64  ? 0.2268 0.1373 0.2540 0.0224  0.0014  0.0143  43  GLU A CB  
339 C CG  . GLU A 64  ? 0.2755 0.1850 0.2848 0.0196  -0.0012 0.0171  43  GLU A CG  
340 C CD  . GLU A 64  ? 0.3253 0.2284 0.3316 0.0178  0.0025  0.0164  43  GLU A CD  
341 O OE1 . GLU A 64  ? 0.3220 0.2196 0.3352 0.0187  0.0073  0.0131  43  GLU A OE1 
342 O OE2 . GLU A 64  ? 0.3460 0.2484 0.3439 0.0154  0.0013  0.0190  43  GLU A OE2 
343 N N   . GLY A 65  ? 0.2152 0.1336 0.2906 0.0287  -0.0115 0.0149  44  GLY A N   
344 C CA  . GLY A 65  ? 0.2118 0.1319 0.3212 0.0315  -0.0107 0.0137  44  GLY A CA  
345 C C   . GLY A 65  ? 0.2083 0.1344 0.3290 0.0320  -0.0133 0.0118  44  GLY A C   
346 O O   . GLY A 65  ? 0.2247 0.1528 0.3780 0.0339  -0.0100 0.0107  44  GLY A O   
347 N N   . LYS A 66  ? 0.2052 0.1339 0.3029 0.0303  -0.0189 0.0117  45  LYS A N   
348 C CA  . LYS A 66  ? 0.2112 0.1454 0.3181 0.0305  -0.0217 0.0095  45  LYS A CA  
349 C C   . LYS A 66  ? 0.2085 0.1410 0.3030 0.0311  -0.0392 0.0103  45  LYS A C   
350 O O   . LYS A 66  ? 0.2013 0.1292 0.2665 0.0302  -0.0428 0.0124  45  LYS A O   
351 C CB  . LYS A 66  ? 0.2037 0.1410 0.2939 0.0280  -0.0093 0.0073  45  LYS A CB  
352 C CG  . LYS A 66  ? 0.2623 0.1960 0.3543 0.0278  0.0076  0.0060  45  LYS A CG  
353 C CD  . LYS A 66  ? 0.3215 0.2558 0.3987 0.0261  0.0173  0.0044  45  LYS A CD  
354 C CE  . LYS A 66  ? 0.3539 0.2794 0.4307 0.0268  0.0344  0.0030  45  LYS A CE  
355 N NZ  . LYS A 66  ? 0.4211 0.3472 0.5020 0.0271  0.0430  0.0023  45  LYS A NZ  
356 N N   . GLY A 67  ? 0.2251 0.1594 0.3424 0.0329  -0.0497 0.0086  46  GLY A N   
357 C CA  . GLY A 67  ? 0.2424 0.1722 0.3440 0.0337  -0.0665 0.0078  46  GLY A CA  
358 C C   . GLY A 67  ? 0.2399 0.1734 0.3194 0.0314  -0.0596 0.0054  46  GLY A C   
359 O O   . GLY A 67  ? 0.2154 0.1558 0.2959 0.0293  -0.0439 0.0046  46  GLY A O   
360 N N   . LEU A 68  ? 0.2673 0.1942 0.3258 0.0321  -0.0718 0.0042  47  LEU A N   
361 C CA  . LEU A 68  ? 0.2748 0.2042 0.3119 0.0301  -0.0649 0.0022  47  LEU A CA  
362 C C   . LEU A 68  ? 0.2518 0.1917 0.3116 0.0290  -0.0580 -0.0013 47  LEU A C   
363 O O   . LEU A 68  ? 0.2467 0.1918 0.2964 0.0267  -0.0453 -0.0015 47  LEU A O   
364 C CB  . LEU A 68  ? 0.3035 0.2200 0.3096 0.0316  -0.0771 0.0014  47  LEU A CB  
365 C CG  . LEU A 68  ? 0.3333 0.2351 0.3098 0.0331  -0.0821 0.0059  47  LEU A CG  
366 C CD1 . LEU A 68  ? 0.4061 0.2916 0.3458 0.0348  -0.0894 0.0045  47  LEU A CD1 
367 C CD2 . LEU A 68  ? 0.3273 0.2331 0.2946 0.0307  -0.0658 0.0100  47  LEU A CD2 
368 N N   . LEU A 69  ? 0.2575 0.1999 0.3506 0.0306  -0.0658 -0.0035 48  LEU A N   
369 C CA  . LEU A 69  ? 0.2521 0.2036 0.3693 0.0296  -0.0565 -0.0058 48  LEU A CA  
370 C C   . LEU A 69  ? 0.2273 0.1842 0.3528 0.0282  -0.0357 -0.0034 48  LEU A C   
371 O O   . LEU A 69  ? 0.1999 0.1606 0.3211 0.0266  -0.0237 -0.0037 48  LEU A O   
372 C CB  . LEU A 69  ? 0.2693 0.2221 0.4269 0.0315  -0.0683 -0.0084 48  LEU A CB  
373 C CG  . LEU A 69  ? 0.2976 0.2571 0.4743 0.0305  -0.0628 -0.0113 48  LEU A CG  
374 C CD1 . LEU A 69  ? 0.3615 0.3193 0.5064 0.0294  -0.0659 -0.0139 48  LEU A CD1 
375 C CD2 . LEU A 69  ? 0.3744 0.3342 0.5949 0.0325  -0.0774 -0.0139 48  LEU A CD2 
376 N N   . ASP A 70  ? 0.2079 0.1625 0.3417 0.0291  -0.0319 -0.0011 49  ASP A N   
377 C CA  . ASP A 70  ? 0.2084 0.1632 0.3425 0.0283  -0.0124 0.0004  49  ASP A CA  
378 C C   . ASP A 70  ? 0.2086 0.1614 0.3049 0.0258  -0.0051 0.0013  49  ASP A C   
379 O O   . ASP A 70  ? 0.2069 0.1582 0.2957 0.0248  0.0089  0.0015  49  ASP A O   
380 C CB  . ASP A 70  ? 0.2249 0.1763 0.3788 0.0301  -0.0100 0.0019  49  ASP A CB  
381 C CG  . ASP A 70  ? 0.2358 0.1895 0.4365 0.0323  -0.0059 0.0014  49  ASP A CG  
382 O OD1 . ASP A 70  ? 0.2203 0.1773 0.4348 0.0320  0.0012  0.0003  49  ASP A OD1 
383 O OD2 . ASP A 70  ? 0.2583 0.2099 0.4838 0.0342  -0.0085 0.0024  49  ASP A OD2 
384 N N   . ARG A 71  ? 0.2054 0.1563 0.2780 0.0251  -0.0148 0.0021  50  ARG A N   
385 C CA  . ARG A 71  ? 0.1947 0.1448 0.2382 0.0225  -0.0098 0.0028  50  ARG A CA  
386 C C   . ARG A 71  ? 0.1931 0.1475 0.2317 0.0211  -0.0063 0.0012  50  ARG A C   
387 O O   . ARG A 71  ? 0.1961 0.1503 0.2245 0.0195  0.0024  0.0016  50  ARG A O   
388 C CB  . ARG A 71  ? 0.1914 0.1371 0.2151 0.0225  -0.0187 0.0045  50  ARG A CB  
389 C CG  . ARG A 71  ? 0.2054 0.1460 0.2311 0.0236  -0.0214 0.0070  50  ARG A CG  
390 C CD  . ARG A 71  ? 0.1989 0.1323 0.2024 0.0239  -0.0287 0.0099  50  ARG A CD  
391 N NE  . ARG A 71  ? 0.2374 0.1651 0.2460 0.0255  -0.0331 0.0127  50  ARG A NE  
392 C CZ  . ARG A 71  ? 0.2349 0.1547 0.2258 0.0256  -0.0353 0.0166  50  ARG A CZ  
393 N NH1 . ARG A 71  ? 0.2564 0.1729 0.2245 0.0243  -0.0317 0.0181  50  ARG A NH1 
394 N NH2 . ARG A 71  ? 0.3027 0.2176 0.3012 0.0271  -0.0392 0.0194  50  ARG A NH2 
395 N N   . GLN A 72  ? 0.2029 0.1598 0.2488 0.0220  -0.0145 -0.0008 51  GLN A N   
396 C CA  . GLN A 72  ? 0.2156 0.1765 0.2603 0.0209  -0.0117 -0.0025 51  GLN A CA  
397 C C   . GLN A 72  ? 0.2062 0.1694 0.2655 0.0207  -0.0002 -0.0021 51  GLN A C   
398 O O   . GLN A 72  ? 0.2054 0.1690 0.2539 0.0192  0.0066  -0.0014 51  GLN A O   
399 C CB  . GLN A 72  ? 0.2287 0.1897 0.2809 0.0223  -0.0235 -0.0056 51  GLN A CB  
400 C CG  . GLN A 72  ? 0.2922 0.2459 0.3197 0.0228  -0.0330 -0.0061 51  GLN A CG  
401 C CD  . GLN A 72  ? 0.3856 0.3348 0.4158 0.0248  -0.0466 -0.0102 51  GLN A CD  
402 O OE1 . GLN A 72  ? 0.4680 0.4216 0.5107 0.0244  -0.0462 -0.0132 51  GLN A OE1 
403 N NE2 . GLN A 72  ? 0.4496 0.3877 0.4673 0.0270  -0.0598 -0.0105 51  GLN A NE2 
404 N N   . ARG A 73  ? 0.2069 0.1694 0.2903 0.0225  0.0030  -0.0019 52  ARG A N   
405 C CA  . ARG A 73  ? 0.2054 0.1658 0.2993 0.0229  0.0182  -0.0006 52  ARG A CA  
406 C C   . ARG A 73  ? 0.2139 0.1667 0.2818 0.0218  0.0287  0.0012  52  ARG A C   
407 O O   . ARG A 73  ? 0.2323 0.1808 0.2915 0.0214  0.0380  0.0023  52  ARG A O   
408 C CB  . ARG A 73  ? 0.2025 0.1619 0.3293 0.0252  0.0222  -0.0004 52  ARG A CB  
409 C CG  . ARG A 73  ? 0.1864 0.1519 0.3438 0.0262  0.0119  -0.0024 52  ARG A CG  
410 C CD  . ARG A 73  ? 0.2220 0.1871 0.4150 0.0284  0.0092  -0.0024 52  ARG A CD  
411 N NE  . ARG A 73  ? 0.2258 0.1957 0.4560 0.0294  0.0021  -0.0043 52  ARG A NE  
412 C CZ  . ARG A 73  ? 0.2853 0.2563 0.5531 0.0312  -0.0092 -0.0053 52  ARG A CZ  
413 N NH1 . ARG A 73  ? 0.3271 0.2951 0.5996 0.0325  -0.0151 -0.0044 52  ARG A NH1 
414 N NH2 . ARG A 73  ? 0.3034 0.2784 0.6071 0.0317  -0.0160 -0.0074 52  ARG A NH2 
415 N N   . LEU A 74  ? 0.2223 0.1718 0.2772 0.0214  0.0261  0.0016  53  LEU A N   
416 C CA  . LEU A 74  ? 0.2303 0.1707 0.2609 0.0205  0.0328  0.0023  53  LEU A CA  
417 C C   . LEU A 74  ? 0.2056 0.1473 0.2163 0.0182  0.0288  0.0026  53  LEU A C   
418 O O   . LEU A 74  ? 0.2084 0.1414 0.2031 0.0177  0.0341  0.0032  53  LEU A O   
419 C CB  . LEU A 74  ? 0.2483 0.1861 0.2735 0.0203  0.0287  0.0023  53  LEU A CB  
420 C CG  . LEU A 74  ? 0.2968 0.2231 0.3030 0.0200  0.0347  0.0021  53  LEU A CG  
421 C CD1 . LEU A 74  ? 0.3451 0.2596 0.3532 0.0222  0.0496  0.0017  53  LEU A CD1 
422 C CD2 . LEU A 74  ? 0.2883 0.2150 0.2957 0.0198  0.0287  0.0024  53  LEU A CD2 
423 N N   . VAL A 75  ? 0.1891 0.1388 0.1994 0.0169  0.0193  0.0022  54  VAL A N   
424 C CA  . VAL A 75  ? 0.1955 0.1474 0.1938 0.0148  0.0164  0.0025  54  VAL A CA  
425 C C   . VAL A 75  ? 0.1934 0.1461 0.1958 0.0150  0.0204  0.0027  54  VAL A C   
426 O O   . VAL A 75  ? 0.2171 0.1652 0.2076 0.0139  0.0218  0.0039  54  VAL A O   
427 C CB  . VAL A 75  ? 0.1848 0.1425 0.1819 0.0140  0.0088  0.0020  54  VAL A CB  
428 C CG1 . VAL A 75  ? 0.1858 0.1462 0.1765 0.0121  0.0079  0.0024  54  VAL A CG1 
429 C CG2 . VAL A 75  ? 0.2157 0.1701 0.2065 0.0139  0.0063  0.0031  54  VAL A CG2 
430 N N   . ASN A 76  ? 0.2045 0.1617 0.2254 0.0165  0.0216  0.0018  55  ASN A N   
431 C CA  . ASN A 76  ? 0.1973 0.1551 0.2256 0.0167  0.0264  0.0023  55  ASN A CA  
432 C C   . ASN A 76  ? 0.2112 0.1575 0.2315 0.0177  0.0381  0.0049  55  ASN A C   
433 O O   . ASN A 76  ? 0.2007 0.1424 0.2123 0.0175  0.0415  0.0067  55  ASN A O   
434 C CB  . ASN A 76  ? 0.1982 0.1622 0.2524 0.0181  0.0248  0.0005  55  ASN A CB  
435 C CG  . ASN A 76  ? 0.2075 0.1782 0.2637 0.0177  0.0127  -0.0025 55  ASN A CG  
436 O OD1 . ASN A 76  ? 0.1999 0.1719 0.2405 0.0163  0.0091  -0.0029 55  ASN A OD1 
437 N ND2 . ASN A 76  ? 0.2099 0.1828 0.2854 0.0192  0.0063  -0.0048 55  ASN A ND2 
438 N N   . SER A 77  ? 0.2305 0.1694 0.2505 0.0192  0.0447  0.0051  56  SER A N   
439 C CA  . SER A 77  ? 0.2506 0.1731 0.2551 0.0206  0.0576  0.0072  56  SER A CA  
440 C C   . SER A 77  ? 0.2544 0.1652 0.2254 0.0194  0.0536  0.0079  56  SER A C   
441 O O   . SER A 77  ? 0.2680 0.1630 0.2201 0.0206  0.0610  0.0101  56  SER A O   
442 C CB  . SER A 77  ? 0.2704 0.1862 0.2839 0.0229  0.0674  0.0068  56  SER A CB  
443 O OG  . SER A 77  ? 0.3283 0.2348 0.3187 0.0224  0.0653  0.0058  56  SER A OG  
444 N N   . ALA A 78  ? 0.2525 0.1689 0.2167 0.0172  0.0417  0.0065  57  ALA A N   
445 C CA  . ALA A 78  ? 0.2635 0.1713 0.2047 0.0156  0.0341  0.0068  57  ALA A CA  
446 C C   . ALA A 78  ? 0.2685 0.1772 0.2070 0.0148  0.0302  0.0089  57  ALA A C   
447 O O   . ALA A 78  ? 0.2813 0.1756 0.1984 0.0148  0.0266  0.0102  57  ALA A O   
448 C CB  . ALA A 78  ? 0.2474 0.1639 0.1920 0.0134  0.0237  0.0053  57  ALA A CB  
449 N N   . ILE A 79  ? 0.2570 0.1805 0.2165 0.0144  0.0300  0.0088  58  ILE A N   
450 C CA  . ILE A 79  ? 0.2542 0.1810 0.2163 0.0135  0.0262  0.0104  58  ILE A CA  
451 C C   . ILE A 79  ? 0.2507 0.1774 0.2238 0.0153  0.0356  0.0120  58  ILE A C   
452 O O   . ILE A 79  ? 0.2432 0.1783 0.2287 0.0146  0.0330  0.0124  58  ILE A O   
453 C CB  . ILE A 79  ? 0.2399 0.1828 0.2173 0.0114  0.0179  0.0086  58  ILE A CB  
454 C CG1 . ILE A 79  ? 0.2367 0.1909 0.2312 0.0121  0.0194  0.0058  58  ILE A CG1 
455 C CG2 . ILE A 79  ? 0.2412 0.1838 0.2120 0.0094  0.0097  0.0080  58  ILE A CG2 
456 C CD1 . ILE A 79  ? 0.2356 0.2006 0.2394 0.0109  0.0139  0.0038  58  ILE A CD1 
457 N N   . ALA A 80  ? 0.2636 0.1796 0.2338 0.0177  0.0476  0.0133  59  ALA A N   
458 C CA  . ALA A 80  ? 0.2554 0.1704 0.2416 0.0195  0.0596  0.0153  59  ALA A CA  
459 C C   . ALA A 80  ? 0.2645 0.1717 0.2406 0.0198  0.0609  0.0191  59  ALA A C   
460 O O   . ALA A 80  ? 0.2443 0.1600 0.2413 0.0198  0.0631  0.0198  59  ALA A O   
461 C CB  . ALA A 80  ? 0.2761 0.1774 0.2610 0.0223  0.0759  0.0166  59  ALA A CB  
462 N N   . ALA A 81  ? 0.2988 0.1889 0.2430 0.0199  0.0574  0.0215  60  ALA A N   
463 C CA  . ALA A 81  ? 0.3196 0.1977 0.2491 0.0206  0.0569  0.0261  60  ALA A CA  
464 C C   . ALA A 81  ? 0.3051 0.2003 0.2534 0.0183  0.0451  0.0255  60  ALA A C   
465 O O   . ALA A 81  ? 0.3061 0.1997 0.2598 0.0188  0.0474  0.0288  60  ALA A O   
466 C CB  . ALA A 81  ? 0.3581 0.2115 0.2470 0.0214  0.0512  0.0279  60  ALA A CB  
467 N N   . GLU A 82  ? 0.2929 0.2038 0.2526 0.0159  0.0341  0.0213  61  GLU A N   
468 C CA  . GLU A 82  ? 0.2797 0.2051 0.2558 0.0138  0.0241  0.0200  61  GLU A CA  
469 C C   . GLU A 82  ? 0.2511 0.1943 0.2556 0.0134  0.0269  0.0166  61  GLU A C   
470 O O   . GLU A 82  ? 0.2457 0.1974 0.2631 0.0124  0.0225  0.0159  61  GLU A O   
471 C CB  . GLU A 82  ? 0.2817 0.2112 0.2544 0.0116  0.0131  0.0176  61  GLU A CB  
472 C CG  . GLU A 82  ? 0.3287 0.2409 0.2779 0.0115  0.0044  0.0203  61  GLU A CG  
473 C CD  . GLU A 82  ? 0.4089 0.3046 0.3330 0.0130  0.0080  0.0200  61  GLU A CD  
474 O OE1 . GLU A 82  ? 0.4349 0.3364 0.3642 0.0133  0.0149  0.0173  61  GLU A OE1 
475 O OE2 . GLU A 82  ? 0.4497 0.3236 0.3466 0.0141  0.0033  0.0225  61  GLU A OE2 
476 N N   . MET A 83  ? 0.2395 0.1862 0.2537 0.0144  0.0335  0.0145  62  MET A N   
477 C CA  . MET A 83  ? 0.2392 0.2000 0.2772 0.0142  0.0320  0.0100  62  MET A CA  
478 C C   . MET A 83  ? 0.2370 0.2030 0.2937 0.0144  0.0332  0.0099  62  MET A C   
479 O O   . MET A 83  ? 0.2300 0.2060 0.2995 0.0136  0.0273  0.0055  62  MET A O   
480 C CB  . MET A 83  ? 0.2586 0.2196 0.3067 0.0157  0.0371  0.0085  62  MET A CB  
481 C CG  . MET A 83  ? 0.2954 0.2677 0.3614 0.0155  0.0297  0.0032  62  MET A CG  
482 S SD  . MET A 83  ? 0.4014 0.3764 0.4494 0.0140  0.0204  0.0007  62  MET A SD  
483 C CE  . MET A 83  ? 0.3196 0.3024 0.3766 0.0138  0.0127  -0.0045 62  MET A CE  
484 N N   . PRO A 84  ? 0.2465 0.2035 0.3025 0.0155  0.0413  0.0148  63  PRO A N   
485 C CA  . PRO A 84  ? 0.2480 0.2102 0.3244 0.0156  0.0427  0.0150  63  PRO A CA  
486 C C   . PRO A 84  ? 0.2416 0.2094 0.3174 0.0141  0.0341  0.0138  63  PRO A C   
487 O O   . PRO A 84  ? 0.2686 0.2441 0.3635 0.0139  0.0325  0.0111  63  PRO A O   
488 C CB  . PRO A 84  ? 0.2557 0.2032 0.3252 0.0174  0.0545  0.0220  63  PRO A CB  
489 C CG  . PRO A 84  ? 0.2817 0.2189 0.3370 0.0187  0.0623  0.0235  63  PRO A CG  
490 C CD  . PRO A 84  ? 0.2690 0.2096 0.3081 0.0173  0.0518  0.0200  63  PRO A CD  
491 N N   . GLN A 85  ? 0.2542 0.2173 0.3105 0.0132  0.0285  0.0157  64  GLN A N   
492 C CA  . GLN A 85  ? 0.2503 0.2181 0.3093 0.0117  0.0206  0.0152  64  GLN A CA  
493 C C   . GLN A 85  ? 0.2179 0.1958 0.2818 0.0104  0.0160  0.0095  64  GLN A C   
494 O O   . GLN A 85  ? 0.2456 0.2267 0.3139 0.0093  0.0119  0.0091  64  GLN A O   
495 C CB  . GLN A 85  ? 0.2719 0.2274 0.3110 0.0114  0.0152  0.0205  64  GLN A CB  
496 C CG  . GLN A 85  ? 0.3280 0.2685 0.3554 0.0132  0.0188  0.0269  64  GLN A CG  
497 C CD  . GLN A 85  ? 0.3897 0.3134 0.3925 0.0135  0.0104  0.0317  64  GLN A CD  
498 O OE1 . GLN A 85  ? 0.4878 0.4136 0.4966 0.0122  -0.0007 0.0323  64  GLN A OE1 
499 N NE2 . GLN A 85  ? 0.4404 0.3455 0.4162 0.0153  0.0152  0.0351  64  GLN A NE2 
500 N N   . ILE A 86  ? 0.1819 0.1630 0.2448 0.0108  0.0171  0.0056  65  ILE A N   
501 C CA  . ILE A 86  ? 0.1621 0.1484 0.2235 0.0101  0.0139  0.0011  65  ILE A CA  
502 C C   . ILE A 86  ? 0.1544 0.1453 0.2269 0.0110  0.0135  -0.0048 65  ILE A C   
503 O O   . ILE A 86  ? 0.1513 0.1421 0.2291 0.0122  0.0135  -0.0065 65  ILE A O   
504 C CB  . ILE A 86  ? 0.1618 0.1451 0.2095 0.0101  0.0132  0.0013  65  ILE A CB  
505 C CG1 . ILE A 86  ? 0.1672 0.1439 0.2025 0.0091  0.0112  0.0057  65  ILE A CG1 
506 C CG2 . ILE A 86  ? 0.1592 0.1454 0.2031 0.0099  0.0112  -0.0026 65  ILE A CG2 
507 C CD1 . ILE A 86  ? 0.1458 0.1173 0.1670 0.0091  0.0109  0.0062  65  ILE A CD1 
508 N N   . HIS A 87  ? 0.1376 0.1310 0.2141 0.0108  0.0130  -0.0081 66  HIS A N   
509 C CA  . HIS A 87  ? 0.1366 0.1302 0.2183 0.0120  0.0113  -0.0148 66  HIS A CA  
510 C C   . HIS A 87  ? 0.1468 0.1363 0.2159 0.0131  0.0071  -0.0186 66  HIS A C   
511 O O   . HIS A 87  ? 0.1496 0.1377 0.2249 0.0145  0.0018  -0.0227 66  HIS A O   
512 C CB  . HIS A 87  ? 0.1290 0.1225 0.2129 0.0117  0.0140  -0.0178 66  HIS A CB  
513 C CG  . HIS A 87  ? 0.1316 0.1198 0.2096 0.0134  0.0123  -0.0257 66  HIS A CG  
514 N ND1 . HIS A 87  ? 0.1268 0.1141 0.2153 0.0145  0.0077  -0.0305 66  HIS A ND1 
515 C CD2 . HIS A 87  ? 0.1274 0.1075 0.1875 0.0146  0.0142  -0.0297 66  HIS A CD2 
516 C CE1 . HIS A 87  ? 0.1632 0.1414 0.2384 0.0162  0.0048  -0.0379 66  HIS A CE1 
517 N NE2 . HIS A 87  ? 0.1410 0.1135 0.1962 0.0164  0.0095  -0.0373 66  HIS A NE2 
518 N N   . ALA A 88  ? 0.1560 0.1432 0.2097 0.0126  0.0084  -0.0171 67  ALA A N   
519 C CA  . ALA A 88  ? 0.1698 0.1512 0.2086 0.0139  0.0045  -0.0193 67  ALA A CA  
520 C C   . ALA A 88  ? 0.1784 0.1595 0.2072 0.0128  0.0068  -0.0145 67  ALA A C   
521 O O   . ALA A 88  ? 0.1720 0.1548 0.2011 0.0113  0.0112  -0.0113 67  ALA A O   
522 C CB  . ALA A 88  ? 0.1868 0.1594 0.2106 0.0153  0.0046  -0.0246 67  ALA A CB  
523 N N   . PHE A 89  ? 0.1976 0.1759 0.2198 0.0137  0.0028  -0.0144 68  PHE A N   
524 C CA  . PHE A 89  ? 0.1955 0.1722 0.2082 0.0130  0.0042  -0.0107 68  PHE A CA  
525 C C   . PHE A 89  ? 0.2118 0.1817 0.2122 0.0147  -0.0010 -0.0125 68  PHE A C   
526 O O   . PHE A 89  ? 0.2463 0.2152 0.2529 0.0163  -0.0078 -0.0148 68  PHE A O   
527 C CB  . PHE A 89  ? 0.1898 0.1694 0.2095 0.0121  0.0055  -0.0070 68  PHE A CB  
528 C CG  . PHE A 89  ? 0.2186 0.1957 0.2287 0.0110  0.0067  -0.0038 68  PHE A CG  
529 C CD1 . PHE A 89  ? 0.2433 0.2206 0.2525 0.0091  0.0085  -0.0011 68  PHE A CD1 
530 C CD2 . PHE A 89  ? 0.2578 0.2318 0.2625 0.0119  0.0047  -0.0035 68  PHE A CD2 
531 C CE1 . PHE A 89  ? 0.2654 0.2395 0.2683 0.0081  0.0080  0.0014  68  PHE A CE1 
532 C CE2 . PHE A 89  ? 0.3055 0.2767 0.3027 0.0109  0.0057  -0.0008 68  PHE A CE2 
533 C CZ  . PHE A 89  ? 0.2758 0.2470 0.2720 0.0088  0.0072  0.0014  68  PHE A CZ  
534 N N   . THR A 90  ? 0.2075 0.1716 0.1923 0.0147  0.0019  -0.0114 69  THR A N   
535 C CA  . THR A 90  ? 0.2146 0.1692 0.1829 0.0166  -0.0028 -0.0118 69  THR A CA  
536 C C   . THR A 90  ? 0.2038 0.1583 0.1678 0.0153  0.0012  -0.0069 69  THR A C   
537 O O   . THR A 90  ? 0.1852 0.1449 0.1563 0.0131  0.0073  -0.0041 69  THR A O   
538 C CB  . THR A 90  ? 0.2328 0.1743 0.1798 0.0186  -0.0017 -0.0147 69  THR A CB  
539 O OG1 . THR A 90  ? 0.2469 0.1875 0.1902 0.0172  0.0104  -0.0121 69  THR A OG1 
540 C CG2 . THR A 90  ? 0.2404 0.1798 0.1903 0.0199  -0.0063 -0.0207 69  THR A CG2 
541 N N   . MET A 91  ? 0.2192 0.1668 0.1731 0.0169  -0.0040 -0.0059 70  MET A N   
542 C CA  . MET A 91  ? 0.2040 0.1515 0.1563 0.0158  -0.0015 -0.0015 70  MET A CA  
543 C C   . MET A 91  ? 0.2174 0.1530 0.1524 0.0181  -0.0061 -0.0001 70  MET A C   
544 O O   . MET A 91  ? 0.2204 0.1477 0.1461 0.0208  -0.0152 -0.0026 70  MET A O   
545 C CB  . MET A 91  ? 0.2034 0.1589 0.1721 0.0148  -0.0028 -0.0007 70  MET A CB  
546 C CG  . MET A 91  ? 0.2244 0.1789 0.2004 0.0168  -0.0103 -0.0021 70  MET A CG  
547 S SD  . MET A 91  ? 0.1808 0.1414 0.1756 0.0163  -0.0068 -0.0015 70  MET A SD  
548 C CE  . MET A 91  ? 0.2036 0.1698 0.2109 0.0161  -0.0055 -0.0042 70  MET A CE  
549 N N   . LYS A 92  ? 0.2230 0.1562 0.1535 0.0171  -0.0009 0.0042  71  LYS A N   
550 C CA  . LYS A 92  ? 0.2338 0.1564 0.1506 0.0190  -0.0047 0.0073  71  LYS A CA  
551 C C   . LYS A 92  ? 0.2350 0.1644 0.1658 0.0171  -0.0033 0.0100  71  LYS A C   
552 O O   . LYS A 92  ? 0.2168 0.1515 0.1555 0.0145  0.0038  0.0114  71  LYS A O   
553 C CB  . LYS A 92  ? 0.2606 0.1695 0.1551 0.0199  0.0036  0.0102  71  LYS A CB  
554 N N   . CYS A 93  ? 0.2345 0.1631 0.1708 0.0185  -0.0110 0.0101  72  CYS A N   
555 C CA  . CYS A 93  ? 0.2253 0.1591 0.1753 0.0173  -0.0095 0.0113  72  CYS A CA  
556 C C   . CYS A 93  ? 0.2344 0.1592 0.1770 0.0187  -0.0125 0.0152  72  CYS A C   
557 O O   . CYS A 93  ? 0.2541 0.1726 0.1941 0.0215  -0.0214 0.0155  72  CYS A O   
558 C CB  . CYS A 93  ? 0.2106 0.1502 0.1782 0.0182  -0.0131 0.0083  72  CYS A CB  
559 S SG  . CYS A 93  ? 0.2480 0.1961 0.2254 0.0172  -0.0101 0.0047  72  CYS A SG  
560 N N   . LEU A 94  ? 0.2282 0.1519 0.1700 0.0169  -0.0062 0.0183  73  LEU A N   
561 C CA  . LEU A 94  ? 0.2477 0.1630 0.1845 0.0180  -0.0076 0.0225  73  LEU A CA  
562 C C   . LEU A 94  ? 0.2275 0.1473 0.1788 0.0161  -0.0051 0.0223  73  LEU A C   
563 O O   . LEU A 94  ? 0.2085 0.1339 0.1668 0.0135  -0.0006 0.0201  73  LEU A O   
564 C CB  . LEU A 94  ? 0.2725 0.1790 0.1939 0.0175  -0.0003 0.0272  73  LEU A CB  
565 C CG  . LEU A 94  ? 0.3164 0.2109 0.2139 0.0200  0.0003  0.0283  73  LEU A CG  
566 C CD1 . LEU A 94  ? 0.3307 0.2324 0.2313 0.0187  0.0045  0.0242  73  LEU A CD1 
567 C CD2 . LEU A 94  ? 0.3931 0.2744 0.2755 0.0202  0.0107  0.0347  73  LEU A CD2 
568 N N   . THR A 95  ? 0.2325 0.1472 0.1866 0.0176  -0.0088 0.0245  74  THR A N   
569 C CA  . THR A 95  ? 0.2350 0.1499 0.1989 0.0161  -0.0055 0.0247  74  THR A CA  
570 C C   . THR A 95  ? 0.2489 0.1590 0.2072 0.0142  -0.0002 0.0292  74  THR A C   
571 O O   . THR A 95  ? 0.2561 0.1597 0.2011 0.0151  0.0018  0.0332  74  THR A O   
572 C CB  . THR A 95  ? 0.2432 0.1542 0.2159 0.0186  -0.0105 0.0258  74  THR A CB  
573 O OG1 . THR A 95  ? 0.2822 0.1837 0.2439 0.0205  -0.0151 0.0314  74  THR A OG1 
574 C CG2 . THR A 95  ? 0.2254 0.1406 0.2102 0.0208  -0.0149 0.0222  74  THR A CG2 
575 N N   . PRO A 96  ? 0.2499 0.1607 0.2181 0.0118  0.0027  0.0281  75  PRO A N   
576 C CA  . PRO A 96  ? 0.2647 0.1711 0.2343 0.0098  0.0079  0.0324  75  PRO A CA  
577 C C   . PRO A 96  ? 0.2905 0.1872 0.2525 0.0121  0.0084  0.0390  75  PRO A C   
578 O O   . PRO A 96  ? 0.2775 0.1679 0.2338 0.0116  0.0151  0.0443  75  PRO A O   
579 C CB  . PRO A 96  ? 0.2609 0.1683 0.2437 0.0072  0.0072  0.0290  75  PRO A CB  
580 C CG  . PRO A 96  ? 0.2495 0.1587 0.2324 0.0082  0.0036  0.0235  75  PRO A CG  
581 C CD  . PRO A 96  ? 0.2474 0.1604 0.2243 0.0109  0.0019  0.0230  75  PRO A CD  
582 N N   . GLY A 97  ? 0.2990 0.1928 0.2608 0.0148  0.0018  0.0391  76  GLY A N   
583 C CA  . GLY A 97  ? 0.3273 0.2099 0.2792 0.0177  -0.0012 0.0456  76  GLY A CA  
584 C C   . GLY A 97  ? 0.3467 0.2197 0.2749 0.0203  -0.0028 0.0495  76  GLY A C   
585 O O   . GLY A 97  ? 0.3605 0.2196 0.2725 0.0219  0.0007  0.0565  76  GLY A O   
586 N N   . GLU A 98  ? 0.3433 0.2211 0.2672 0.0213  -0.0079 0.0448  77  GLU A N   
587 C CA  . GLU A 98  ? 0.3621 0.2294 0.2613 0.0240  -0.0103 0.0465  77  GLU A CA  
588 C C   . GLU A 98  ? 0.3807 0.2443 0.2683 0.0223  0.0034  0.0488  77  GLU A C   
589 O O   . GLU A 98  ? 0.4015 0.2486 0.2633 0.0247  0.0070  0.0533  77  GLU A O   
590 C CB  . GLU A 98  ? 0.3530 0.2281 0.2565 0.0248  -0.0188 0.0400  77  GLU A CB  
591 C CG  . GLU A 98  ? 0.3537 0.2300 0.2712 0.0274  -0.0323 0.0384  77  GLU A CG  
592 C CD  . GLU A 98  ? 0.3346 0.2233 0.2696 0.0270  -0.0361 0.0316  77  GLU A CD  
593 O OE1 . GLU A 98  ? 0.2688 0.1640 0.2006 0.0251  -0.0298 0.0284  77  GLU A OE1 
594 O OE2 . GLU A 98  ? 0.2939 0.1860 0.2494 0.0286  -0.0440 0.0298  77  GLU A OE2 
595 N N   . TRP A 99  ? 0.3648 0.2420 0.2715 0.0186  0.0108  0.0453  78  TRP A N   
596 C CA  . TRP A 99  ? 0.3712 0.2473 0.2775 0.0165  0.0242  0.0474  78  TRP A CA  
597 C C   . TRP A 99  ? 0.4050 0.2681 0.3062 0.0167  0.0344  0.0553  78  TRP A C   
598 O O   . TRP A 99  ? 0.4208 0.2712 0.3055 0.0180  0.0458  0.0598  78  TRP A O   
599 C CB  . TRP A 99  ? 0.3420 0.2341 0.2747 0.0123  0.0259  0.0426  78  TRP A CB  
600 C CG  . TRP A 99  ? 0.3093 0.2033 0.2506 0.0101  0.0369  0.0435  78  TRP A CG  
601 C CD1 . TRP A 99  ? 0.3411 0.2325 0.2719 0.0110  0.0432  0.0429  78  TRP A CD1 
602 C CD2 . TRP A 99  ? 0.3028 0.2026 0.2695 0.0063  0.0414  0.0440  78  TRP A CD2 
603 N NE1 . TRP A 99  ? 0.3412 0.2369 0.2914 0.0083  0.0530  0.0438  78  TRP A NE1 
604 C CE2 . TRP A 99  ? 0.3200 0.2211 0.2939 0.0052  0.0511  0.0445  78  TRP A CE2 
605 C CE3 . TRP A 99  ? 0.3095 0.2123 0.2950 0.0039  0.0374  0.0436  78  TRP A CE3 
606 C CZ2 . TRP A 99  ? 0.3503 0.2566 0.3533 0.0018  0.0557  0.0452  78  TRP A CZ2 
607 C CZ3 . TRP A 99  ? 0.3377 0.2443 0.3486 0.0004  0.0407  0.0438  78  TRP A CZ3 
608 C CH2 . TRP A 99  ? 0.3302 0.2390 0.3517 -0.0007 0.0493  0.0448  78  TRP A CH2 
609 N N   . GLU A 100 ? 0.4210 0.2862 0.3374 0.0155  0.0319  0.0571  79  GLU A N   
610 C CA  . GLU A 100 ? 0.4636 0.3162 0.3781 0.0157  0.0414  0.0653  79  GLU A CA  
611 C C   . GLU A 100 ? 0.5153 0.3461 0.3940 0.0207  0.0409  0.0718  79  GLU A C   
612 O O   . GLU A 100 ? 0.5537 0.3680 0.4158 0.0220  0.0545  0.0790  79  GLU A O   
613 C CB  . GLU A 100 ? 0.4451 0.3040 0.3832 0.0135  0.0367  0.0648  79  GLU A CB  
614 N N   . ALA A 101 ? 0.5327 0.3610 0.3983 0.0237  0.0254  0.0695  80  ALA A N   
615 C CA  . ALA A 101 ? 0.5808 0.3852 0.4095 0.0288  0.0203  0.0752  80  ALA A CA  
616 C C   . ALA A 101 ? 0.6102 0.3990 0.4045 0.0314  0.0256  0.0752  80  ALA A C   
617 O O   . ALA A 101 ? 0.6546 0.4170 0.4114 0.0357  0.0256  0.0810  80  ALA A O   
618 C CB  . ALA A 101 ? 0.5815 0.3873 0.4125 0.0313  -0.0007 0.0726  80  ALA A CB  
619 N N   . LYS A 102 ? 0.5923 0.3944 0.3960 0.0294  0.0295  0.0684  81  LYS A N   
620 C CA  . LYS A 102 ? 0.6205 0.4078 0.3950 0.0315  0.0378  0.0680  81  LYS A CA  
621 C C   . LYS A 102 ? 0.6308 0.4154 0.4128 0.0295  0.0625  0.0726  81  LYS A C   
622 O O   . LYS A 102 ? 0.6474 0.4219 0.4127 0.0305  0.0752  0.0720  81  LYS A O   
623 C CB  . LYS A 102 ? 0.5995 0.4019 0.3825 0.0307  0.0288  0.0584  81  LYS A CB  
624 C CG  . LYS A 102 ? 0.6118 0.4154 0.3919 0.0331  0.0057  0.0542  81  LYS A CG  
625 C CD  . LYS A 102 ? 0.6245 0.4450 0.4204 0.0317  -0.0016 0.0453  81  LYS A CD  
626 C CE  . LYS A 102 ? 0.6340 0.4540 0.4309 0.0343  -0.0235 0.0414  81  LYS A CE  
627 N NZ  . LYS A 102 ? 0.6872 0.4800 0.4433 0.0392  -0.0332 0.0419  81  LYS A NZ  
628 N N   . ASN A 103 ? 0.6111 0.4040 0.4210 0.0264  0.0691  0.0769  82  ASN A N   
629 C CA  . ASN A 103 ? 0.6122 0.4046 0.4408 0.0238  0.0907  0.0817  82  ASN A CA  
630 C C   . ASN A 103 ? 0.5918 0.4026 0.4481 0.0202  0.0972  0.0756  82  ASN A C   
631 O O   . ASN A 103 ? 0.6150 0.4188 0.4755 0.0199  0.1167  0.0788  82  ASN A O   
632 C CB  . ASN A 103 ? 0.6634 0.4240 0.4539 0.0281  0.1088  0.0906  82  ASN A CB  
633 N N   . ARG A 104 ? 0.5533 0.3856 0.4285 0.0179  0.0816  0.0671  83  ARG A N   
634 C CA  . ARG A 104 ? 0.5259 0.3761 0.4298 0.0144  0.0844  0.0616  83  ARG A CA  
635 C C   . ARG A 104 ? 0.5454 0.3882 0.4354 0.0159  0.0964  0.0603  83  ARG A C   
636 O O   . ARG A 104 ? 0.5566 0.3951 0.4213 0.0187  0.0889  0.0559  83  ARG A O   
637 C CB  . ARG A 104 ? 0.5036 0.3631 0.4468 0.0101  0.0916  0.0642  83  ARG A CB  
648 O O   . HOH L .   ? 0.1735 0.1419 0.2172 0.0141  0.0406  -0.0269 97  HOH A O   
649 O O   . HOH L .   ? 0.2880 0.2271 0.3602 0.0111  -0.0175 0.0388  98  HOH A O   
650 O O   . HOH L .   ? 0.2162 0.2049 0.3237 0.0148  0.0195  -0.0050 99  HOH A O   
651 O O   . HOH L .   ? 0.2300 0.1713 0.2120 0.0081  0.0544  0.0118  100 HOH A O   
652 O O   . HOH L .   ? 0.2401 0.1586 0.3143 -0.0123 -0.0222 0.0154  101 HOH A O   
653 O O   . HOH L .   ? 0.0906 0.0773 0.1784 0.0120  0.0325  -0.0238 102 HOH A O   
654 O O   . HOH L .   ? 0.3443 0.2538 0.4190 0.0129  -0.0494 0.0548  103 HOH A O   
655 O O   . HOH L .   ? 0.1811 0.1708 0.2805 0.0082  0.0091  0.0082  104 HOH A O   
656 O O   . HOH L .   ? 0.2041 0.1764 0.2637 0.0180  -0.0143 -0.0367 105 HOH A O   
657 O O   . HOH L .   ? 0.3624 0.2854 0.4901 0.0374  -0.1145 -0.0043 106 HOH A O   
658 O O   . HOH L .   ? 0.3083 0.3125 0.4751 0.0059  0.0248  -0.0013 107 HOH A O   
659 O O   . HOH L .   ? 0.3183 0.2587 0.4371 0.0278  0.0406  0.0022  108 HOH A O   
660 O O   . HOH L .   ? 0.2798 0.2111 0.3410 0.0215  0.0775  0.0191  109 HOH A O   
661 O O   . HOH L .   ? 0.2970 0.2950 0.4393 0.0046  0.0049  0.0083  110 HOH A O   
662 O O   . HOH L .   ? 0.3750 0.2775 0.3897 -0.0073 -0.0765 0.0074  111 HOH A O   
663 O O   . HOH L .   ? 0.2565 0.2231 0.3431 -0.0059 0.0102  0.0170  112 HOH A O   
664 O O   . HOH L .   ? 0.2738 0.2619 0.4123 -0.0016 -0.0091 0.0140  113 HOH A O   
665 O O   . HOH L .   ? 0.3398 0.3165 0.3845 0.0168  -0.0056 -0.0106 114 HOH A O   
666 O O   . HOH L .   ? 0.4188 0.2681 0.3030 0.0125  0.0121  -0.0086 115 HOH A O   
667 O O   . HOH L .   ? 0.2671 0.2631 0.3816 0.0103  0.0164  -0.0010 116 HOH A O   
668 O O   . HOH L .   ? 0.3649 0.2461 0.3095 0.0206  0.0514  -0.0015 117 HOH A O   
669 O O   . HOH L .   ? 0.3674 0.3169 0.4988 0.0002  -0.0720 0.0303  118 HOH A O   
670 O O   . HOH L .   ? 0.3689 0.3584 0.4843 0.0018  -0.0046 0.0116  119 HOH A O   
671 O O   . HOH L .   ? 0.3929 0.2599 0.2855 0.0188  0.0409  0.0182  120 HOH A O   
672 O O   . HOH L .   ? 0.4045 0.3994 0.6143 -0.0045 0.0192  0.0155  121 HOH A O   
673 O O   . HOH L .   ? 0.4026 0.3918 0.5640 0.0045  0.0648  -0.0012 122 HOH A O   
674 O O   . HOH L .   ? 0.3704 0.3099 0.4232 0.0212  0.0610  0.0086  123 HOH A O   
675 O O   . HOH L .   ? 0.2981 0.2465 0.3822 0.0227  0.0524  0.0041  124 HOH A O   
676 O O   . HOH L .   ? 0.6196 0.4903 0.5773 0.0261  0.0864  0.0046  125 HOH A O   
677 O O   . HOH L .   ? 0.4089 0.3180 0.3946 0.0174  0.0403  0.0319  126 HOH A O   
678 O O   . HOH L .   ? 0.5372 0.4210 0.5417 0.0145  0.0085  0.0105  127 HOH A O   
679 O O   . HOH L .   ? 0.3043 0.2290 0.3907 0.0273  0.0721  0.0041  128 HOH A O   
680 O O   . HOH L .   ? 0.3811 0.3701 0.5924 -0.0047 0.0470  0.0169  129 HOH A O   
681 O O   . HOH L .   ? 0.4031 0.2124 0.2174 0.0114  -0.0408 0.0074  130 HOH A O   
682 O O   . HOH L .   ? 0.3696 0.2901 0.3230 0.0171  0.0729  -0.0120 131 HOH A O   
683 O O   . HOH L .   ? 0.3920 0.3994 0.5851 0.0081  0.0278  -0.0057 132 HOH A O   
684 O O   . HOH L .   ? 0.4197 0.3137 0.4253 0.0212  0.0298  0.0011  133 HOH A O   
685 O O   . HOH L .   ? 0.4375 0.3746 0.6499 0.0362  -0.0030 0.0072  134 HOH A O   
686 O O   . HOH L .   ? 0.3364 0.2802 0.5370 0.0352  -0.0286 0.0057  135 HOH A O   
687 O O   . HOH L .   ? 0.5495 0.4836 0.7275 0.0331  0.0405  0.0034  136 HOH A O   
688 O O   . HOH L .   ? 0.2529 0.1726 0.1709 0.0152  0.0384  0.0067  137 HOH A O   
689 O O   . HOH L .   ? 0.5715 0.4418 0.4096 0.0244  0.0369  0.0060  138 HOH A O   
690 O O   . HOH L .   ? 0.4436 0.4084 0.6125 -0.0113 -0.0429 0.0184  139 HOH A O   
691 O O   . HOH L .   ? 0.4781 0.4197 0.6569 0.0307  0.0645  0.0033  140 HOH A O   
692 O O   . HOH L .   ? 0.5262 0.4199 0.5253 0.0114  0.0024  0.0205  141 HOH A O   
693 O O   . HOH L .   ? 0.3218 0.2173 0.2785 0.0060  -0.0009 0.0017  142 HOH A O   
694 O O   . HOH L .   ? 0.3587 0.3522 0.5544 0.0047  -0.0156 0.0209  143 HOH A O   
695 O O   . HOH L .   ? 0.2097 0.2176 0.4110 0.0097  0.0282  -0.0099 144 HOH A O   
696 O O   . HOH L .   ? 0.4880 0.3778 0.5444 0.0270  0.0335  0.0035  145 HOH A O   
697 O O   . HOH L .   ? 0.4989 0.3885 0.4987 0.0139  -0.0003 0.0323  146 HOH A O   
# 
